data_3ULL
# 
_entry.id   3ULL 
# 
_audit_conform.dict_name       mmcif_pdbx.dic 
_audit_conform.dict_version    5.387 
_audit_conform.dict_location   http://mmcif.pdb.org/dictionaries/ascii/mmcif_pdbx.dic 
# 
loop_
_database_2.database_id 
_database_2.database_code 
_database_2.pdbx_database_accession 
_database_2.pdbx_DOI 
PDB   3ULL         pdb_00003ull 10.2210/pdb3ull/pdb 
WWPDB D_1000179181 ?            ?                   
# 
loop_
_pdbx_audit_revision_history.ordinal 
_pdbx_audit_revision_history.data_content_type 
_pdbx_audit_revision_history.major_revision 
_pdbx_audit_revision_history.minor_revision 
_pdbx_audit_revision_history.revision_date 
1 'Structure model' 1 0 1997-10-15 
2 'Structure model' 1 1 2008-03-25 
3 'Structure model' 1 2 2011-07-13 
4 'Structure model' 1 3 2024-02-28 
# 
_pdbx_audit_revision_details.ordinal             1 
_pdbx_audit_revision_details.revision_ordinal    1 
_pdbx_audit_revision_details.data_content_type   'Structure model' 
_pdbx_audit_revision_details.provider            repository 
_pdbx_audit_revision_details.type                'Initial release' 
_pdbx_audit_revision_details.description         ? 
_pdbx_audit_revision_details.details             ? 
# 
loop_
_pdbx_audit_revision_group.ordinal 
_pdbx_audit_revision_group.revision_ordinal 
_pdbx_audit_revision_group.data_content_type 
_pdbx_audit_revision_group.group 
1 2 'Structure model' 'Version format compliance' 
2 3 'Structure model' 'Version format compliance' 
3 4 'Structure model' 'Data collection'           
4 4 'Structure model' 'Database references'       
5 4 'Structure model' 'Refinement description'    
6 4 'Structure model' 'Structure summary'         
# 
loop_
_pdbx_audit_revision_category.ordinal 
_pdbx_audit_revision_category.revision_ordinal 
_pdbx_audit_revision_category.data_content_type 
_pdbx_audit_revision_category.category 
1 4 'Structure model' chem_comp_atom  
2 4 'Structure model' chem_comp_bond  
3 4 'Structure model' database_2      
4 4 'Structure model' software        
5 4 'Structure model' struct_keywords 
# 
loop_
_pdbx_audit_revision_item.ordinal 
_pdbx_audit_revision_item.revision_ordinal 
_pdbx_audit_revision_item.data_content_type 
_pdbx_audit_revision_item.item 
1 4 'Structure model' '_database_2.pdbx_DOI'                
2 4 'Structure model' '_database_2.pdbx_database_accession' 
3 4 'Structure model' '_software.name'                      
4 4 'Structure model' '_struct_keywords.text'               
# 
_pdbx_database_status.status_code                     REL 
_pdbx_database_status.entry_id                        3ULL 
_pdbx_database_status.recvd_initial_deposition_date   1996-12-11 
_pdbx_database_status.deposit_site                    ? 
_pdbx_database_status.process_site                    BNL 
_pdbx_database_status.SG_entry                        . 
_pdbx_database_status.pdb_format_compatible           Y 
_pdbx_database_status.status_code_mr                  ? 
_pdbx_database_status.status_code_sf                  ? 
_pdbx_database_status.status_code_cs                  ? 
_pdbx_database_status.status_code_nmr_data            ? 
_pdbx_database_status.methods_development_category    ? 
# 
loop_
_audit_author.name 
_audit_author.pdbx_ordinal 
'Yang, C.'    1 
'Curth, U.'   2 
'Urbanke, C.' 3 
'Kang, C.'    4 
# 
_citation.id                        primary 
_citation.title                     
'Crystal structure of human mitochondrial single-stranded DNA binding protein at 2.4 A resolution.' 
_citation.journal_abbrev            Nat.Struct.Biol. 
_citation.journal_volume            4 
_citation.page_first                153 
_citation.page_last                 157 
_citation.year                      1997 
_citation.journal_id_ASTM           NSBIEW 
_citation.country                   US 
_citation.journal_id_ISSN           1072-8368 
_citation.journal_id_CSD            2024 
_citation.book_publisher            ? 
_citation.pdbx_database_id_PubMed   9033597 
_citation.pdbx_database_id_DOI      10.1038/nsb0297-153 
# 
loop_
_citation_author.citation_id 
_citation_author.name 
_citation_author.ordinal 
_citation_author.identifier_ORCID 
primary 'Yang, C.'    1 ? 
primary 'Curth, U.'   2 ? 
primary 'Urbanke, C.' 3 ? 
primary 'Kang, C.'    4 ? 
# 
loop_
_entity.id 
_entity.type 
_entity.src_method 
_entity.pdbx_description 
_entity.formula_weight 
_entity.pdbx_number_of_molecules 
_entity.pdbx_ec 
_entity.pdbx_mutation 
_entity.pdbx_fragment 
_entity.details 
1 polymer nat 'DNA BINDING PROTEIN' 15216.124 2  ? ? ? ? 
2 water   nat water                 18.015    38 ? ? ? ? 
# 
_entity_poly.entity_id                      1 
_entity_poly.type                           'polypeptide(L)' 
_entity_poly.nstd_linkage                   no 
_entity_poly.nstd_monomer                   no 
_entity_poly.pdbx_seq_one_letter_code       
;ESETTTSLVLERSLNRVHLLGRVGQDPVLRQVEGKNPVTIFSLATNEMWRSGDSEVYQLGDVSQKTTWHRISVFRPGLRD
VAYQYVKKGSRIYLEGKIDYGEYMDKNNVRRQATTIIADNIIFLSDQTKEKE
;
_entity_poly.pdbx_seq_one_letter_code_can   
;ESETTTSLVLERSLNRVHLLGRVGQDPVLRQVEGKNPVTIFSLATNEMWRSGDSEVYQLGDVSQKTTWHRISVFRPGLRD
VAYQYVKKGSRIYLEGKIDYGEYMDKNNVRRQATTIIADNIIFLSDQTKEKE
;
_entity_poly.pdbx_strand_id                 A,B 
_entity_poly.pdbx_target_identifier         ? 
# 
_pdbx_entity_nonpoly.entity_id   2 
_pdbx_entity_nonpoly.name        water 
_pdbx_entity_nonpoly.comp_id     HOH 
# 
loop_
_entity_poly_seq.entity_id 
_entity_poly_seq.num 
_entity_poly_seq.mon_id 
_entity_poly_seq.hetero 
1 1   GLU n 
1 2   SER n 
1 3   GLU n 
1 4   THR n 
1 5   THR n 
1 6   THR n 
1 7   SER n 
1 8   LEU n 
1 9   VAL n 
1 10  LEU n 
1 11  GLU n 
1 12  ARG n 
1 13  SER n 
1 14  LEU n 
1 15  ASN n 
1 16  ARG n 
1 17  VAL n 
1 18  HIS n 
1 19  LEU n 
1 20  LEU n 
1 21  GLY n 
1 22  ARG n 
1 23  VAL n 
1 24  GLY n 
1 25  GLN n 
1 26  ASP n 
1 27  PRO n 
1 28  VAL n 
1 29  LEU n 
1 30  ARG n 
1 31  GLN n 
1 32  VAL n 
1 33  GLU n 
1 34  GLY n 
1 35  LYS n 
1 36  ASN n 
1 37  PRO n 
1 38  VAL n 
1 39  THR n 
1 40  ILE n 
1 41  PHE n 
1 42  SER n 
1 43  LEU n 
1 44  ALA n 
1 45  THR n 
1 46  ASN n 
1 47  GLU n 
1 48  MET n 
1 49  TRP n 
1 50  ARG n 
1 51  SER n 
1 52  GLY n 
1 53  ASP n 
1 54  SER n 
1 55  GLU n 
1 56  VAL n 
1 57  TYR n 
1 58  GLN n 
1 59  LEU n 
1 60  GLY n 
1 61  ASP n 
1 62  VAL n 
1 63  SER n 
1 64  GLN n 
1 65  LYS n 
1 66  THR n 
1 67  THR n 
1 68  TRP n 
1 69  HIS n 
1 70  ARG n 
1 71  ILE n 
1 72  SER n 
1 73  VAL n 
1 74  PHE n 
1 75  ARG n 
1 76  PRO n 
1 77  GLY n 
1 78  LEU n 
1 79  ARG n 
1 80  ASP n 
1 81  VAL n 
1 82  ALA n 
1 83  TYR n 
1 84  GLN n 
1 85  TYR n 
1 86  VAL n 
1 87  LYS n 
1 88  LYS n 
1 89  GLY n 
1 90  SER n 
1 91  ARG n 
1 92  ILE n 
1 93  TYR n 
1 94  LEU n 
1 95  GLU n 
1 96  GLY n 
1 97  LYS n 
1 98  ILE n 
1 99  ASP n 
1 100 TYR n 
1 101 GLY n 
1 102 GLU n 
1 103 TYR n 
1 104 MET n 
1 105 ASP n 
1 106 LYS n 
1 107 ASN n 
1 108 ASN n 
1 109 VAL n 
1 110 ARG n 
1 111 ARG n 
1 112 GLN n 
1 113 ALA n 
1 114 THR n 
1 115 THR n 
1 116 ILE n 
1 117 ILE n 
1 118 ALA n 
1 119 ASP n 
1 120 ASN n 
1 121 ILE n 
1 122 ILE n 
1 123 PHE n 
1 124 LEU n 
1 125 SER n 
1 126 ASP n 
1 127 GLN n 
1 128 THR n 
1 129 LYS n 
1 130 GLU n 
1 131 LYS n 
1 132 GLU n 
# 
_entity_src_nat.entity_id                  1 
_entity_src_nat.pdbx_src_id                1 
_entity_src_nat.pdbx_alt_source_flag       sample 
_entity_src_nat.pdbx_beg_seq_num           ? 
_entity_src_nat.pdbx_end_seq_num           ? 
_entity_src_nat.common_name                human 
_entity_src_nat.pdbx_organism_scientific   'Homo sapiens' 
_entity_src_nat.pdbx_ncbi_taxonomy_id      9606 
_entity_src_nat.genus                      Homo 
_entity_src_nat.species                    ? 
_entity_src_nat.strain                     ? 
_entity_src_nat.tissue                     ? 
_entity_src_nat.tissue_fraction            ? 
_entity_src_nat.pdbx_secretion             ? 
_entity_src_nat.pdbx_fragment              ? 
_entity_src_nat.pdbx_variant               ? 
_entity_src_nat.pdbx_cell_line             ? 
_entity_src_nat.pdbx_atcc                  ? 
_entity_src_nat.pdbx_cellular_location     ? 
_entity_src_nat.pdbx_organ                 ? 
_entity_src_nat.pdbx_organelle             MITOCHONDRIA 
_entity_src_nat.pdbx_cell                  ? 
_entity_src_nat.pdbx_plasmid_name          ? 
_entity_src_nat.pdbx_plasmid_details       ? 
_entity_src_nat.details                    ? 
# 
loop_
_chem_comp.id 
_chem_comp.type 
_chem_comp.mon_nstd_flag 
_chem_comp.name 
_chem_comp.pdbx_synonyms 
_chem_comp.formula 
_chem_comp.formula_weight 
ALA 'L-peptide linking' y ALANINE         ? 'C3 H7 N O2'     89.093  
ARG 'L-peptide linking' y ARGININE        ? 'C6 H15 N4 O2 1' 175.209 
ASN 'L-peptide linking' y ASPARAGINE      ? 'C4 H8 N2 O3'    132.118 
ASP 'L-peptide linking' y 'ASPARTIC ACID' ? 'C4 H7 N O4'     133.103 
GLN 'L-peptide linking' y GLUTAMINE       ? 'C5 H10 N2 O3'   146.144 
GLU 'L-peptide linking' y 'GLUTAMIC ACID' ? 'C5 H9 N O4'     147.129 
GLY 'peptide linking'   y GLYCINE         ? 'C2 H5 N O2'     75.067  
HIS 'L-peptide linking' y HISTIDINE       ? 'C6 H10 N3 O2 1' 156.162 
HOH non-polymer         . WATER           ? 'H2 O'           18.015  
ILE 'L-peptide linking' y ISOLEUCINE      ? 'C6 H13 N O2'    131.173 
LEU 'L-peptide linking' y LEUCINE         ? 'C6 H13 N O2'    131.173 
LYS 'L-peptide linking' y LYSINE          ? 'C6 H15 N2 O2 1' 147.195 
MET 'L-peptide linking' y METHIONINE      ? 'C5 H11 N O2 S'  149.211 
PHE 'L-peptide linking' y PHENYLALANINE   ? 'C9 H11 N O2'    165.189 
PRO 'L-peptide linking' y PROLINE         ? 'C5 H9 N O2'     115.130 
SER 'L-peptide linking' y SERINE          ? 'C3 H7 N O3'     105.093 
THR 'L-peptide linking' y THREONINE       ? 'C4 H9 N O3'     119.119 
TRP 'L-peptide linking' y TRYPTOPHAN      ? 'C11 H12 N2 O2'  204.225 
TYR 'L-peptide linking' y TYROSINE        ? 'C9 H11 N O3'    181.189 
VAL 'L-peptide linking' y VALINE          ? 'C5 H11 N O2'    117.146 
# 
loop_
_pdbx_poly_seq_scheme.asym_id 
_pdbx_poly_seq_scheme.entity_id 
_pdbx_poly_seq_scheme.seq_id 
_pdbx_poly_seq_scheme.mon_id 
_pdbx_poly_seq_scheme.ndb_seq_num 
_pdbx_poly_seq_scheme.pdb_seq_num 
_pdbx_poly_seq_scheme.auth_seq_num 
_pdbx_poly_seq_scheme.pdb_mon_id 
_pdbx_poly_seq_scheme.auth_mon_id 
_pdbx_poly_seq_scheme.pdb_strand_id 
_pdbx_poly_seq_scheme.pdb_ins_code 
_pdbx_poly_seq_scheme.hetero 
A 1 1   GLU 1   1   ?   ?   ?   A . n 
A 1 2   SER 2   2   ?   ?   ?   A . n 
A 1 3   GLU 3   3   ?   ?   ?   A . n 
A 1 4   THR 4   4   ?   ?   ?   A . n 
A 1 5   THR 5   5   ?   ?   ?   A . n 
A 1 6   THR 6   6   ?   ?   ?   A . n 
A 1 7   SER 7   7   ?   ?   ?   A . n 
A 1 8   LEU 8   8   ?   ?   ?   A . n 
A 1 9   VAL 9   9   ?   ?   ?   A . n 
A 1 10  LEU 10  10  10  LEU LEU A . n 
A 1 11  GLU 11  11  11  GLU GLU A . n 
A 1 12  ARG 12  12  12  ARG ARG A . n 
A 1 13  SER 13  13  13  SER SER A . n 
A 1 14  LEU 14  14  14  LEU LEU A . n 
A 1 15  ASN 15  15  15  ASN ASN A . n 
A 1 16  ARG 16  16  16  ARG ARG A . n 
A 1 17  VAL 17  17  17  VAL VAL A . n 
A 1 18  HIS 18  18  18  HIS HIS A . n 
A 1 19  LEU 19  19  19  LEU LEU A . n 
A 1 20  LEU 20  20  20  LEU LEU A . n 
A 1 21  GLY 21  21  21  GLY GLY A . n 
A 1 22  ARG 22  22  22  ARG ARG A . n 
A 1 23  VAL 23  23  23  VAL VAL A . n 
A 1 24  GLY 24  24  24  GLY GLY A . n 
A 1 25  GLN 25  25  25  GLN GLN A . n 
A 1 26  ASP 26  26  26  ASP ASP A . n 
A 1 27  PRO 27  27  27  PRO PRO A . n 
A 1 28  VAL 28  28  28  VAL VAL A . n 
A 1 29  LEU 29  29  29  LEU LEU A . n 
A 1 30  ARG 30  30  30  ARG ARG A . n 
A 1 31  GLN 31  31  31  GLN GLN A . n 
A 1 32  VAL 32  32  32  VAL VAL A . n 
A 1 33  GLU 33  33  33  GLU GLU A . n 
A 1 34  GLY 34  34  34  GLY GLY A . n 
A 1 35  LYS 35  35  35  LYS LYS A . n 
A 1 36  ASN 36  36  36  ASN ASN A . n 
A 1 37  PRO 37  37  37  PRO PRO A . n 
A 1 38  VAL 38  38  38  VAL VAL A . n 
A 1 39  THR 39  39  39  THR THR A . n 
A 1 40  ILE 40  40  40  ILE ILE A . n 
A 1 41  PHE 41  41  41  PHE PHE A . n 
A 1 42  SER 42  42  42  SER SER A . n 
A 1 43  LEU 43  43  43  LEU LEU A . n 
A 1 44  ALA 44  44  44  ALA ALA A . n 
A 1 45  THR 45  45  45  THR THR A . n 
A 1 46  ASN 46  46  46  ASN ASN A . n 
A 1 47  GLU 47  47  47  GLU GLU A . n 
A 1 48  MET 48  48  48  MET MET A . n 
A 1 49  TRP 49  49  49  TRP TRP A . n 
A 1 50  ARG 50  50  50  ARG ARG A . n 
A 1 51  SER 51  51  51  SER SER A . n 
A 1 52  GLY 52  52  ?   ?   ?   A . n 
A 1 53  ASP 53  53  ?   ?   ?   A . n 
A 1 54  SER 54  54  ?   ?   ?   A . n 
A 1 55  GLU 55  55  ?   ?   ?   A . n 
A 1 56  VAL 56  56  ?   ?   ?   A . n 
A 1 57  TYR 57  57  ?   ?   ?   A . n 
A 1 58  GLN 58  58  ?   ?   ?   A . n 
A 1 59  LEU 59  59  ?   ?   ?   A . n 
A 1 60  GLY 60  60  ?   ?   ?   A . n 
A 1 61  ASP 61  61  61  ASP ASP A . n 
A 1 62  VAL 62  62  62  VAL VAL A . n 
A 1 63  SER 63  63  63  SER SER A . n 
A 1 64  GLN 64  64  64  GLN GLN A . n 
A 1 65  LYS 65  65  65  LYS LYS A . n 
A 1 66  THR 66  66  66  THR THR A . n 
A 1 67  THR 67  67  67  THR THR A . n 
A 1 68  TRP 68  68  68  TRP TRP A . n 
A 1 69  HIS 69  69  69  HIS HIS A . n 
A 1 70  ARG 70  70  70  ARG ARG A . n 
A 1 71  ILE 71  71  71  ILE ILE A . n 
A 1 72  SER 72  72  72  SER SER A . n 
A 1 73  VAL 73  73  73  VAL VAL A . n 
A 1 74  PHE 74  74  74  PHE PHE A . n 
A 1 75  ARG 75  75  75  ARG ARG A . n 
A 1 76  PRO 76  76  76  PRO PRO A . n 
A 1 77  GLY 77  77  77  GLY GLY A . n 
A 1 78  LEU 78  78  78  LEU LEU A . n 
A 1 79  ARG 79  79  79  ARG ARG A . n 
A 1 80  ASP 80  80  80  ASP ASP A . n 
A 1 81  VAL 81  81  81  VAL VAL A . n 
A 1 82  ALA 82  82  82  ALA ALA A . n 
A 1 83  TYR 83  83  83  TYR TYR A . n 
A 1 84  GLN 84  84  84  GLN GLN A . n 
A 1 85  TYR 85  85  85  TYR TYR A . n 
A 1 86  VAL 86  86  86  VAL VAL A . n 
A 1 87  LYS 87  87  87  LYS LYS A . n 
A 1 88  LYS 88  88  88  LYS LYS A . n 
A 1 89  GLY 89  89  89  GLY GLY A . n 
A 1 90  SER 90  90  90  SER SER A . n 
A 1 91  ARG 91  91  91  ARG ARG A . n 
A 1 92  ILE 92  92  92  ILE ILE A . n 
A 1 93  TYR 93  93  93  TYR TYR A . n 
A 1 94  LEU 94  94  94  LEU LEU A . n 
A 1 95  GLU 95  95  95  GLU GLU A . n 
A 1 96  GLY 96  96  96  GLY GLY A . n 
A 1 97  LYS 97  97  97  LYS LYS A . n 
A 1 98  ILE 98  98  98  ILE ILE A . n 
A 1 99  ASP 99  99  99  ASP ASP A . n 
A 1 100 TYR 100 100 100 TYR TYR A . n 
A 1 101 GLY 101 101 101 GLY GLY A . n 
A 1 102 GLU 102 102 102 GLU GLU A . n 
A 1 103 TYR 103 103 103 TYR TYR A . n 
A 1 104 MET 104 104 104 MET MET A . n 
A 1 105 ASP 105 105 105 ASP ASP A . n 
A 1 106 LYS 106 106 106 LYS LYS A . n 
A 1 107 ASN 107 107 107 ASN ASN A . n 
A 1 108 ASN 108 108 108 ASN ASN A . n 
A 1 109 VAL 109 109 109 VAL VAL A . n 
A 1 110 ARG 110 110 110 ARG ARG A . n 
A 1 111 ARG 111 111 111 ARG ARG A . n 
A 1 112 GLN 112 112 112 GLN GLN A . n 
A 1 113 ALA 113 113 113 ALA ALA A . n 
A 1 114 THR 114 114 114 THR THR A . n 
A 1 115 THR 115 115 115 THR THR A . n 
A 1 116 ILE 116 116 116 ILE ILE A . n 
A 1 117 ILE 117 117 117 ILE ILE A . n 
A 1 118 ALA 118 118 118 ALA ALA A . n 
A 1 119 ASP 119 119 119 ASP ASP A . n 
A 1 120 ASN 120 120 120 ASN ASN A . n 
A 1 121 ILE 121 121 121 ILE ILE A . n 
A 1 122 ILE 122 122 122 ILE ILE A . n 
A 1 123 PHE 123 123 123 PHE PHE A . n 
A 1 124 LEU 124 124 124 LEU LEU A . n 
A 1 125 SER 125 125 ?   ?   ?   A . n 
A 1 126 ASP 126 126 ?   ?   ?   A . n 
A 1 127 GLN 127 127 ?   ?   ?   A . n 
A 1 128 THR 128 128 ?   ?   ?   A . n 
A 1 129 LYS 129 129 ?   ?   ?   A . n 
A 1 130 GLU 130 130 ?   ?   ?   A . n 
A 1 131 LYS 131 131 ?   ?   ?   A . n 
A 1 132 GLU 132 132 ?   ?   ?   A . n 
B 1 1   GLU 1   1   ?   ?   ?   B . n 
B 1 2   SER 2   2   ?   ?   ?   B . n 
B 1 3   GLU 3   3   ?   ?   ?   B . n 
B 1 4   THR 4   4   ?   ?   ?   B . n 
B 1 5   THR 5   5   ?   ?   ?   B . n 
B 1 6   THR 6   6   ?   ?   ?   B . n 
B 1 7   SER 7   7   ?   ?   ?   B . n 
B 1 8   LEU 8   8   ?   ?   ?   B . n 
B 1 9   VAL 9   9   ?   ?   ?   B . n 
B 1 10  LEU 10  10  10  LEU LEU B . n 
B 1 11  GLU 11  11  11  GLU GLU B . n 
B 1 12  ARG 12  12  12  ARG ARG B . n 
B 1 13  SER 13  13  13  SER SER B . n 
B 1 14  LEU 14  14  14  LEU LEU B . n 
B 1 15  ASN 15  15  15  ASN ASN B . n 
B 1 16  ARG 16  16  16  ARG ARG B . n 
B 1 17  VAL 17  17  17  VAL VAL B . n 
B 1 18  HIS 18  18  18  HIS HIS B . n 
B 1 19  LEU 19  19  19  LEU LEU B . n 
B 1 20  LEU 20  20  20  LEU LEU B . n 
B 1 21  GLY 21  21  21  GLY GLY B . n 
B 1 22  ARG 22  22  22  ARG ARG B . n 
B 1 23  VAL 23  23  23  VAL VAL B . n 
B 1 24  GLY 24  24  24  GLY GLY B . n 
B 1 25  GLN 25  25  25  GLN GLN B . n 
B 1 26  ASP 26  26  26  ASP ASP B . n 
B 1 27  PRO 27  27  27  PRO PRO B . n 
B 1 28  VAL 28  28  28  VAL VAL B . n 
B 1 29  LEU 29  29  29  LEU LEU B . n 
B 1 30  ARG 30  30  30  ARG ARG B . n 
B 1 31  GLN 31  31  31  GLN GLN B . n 
B 1 32  VAL 32  32  32  VAL VAL B . n 
B 1 33  GLU 33  33  33  GLU GLU B . n 
B 1 34  GLY 34  34  34  GLY GLY B . n 
B 1 35  LYS 35  35  35  LYS LYS B . n 
B 1 36  ASN 36  36  36  ASN ASN B . n 
B 1 37  PRO 37  37  37  PRO PRO B . n 
B 1 38  VAL 38  38  38  VAL VAL B . n 
B 1 39  THR 39  39  39  THR THR B . n 
B 1 40  ILE 40  40  40  ILE ILE B . n 
B 1 41  PHE 41  41  41  PHE PHE B . n 
B 1 42  SER 42  42  42  SER SER B . n 
B 1 43  LEU 43  43  43  LEU LEU B . n 
B 1 44  ALA 44  44  44  ALA ALA B . n 
B 1 45  THR 45  45  45  THR THR B . n 
B 1 46  ASN 46  46  46  ASN ASN B . n 
B 1 47  GLU 47  47  47  GLU GLU B . n 
B 1 48  MET 48  48  48  MET MET B . n 
B 1 49  TRP 49  49  49  TRP TRP B . n 
B 1 50  ARG 50  50  50  ARG ARG B . n 
B 1 51  SER 51  51  51  SER SER B . n 
B 1 52  GLY 52  52  ?   ?   ?   B . n 
B 1 53  ASP 53  53  ?   ?   ?   B . n 
B 1 54  SER 54  54  ?   ?   ?   B . n 
B 1 55  GLU 55  55  ?   ?   ?   B . n 
B 1 56  VAL 56  56  ?   ?   ?   B . n 
B 1 57  TYR 57  57  ?   ?   ?   B . n 
B 1 58  GLN 58  58  ?   ?   ?   B . n 
B 1 59  LEU 59  59  ?   ?   ?   B . n 
B 1 60  GLY 60  60  ?   ?   ?   B . n 
B 1 61  ASP 61  61  ?   ?   ?   B . n 
B 1 62  VAL 62  62  ?   ?   ?   B . n 
B 1 63  SER 63  63  ?   ?   ?   B . n 
B 1 64  GLN 64  64  ?   ?   ?   B . n 
B 1 65  LYS 65  65  65  LYS LYS B . n 
B 1 66  THR 66  66  66  THR THR B . n 
B 1 67  THR 67  67  67  THR THR B . n 
B 1 68  TRP 68  68  68  TRP TRP B . n 
B 1 69  HIS 69  69  69  HIS HIS B . n 
B 1 70  ARG 70  70  70  ARG ARG B . n 
B 1 71  ILE 71  71  71  ILE ILE B . n 
B 1 72  SER 72  72  72  SER SER B . n 
B 1 73  VAL 73  73  73  VAL VAL B . n 
B 1 74  PHE 74  74  74  PHE PHE B . n 
B 1 75  ARG 75  75  75  ARG ARG B . n 
B 1 76  PRO 76  76  76  PRO PRO B . n 
B 1 77  GLY 77  77  77  GLY GLY B . n 
B 1 78  LEU 78  78  78  LEU LEU B . n 
B 1 79  ARG 79  79  79  ARG ARG B . n 
B 1 80  ASP 80  80  80  ASP ASP B . n 
B 1 81  VAL 81  81  81  VAL VAL B . n 
B 1 82  ALA 82  82  82  ALA ALA B . n 
B 1 83  TYR 83  83  83  TYR TYR B . n 
B 1 84  GLN 84  84  84  GLN GLN B . n 
B 1 85  TYR 85  85  85  TYR TYR B . n 
B 1 86  VAL 86  86  86  VAL VAL B . n 
B 1 87  LYS 87  87  87  LYS LYS B . n 
B 1 88  LYS 88  88  88  LYS LYS B . n 
B 1 89  GLY 89  89  89  GLY GLY B . n 
B 1 90  SER 90  90  90  SER SER B . n 
B 1 91  ARG 91  91  91  ARG ARG B . n 
B 1 92  ILE 92  92  92  ILE ILE B . n 
B 1 93  TYR 93  93  93  TYR TYR B . n 
B 1 94  LEU 94  94  94  LEU LEU B . n 
B 1 95  GLU 95  95  95  GLU GLU B . n 
B 1 96  GLY 96  96  96  GLY GLY B . n 
B 1 97  LYS 97  97  97  LYS LYS B . n 
B 1 98  ILE 98  98  98  ILE ILE B . n 
B 1 99  ASP 99  99  99  ASP ASP B . n 
B 1 100 TYR 100 100 100 TYR TYR B . n 
B 1 101 GLY 101 101 101 GLY GLY B . n 
B 1 102 GLU 102 102 102 GLU GLU B . n 
B 1 103 TYR 103 103 103 TYR TYR B . n 
B 1 104 MET 104 104 104 MET MET B . n 
B 1 105 ASP 105 105 105 ASP ASP B . n 
B 1 106 LYS 106 106 106 LYS LYS B . n 
B 1 107 ASN 107 107 107 ASN ASN B . n 
B 1 108 ASN 108 108 108 ASN ASN B . n 
B 1 109 VAL 109 109 109 VAL VAL B . n 
B 1 110 ARG 110 110 110 ARG ARG B . n 
B 1 111 ARG 111 111 111 ARG ARG B . n 
B 1 112 GLN 112 112 112 GLN GLN B . n 
B 1 113 ALA 113 113 113 ALA ALA B . n 
B 1 114 THR 114 114 114 THR THR B . n 
B 1 115 THR 115 115 115 THR THR B . n 
B 1 116 ILE 116 116 116 ILE ILE B . n 
B 1 117 ILE 117 117 117 ILE ILE B . n 
B 1 118 ALA 118 118 118 ALA ALA B . n 
B 1 119 ASP 119 119 119 ASP ASP B . n 
B 1 120 ASN 120 120 120 ASN ASN B . n 
B 1 121 ILE 121 121 121 ILE ILE B . n 
B 1 122 ILE 122 122 122 ILE ILE B . n 
B 1 123 PHE 123 123 123 PHE PHE B . n 
B 1 124 LEU 124 124 124 LEU LEU B . n 
B 1 125 SER 125 125 125 SER SER B . n 
B 1 126 ASP 126 126 ?   ?   ?   B . n 
B 1 127 GLN 127 127 ?   ?   ?   B . n 
B 1 128 THR 128 128 ?   ?   ?   B . n 
B 1 129 LYS 129 129 ?   ?   ?   B . n 
B 1 130 GLU 130 130 ?   ?   ?   B . n 
B 1 131 LYS 131 131 ?   ?   ?   B . n 
B 1 132 GLU 132 132 ?   ?   ?   B . n 
# 
loop_
_pdbx_nonpoly_scheme.asym_id 
_pdbx_nonpoly_scheme.entity_id 
_pdbx_nonpoly_scheme.mon_id 
_pdbx_nonpoly_scheme.ndb_seq_num 
_pdbx_nonpoly_scheme.pdb_seq_num 
_pdbx_nonpoly_scheme.auth_seq_num 
_pdbx_nonpoly_scheme.pdb_mon_id 
_pdbx_nonpoly_scheme.auth_mon_id 
_pdbx_nonpoly_scheme.pdb_strand_id 
_pdbx_nonpoly_scheme.pdb_ins_code 
C 2 HOH 1  133 125 HOH HOH A . 
C 2 HOH 2  134 126 HOH HOH A . 
C 2 HOH 3  135 127 HOH HOH A . 
C 2 HOH 4  136 128 HOH HOH A . 
C 2 HOH 5  137 130 HOH HOH A . 
C 2 HOH 6  138 131 HOH HOH A . 
C 2 HOH 7  139 132 HOH HOH A . 
C 2 HOH 8  140 133 HOH HOH A . 
C 2 HOH 9  141 135 HOH HOH A . 
C 2 HOH 10 142 136 HOH HOH A . 
C 2 HOH 11 143 138 HOH HOH A . 
C 2 HOH 12 144 139 HOH HOH A . 
C 2 HOH 13 145 140 HOH HOH A . 
C 2 HOH 14 146 126 HOH HOH A . 
C 2 HOH 15 147 127 HOH HOH A . 
C 2 HOH 16 148 135 HOH HOH A . 
C 2 HOH 17 149 141 HOH HOH A . 
C 2 HOH 18 150 142 HOH HOH A . 
C 2 HOH 19 151 145 HOH HOH A . 
D 2 HOH 1  133 129 HOH HOH B . 
D 2 HOH 2  134 134 HOH HOH B . 
D 2 HOH 3  135 137 HOH HOH B . 
D 2 HOH 4  136 141 HOH HOH B . 
D 2 HOH 5  137 128 HOH HOH B . 
D 2 HOH 6  138 129 HOH HOH B . 
D 2 HOH 7  139 130 HOH HOH B . 
D 2 HOH 8  140 131 HOH HOH B . 
D 2 HOH 9  141 132 HOH HOH B . 
D 2 HOH 10 142 133 HOH HOH B . 
D 2 HOH 11 143 134 HOH HOH B . 
D 2 HOH 12 144 136 HOH HOH B . 
D 2 HOH 13 145 137 HOH HOH B . 
D 2 HOH 14 146 138 HOH HOH B . 
D 2 HOH 15 147 139 HOH HOH B . 
D 2 HOH 16 148 140 HOH HOH B . 
D 2 HOH 17 149 143 HOH HOH B . 
D 2 HOH 18 150 144 HOH HOH B . 
D 2 HOH 19 151 146 HOH HOH B . 
# 
loop_
_software.name 
_software.classification 
_software.version 
_software.citation_id 
_software.pdbx_ordinal 
PHASES phasing          .   ? 1 
X-PLOR 'model building' 3.0 ? 2 
X-PLOR refinement       3.0 ? 3 
bioteX 'data reduction' .   ? 4 
bioteX 'data scaling'   .   ? 5 
X-PLOR phasing          3.0 ? 6 
# 
_cell.entry_id           3ULL 
_cell.length_a           51.830 
_cell.length_b           51.830 
_cell.length_c           184.240 
_cell.angle_alpha        90.00 
_cell.angle_beta         90.00 
_cell.angle_gamma        90.00 
_cell.Z_PDB              16 
_cell.pdbx_unique_axis   ? 
# 
_symmetry.entry_id                         3ULL 
_symmetry.space_group_name_H-M             'P 41 21 2' 
_symmetry.pdbx_full_space_group_name_H-M   ? 
_symmetry.cell_setting                     ? 
_symmetry.Int_Tables_number                92 
# 
_exptl.entry_id          3ULL 
_exptl.method            'X-RAY DIFFRACTION' 
_exptl.crystals_number   5 
# 
_exptl_crystal.id                    1 
_exptl_crystal.density_meas          ? 
_exptl_crystal.density_Matthews      2.03 
_exptl_crystal.density_percent_sol   39.48 
_exptl_crystal.description           ? 
# 
_exptl_crystal_grow.crystal_id      1 
_exptl_crystal_grow.method          ? 
_exptl_crystal_grow.temp            ? 
_exptl_crystal_grow.temp_details    ? 
_exptl_crystal_grow.pH              7.5 
_exptl_crystal_grow.pdbx_pH_range   ? 
_exptl_crystal_grow.pdbx_details    'pH 7.5' 
# 
_diffrn.id                     1 
_diffrn.ambient_temp           298 
_diffrn.ambient_temp_details   ? 
_diffrn.crystal_id             1 
# 
_diffrn_detector.diffrn_id              1 
_diffrn_detector.detector               'IMAGE PLATE' 
_diffrn_detector.type                   RIGAKU 
_diffrn_detector.pdbx_collection_date   1996-01 
_diffrn_detector.details                MIRRORS 
# 
_diffrn_radiation.diffrn_id                        1 
_diffrn_radiation.wavelength_id                    1 
_diffrn_radiation.pdbx_monochromatic_or_laue_m_l   M 
_diffrn_radiation.monochromator                    'NI FILTER' 
_diffrn_radiation.pdbx_diffrn_protocol             ? 
_diffrn_radiation.pdbx_scattering_type             x-ray 
# 
_diffrn_radiation_wavelength.id           1 
_diffrn_radiation_wavelength.wavelength   1.5418 
_diffrn_radiation_wavelength.wt           1.0 
# 
_diffrn_source.diffrn_id                   1 
_diffrn_source.source                      'ROTATING ANODE' 
_diffrn_source.type                        'RIGAKU RUH2R' 
_diffrn_source.pdbx_synchrotron_site       ? 
_diffrn_source.pdbx_synchrotron_beamline   ? 
_diffrn_source.pdbx_wavelength             1.5418 
_diffrn_source.pdbx_wavelength_list        ? 
# 
_reflns.entry_id                     3ULL 
_reflns.observed_criterion_sigma_I   2. 
_reflns.observed_criterion_sigma_F   ? 
_reflns.d_resolution_low             15.0 
_reflns.d_resolution_high            2.4 
_reflns.number_obs                   9017 
_reflns.number_all                   ? 
_reflns.percent_possible_obs         92. 
_reflns.pdbx_Rmerge_I_obs            0.0546000 
_reflns.pdbx_Rsym_value              0.0450000 
_reflns.pdbx_netI_over_sigmaI        10. 
_reflns.B_iso_Wilson_estimate        25.3 
_reflns.pdbx_redundancy              2.5 
_reflns.pdbx_diffrn_id               1 
_reflns.pdbx_ordinal                 1 
# 
_reflns_shell.d_res_high             2.4 
_reflns_shell.d_res_low              2.5 
_reflns_shell.percent_possible_all   80.8 
_reflns_shell.Rmerge_I_obs           0.0640000 
_reflns_shell.pdbx_Rsym_value        0.0800000 
_reflns_shell.meanI_over_sigI_obs    2.5 
_reflns_shell.pdbx_redundancy        2.5 
_reflns_shell.pdbx_diffrn_id         ? 
_reflns_shell.pdbx_ordinal           1 
# 
_refine.entry_id                                 3ULL 
_refine.ls_number_reflns_obs                     9017 
_refine.ls_number_reflns_all                     ? 
_refine.pdbx_ls_sigma_I                          ? 
_refine.pdbx_ls_sigma_F                          2.00 
_refine.pdbx_data_cutoff_high_absF               20000.00 
_refine.pdbx_data_cutoff_low_absF                0.001 
_refine.pdbx_data_cutoff_high_rms_absF           ? 
_refine.ls_d_res_low                             10.00 
_refine.ls_d_res_high                            2.40 
_refine.ls_percent_reflns_obs                    92.1 
_refine.ls_R_factor_obs                          0.1950000 
_refine.ls_R_factor_all                          ? 
_refine.ls_R_factor_R_work                       0.1950000 
_refine.ls_R_factor_R_free                       0.2370000 
_refine.ls_R_factor_R_free_error                 0.0025 
_refine.ls_R_factor_R_free_error_details         ? 
_refine.ls_percent_reflns_R_free                 10.0 
_refine.ls_number_reflns_R_free                  848 
_refine.ls_number_parameters                     ? 
_refine.ls_number_restraints                     ? 
_refine.occupancy_min                            ? 
_refine.occupancy_max                            ? 
_refine.B_iso_mean                               24.5 
_refine.aniso_B[1][1]                            0.0 
_refine.aniso_B[2][2]                            0.0 
_refine.aniso_B[3][3]                            0.0 
_refine.aniso_B[1][2]                            0.0 
_refine.aniso_B[1][3]                            0.0 
_refine.aniso_B[2][3]                            0.0 
_refine.solvent_model_details                    ? 
_refine.solvent_model_param_ksol                 ? 
_refine.solvent_model_param_bsol                 ? 
_refine.pdbx_ls_cross_valid_method               THROUGHOUT 
_refine.details                                  ? 
_refine.pdbx_starting_model                      ? 
_refine.pdbx_method_to_determine_struct          MIR 
_refine.pdbx_isotropic_thermal_model             0.0 
_refine.pdbx_stereochemistry_target_values       ? 
_refine.pdbx_stereochem_target_val_spec_case     ? 
_refine.pdbx_R_Free_selection_details            RANDOM 
_refine.pdbx_overall_ESU_R                       ? 
_refine.pdbx_overall_ESU_R_Free                  ? 
_refine.overall_SU_ML                            ? 
_refine.overall_SU_B                             ? 
_refine.pdbx_refine_id                           'X-RAY DIFFRACTION' 
_refine.pdbx_diffrn_id                           1 
_refine.pdbx_TLS_residual_ADP_flag               ? 
_refine.correlation_coeff_Fo_to_Fc               ? 
_refine.correlation_coeff_Fo_to_Fc_free          ? 
_refine.pdbx_solvent_vdw_probe_radii             ? 
_refine.pdbx_solvent_ion_probe_radii             ? 
_refine.pdbx_solvent_shrinkage_radii             ? 
_refine.pdbx_overall_phase_error                 ? 
_refine.overall_SU_R_Cruickshank_DPI             ? 
_refine.pdbx_overall_SU_R_free_Cruickshank_DPI   ? 
_refine.pdbx_overall_SU_R_Blow_DPI               ? 
_refine.pdbx_overall_SU_R_free_Blow_DPI          ? 
# 
_refine_analyze.entry_id                        3ULL 
_refine_analyze.Luzzati_coordinate_error_obs    0.0 
_refine_analyze.Luzzati_sigma_a_obs             0.0 
_refine_analyze.Luzzati_d_res_low_obs           7.00 
_refine_analyze.Luzzati_coordinate_error_free   0.0 
_refine_analyze.Luzzati_sigma_a_free            0.0 
_refine_analyze.Luzzati_d_res_low_free          ? 
_refine_analyze.number_disordered_residues      ? 
_refine_analyze.occupancy_sum_hydrogen          ? 
_refine_analyze.occupancy_sum_non_hydrogen      ? 
_refine_analyze.pdbx_refine_id                  'X-RAY DIFFRACTION' 
# 
_refine_hist.pdbx_refine_id                   'X-RAY DIFFRACTION' 
_refine_hist.cycle_id                         LAST 
_refine_hist.pdbx_number_atoms_protein        1718 
_refine_hist.pdbx_number_atoms_nucleic_acid   0 
_refine_hist.pdbx_number_atoms_ligand         0 
_refine_hist.number_atoms_solvent             38 
_refine_hist.number_atoms_total               1756 
_refine_hist.d_res_high                       2.40 
_refine_hist.d_res_low                        10.00 
# 
loop_
_refine_ls_restr.type 
_refine_ls_restr.dev_ideal 
_refine_ls_restr.dev_ideal_target 
_refine_ls_restr.weight 
_refine_ls_restr.number 
_refine_ls_restr.pdbx_refine_id 
_refine_ls_restr.pdbx_restraint_function 
x_bond_d                0.017 ? ? ? 'X-RAY DIFFRACTION' ? 
x_bond_d_na             ?     ? ? ? 'X-RAY DIFFRACTION' ? 
x_bond_d_prot           ?     ? ? ? 'X-RAY DIFFRACTION' ? 
x_angle_d               ?     ? ? ? 'X-RAY DIFFRACTION' ? 
x_angle_d_na            ?     ? ? ? 'X-RAY DIFFRACTION' ? 
x_angle_d_prot          ?     ? ? ? 'X-RAY DIFFRACTION' ? 
x_angle_deg             3.7   ? ? ? 'X-RAY DIFFRACTION' ? 
x_angle_deg_na          ?     ? ? ? 'X-RAY DIFFRACTION' ? 
x_angle_deg_prot        ?     ? ? ? 'X-RAY DIFFRACTION' ? 
x_dihedral_angle_d      ?     ? ? ? 'X-RAY DIFFRACTION' ? 
x_dihedral_angle_d_na   ?     ? ? ? 'X-RAY DIFFRACTION' ? 
x_dihedral_angle_d_prot ?     ? ? ? 'X-RAY DIFFRACTION' ? 
x_improper_angle_d      1.21  ? ? ? 'X-RAY DIFFRACTION' ? 
x_improper_angle_d_na   ?     ? ? ? 'X-RAY DIFFRACTION' ? 
x_improper_angle_d_prot ?     ? ? ? 'X-RAY DIFFRACTION' ? 
x_mcbond_it             ?     ? ? ? 'X-RAY DIFFRACTION' ? 
x_mcangle_it            ?     ? ? ? 'X-RAY DIFFRACTION' ? 
x_scbond_it             ?     ? ? ? 'X-RAY DIFFRACTION' ? 
x_scangle_it            ?     ? ? ? 'X-RAY DIFFRACTION' ? 
# 
_refine_ls_shell.pdbx_total_number_of_bins_used   8 
_refine_ls_shell.d_res_high                       2.4 
_refine_ls_shell.d_res_low                        2.5 
_refine_ls_shell.number_reflns_R_work             325 
_refine_ls_shell.R_factor_R_work                  0.2390000 
_refine_ls_shell.percent_reflns_obs               80.1 
_refine_ls_shell.R_factor_R_free                  0.2830000 
_refine_ls_shell.R_factor_R_free_error            0.016 
_refine_ls_shell.percent_reflns_R_free            5.0 
_refine_ls_shell.number_reflns_R_free             16 
_refine_ls_shell.pdbx_refine_id                   'X-RAY DIFFRACTION' 
_refine_ls_shell.number_reflns_all                ? 
_refine_ls_shell.R_factor_all                     ? 
# 
loop_
_pdbx_xplor_file.serial_no 
_pdbx_xplor_file.param_file 
_pdbx_xplor_file.topol_file 
_pdbx_xplor_file.pdbx_refine_id 
1 PARAM19X.PRO TOPH19X.PRO 'X-RAY DIFFRACTION' 
2 ?            ?           'X-RAY DIFFRACTION' 
# 
_struct.entry_id                  3ULL 
_struct.title                     'HUMAN MITOCHONDRIAL SINGLE-STRANDED DNA BINDING PROTEIN' 
_struct.pdbx_model_details        ? 
_struct.pdbx_CASP_flag            ? 
_struct.pdbx_model_type_details   ? 
# 
_struct_keywords.entry_id        3ULL 
_struct_keywords.pdbx_keywords   'DNA BINDING PROTEIN' 
_struct_keywords.text            'DNA-BINDING PROTEIN, DNA REPLICATION, MITOCHONDRION, TRANSIT PEPTIDE, DNA BINDING PROTEIN' 
# 
loop_
_struct_asym.id 
_struct_asym.pdbx_blank_PDB_chainid_flag 
_struct_asym.pdbx_modified 
_struct_asym.entity_id 
_struct_asym.details 
A N N 1 ? 
B N N 1 ? 
C N N 2 ? 
D N N 2 ? 
# 
_struct_ref.id                         1 
_struct_ref.db_name                    UNP 
_struct_ref.db_code                    SSB_HUMAN 
_struct_ref.entity_id                  1 
_struct_ref.pdbx_db_accession          Q04837 
_struct_ref.pdbx_align_begin           1 
_struct_ref.pdbx_seq_one_letter_code   
;MFRRPVLQVLRQFVRHESETTTSLVLERSLNRVHLLGRVGQDPVLRQVEGKNPVTIFSLATNEMWRSGDSEVYQLGDVSQ
KTTWHRISVFRPGLRDVAYQYVKKGSRIYLEGKIDYGEYMDKNNVRRQATTIIADNIIFLSDQTKEKE
;
_struct_ref.pdbx_db_isoform            ? 
# 
loop_
_struct_ref_seq.align_id 
_struct_ref_seq.ref_id 
_struct_ref_seq.pdbx_PDB_id_code 
_struct_ref_seq.pdbx_strand_id 
_struct_ref_seq.seq_align_beg 
_struct_ref_seq.pdbx_seq_align_beg_ins_code 
_struct_ref_seq.seq_align_end 
_struct_ref_seq.pdbx_seq_align_end_ins_code 
_struct_ref_seq.pdbx_db_accession 
_struct_ref_seq.db_align_beg 
_struct_ref_seq.pdbx_db_align_beg_ins_code 
_struct_ref_seq.db_align_end 
_struct_ref_seq.pdbx_db_align_end_ins_code 
_struct_ref_seq.pdbx_auth_seq_align_beg 
_struct_ref_seq.pdbx_auth_seq_align_end 
1 1 3ULL A 1 ? 132 ? Q04837 17 ? 148 ? 1 132 
2 1 3ULL B 1 ? 132 ? Q04837 17 ? 148 ? 1 132 
# 
_pdbx_struct_assembly.id                   1 
_pdbx_struct_assembly.details              author_defined_assembly 
_pdbx_struct_assembly.method_details       ? 
_pdbx_struct_assembly.oligomeric_details   tetrameric 
_pdbx_struct_assembly.oligomeric_count     4 
# 
_pdbx_struct_assembly_gen.assembly_id       1 
_pdbx_struct_assembly_gen.oper_expression   1,2 
_pdbx_struct_assembly_gen.asym_id_list      A,B,C,D 
# 
loop_
_pdbx_struct_oper_list.id 
_pdbx_struct_oper_list.type 
_pdbx_struct_oper_list.name 
_pdbx_struct_oper_list.symmetry_operation 
_pdbx_struct_oper_list.matrix[1][1] 
_pdbx_struct_oper_list.matrix[1][2] 
_pdbx_struct_oper_list.matrix[1][3] 
_pdbx_struct_oper_list.vector[1] 
_pdbx_struct_oper_list.matrix[2][1] 
_pdbx_struct_oper_list.matrix[2][2] 
_pdbx_struct_oper_list.matrix[2][3] 
_pdbx_struct_oper_list.vector[2] 
_pdbx_struct_oper_list.matrix[3][1] 
_pdbx_struct_oper_list.matrix[3][2] 
_pdbx_struct_oper_list.matrix[3][3] 
_pdbx_struct_oper_list.vector[3] 
1 'identity operation'         1_555 x,y,z            1.0000000000  0.0000000000 0.0000000000  0.0000000000  0.0000000000 1.0000000000 0.0000000000  0.0000000000  0.0000000000  0.0000000000  1.0000000000  0.0000000000   
2 'crystal symmetry operation' 8_665 -y+1,-x+1,-z+1/2 -0.5048226020 0.7371207561 -0.4492294863 -8.4332671221 0.7371207561 0.0972774834 -0.6687227244 -9.5136105980 -0.4492294863 -0.6687227244 -0.5924548814 -24.9062972228 
# 
_struct_biol.id   1 
# 
loop_
_struct_conf.conf_type_id 
_struct_conf.id 
_struct_conf.pdbx_PDB_helix_id 
_struct_conf.beg_label_comp_id 
_struct_conf.beg_label_asym_id 
_struct_conf.beg_label_seq_id 
_struct_conf.pdbx_beg_PDB_ins_code 
_struct_conf.end_label_comp_id 
_struct_conf.end_label_asym_id 
_struct_conf.end_label_seq_id 
_struct_conf.pdbx_end_PDB_ins_code 
_struct_conf.beg_auth_comp_id 
_struct_conf.beg_auth_asym_id 
_struct_conf.beg_auth_seq_id 
_struct_conf.end_auth_comp_id 
_struct_conf.end_auth_asym_id 
_struct_conf.end_auth_seq_id 
_struct_conf.pdbx_PDB_helix_class 
_struct_conf.details 
_struct_conf.pdbx_PDB_helix_length 
HELX_P HELX_P1 1 LEU A 78 ? TYR A 85 ? LEU A 78 TYR A 85 1 ? 8 
HELX_P HELX_P2 2 LEU B 78 ? TYR B 85 ? LEU B 78 TYR B 85 1 ? 8 
# 
_struct_conf_type.id          HELX_P 
_struct_conf_type.criteria    ? 
_struct_conf_type.reference   ? 
# 
loop_
_struct_sheet.id 
_struct_sheet.type 
_struct_sheet.number_strands 
_struct_sheet.details 
A ? 9 ? 
B ? 3 ? 
# 
loop_
_struct_sheet_order.sheet_id 
_struct_sheet_order.range_id_1 
_struct_sheet_order.range_id_2 
_struct_sheet_order.offset 
_struct_sheet_order.sense 
A 1 2 ? anti-parallel 
A 2 3 ? anti-parallel 
A 3 4 ? anti-parallel 
A 4 5 ? anti-parallel 
A 5 6 ? anti-parallel 
A 6 7 ? parallel      
A 7 8 ? anti-parallel 
A 8 9 ? anti-parallel 
B 1 2 ? anti-parallel 
B 2 3 ? anti-parallel 
# 
loop_
_struct_sheet_range.sheet_id 
_struct_sheet_range.id 
_struct_sheet_range.beg_label_comp_id 
_struct_sheet_range.beg_label_asym_id 
_struct_sheet_range.beg_label_seq_id 
_struct_sheet_range.pdbx_beg_PDB_ins_code 
_struct_sheet_range.end_label_comp_id 
_struct_sheet_range.end_label_asym_id 
_struct_sheet_range.end_label_seq_id 
_struct_sheet_range.pdbx_end_PDB_ins_code 
_struct_sheet_range.beg_auth_comp_id 
_struct_sheet_range.beg_auth_asym_id 
_struct_sheet_range.beg_auth_seq_id 
_struct_sheet_range.end_auth_comp_id 
_struct_sheet_range.end_auth_asym_id 
_struct_sheet_range.end_auth_seq_id 
A 1 THR A 114 ? ILE A 122 ? THR A 114 ILE A 122 
A 2 ARG A 91  ? ASP A 99  ? ARG A 91  ASP A 99  
A 3 LEU A 14  ? ARG A 22  ? LEU A 14  ARG A 22  
A 4 LEU B 14  ? ARG B 22  ? LEU B 14  ARG B 22  
A 5 ARG B 91  ? ASP B 99  ? ARG B 91  ASP B 99  
A 6 THR B 114 ? ILE B 122 ? THR B 114 ILE B 122 
A 7 THR B 66  ? VAL B 73  ? THR B 66  VAL B 73  
A 8 PRO B 37  ? ASN B 46  ? PRO B 37  ASN B 46  
A 9 VAL B 28  ? GLN B 31  ? VAL B 28  GLN B 31  
B 1 VAL A 28  ? ARG A 30  ? VAL A 28  ARG A 30  
B 2 VAL A 38  ? TRP A 49  ? VAL A 38  TRP A 49  
B 3 SER A 63  ? VAL A 73  ? SER A 63  VAL A 73  
# 
loop_
_pdbx_struct_sheet_hbond.sheet_id 
_pdbx_struct_sheet_hbond.range_id_1 
_pdbx_struct_sheet_hbond.range_id_2 
_pdbx_struct_sheet_hbond.range_1_label_atom_id 
_pdbx_struct_sheet_hbond.range_1_label_comp_id 
_pdbx_struct_sheet_hbond.range_1_label_asym_id 
_pdbx_struct_sheet_hbond.range_1_label_seq_id 
_pdbx_struct_sheet_hbond.range_1_PDB_ins_code 
_pdbx_struct_sheet_hbond.range_1_auth_atom_id 
_pdbx_struct_sheet_hbond.range_1_auth_comp_id 
_pdbx_struct_sheet_hbond.range_1_auth_asym_id 
_pdbx_struct_sheet_hbond.range_1_auth_seq_id 
_pdbx_struct_sheet_hbond.range_2_label_atom_id 
_pdbx_struct_sheet_hbond.range_2_label_comp_id 
_pdbx_struct_sheet_hbond.range_2_label_asym_id 
_pdbx_struct_sheet_hbond.range_2_label_seq_id 
_pdbx_struct_sheet_hbond.range_2_PDB_ins_code 
_pdbx_struct_sheet_hbond.range_2_auth_atom_id 
_pdbx_struct_sheet_hbond.range_2_auth_comp_id 
_pdbx_struct_sheet_hbond.range_2_auth_asym_id 
_pdbx_struct_sheet_hbond.range_2_auth_seq_id 
A 1 2 O THR A 114 ? O THR A 114 N ASP A 99  ? N ASP A 99  
A 2 3 O ILE A 92  ? O ILE A 92  N GLY A 21  ? N GLY A 21  
A 3 4 O LEU A 14  ? O LEU A 14  N LEU B 20  ? N LEU B 20  
A 4 5 O VAL B 17  ? O VAL B 17  N GLY B 96  ? N GLY B 96  
A 5 6 O TYR B 93  ? O TYR B 93  N ILE B 121 ? N ILE B 121 
A 6 7 O THR B 115 ? O THR B 115 N ARG B 70  ? N ARG B 70  
A 7 8 O THR B 67  ? O THR B 67  N THR B 45  ? N THR B 45  
A 8 9 O VAL B 38  ? O VAL B 38  N ARG B 30  ? N ARG B 30  
B 1 2 O VAL A 28  ? O VAL A 28  N ILE A 40  ? N ILE A 40  
B 2 3 O THR A 39  ? O THR A 39  N VAL A 73  ? N VAL A 73  
# 
loop_
_pdbx_validate_rmsd_bond.id 
_pdbx_validate_rmsd_bond.PDB_model_num 
_pdbx_validate_rmsd_bond.auth_atom_id_1 
_pdbx_validate_rmsd_bond.auth_asym_id_1 
_pdbx_validate_rmsd_bond.auth_comp_id_1 
_pdbx_validate_rmsd_bond.auth_seq_id_1 
_pdbx_validate_rmsd_bond.PDB_ins_code_1 
_pdbx_validate_rmsd_bond.label_alt_id_1 
_pdbx_validate_rmsd_bond.auth_atom_id_2 
_pdbx_validate_rmsd_bond.auth_asym_id_2 
_pdbx_validate_rmsd_bond.auth_comp_id_2 
_pdbx_validate_rmsd_bond.auth_seq_id_2 
_pdbx_validate_rmsd_bond.PDB_ins_code_2 
_pdbx_validate_rmsd_bond.label_alt_id_2 
_pdbx_validate_rmsd_bond.bond_value 
_pdbx_validate_rmsd_bond.bond_target_value 
_pdbx_validate_rmsd_bond.bond_deviation 
_pdbx_validate_rmsd_bond.bond_standard_deviation 
_pdbx_validate_rmsd_bond.linker_flag 
1 1 NE2 A HIS 18 ? ? CD2 A HIS 18 ? ? 1.303 1.373 -0.070 0.011 N 
2 1 NE2 A HIS 69 ? ? CD2 A HIS 69 ? ? 1.302 1.373 -0.071 0.011 N 
3 1 NE2 B HIS 18 ? ? CD2 B HIS 18 ? ? 1.303 1.373 -0.070 0.011 N 
4 1 NE2 B HIS 69 ? ? CD2 B HIS 69 ? ? 1.302 1.373 -0.071 0.011 N 
# 
loop_
_pdbx_validate_rmsd_angle.id 
_pdbx_validate_rmsd_angle.PDB_model_num 
_pdbx_validate_rmsd_angle.auth_atom_id_1 
_pdbx_validate_rmsd_angle.auth_asym_id_1 
_pdbx_validate_rmsd_angle.auth_comp_id_1 
_pdbx_validate_rmsd_angle.auth_seq_id_1 
_pdbx_validate_rmsd_angle.PDB_ins_code_1 
_pdbx_validate_rmsd_angle.label_alt_id_1 
_pdbx_validate_rmsd_angle.auth_atom_id_2 
_pdbx_validate_rmsd_angle.auth_asym_id_2 
_pdbx_validate_rmsd_angle.auth_comp_id_2 
_pdbx_validate_rmsd_angle.auth_seq_id_2 
_pdbx_validate_rmsd_angle.PDB_ins_code_2 
_pdbx_validate_rmsd_angle.label_alt_id_2 
_pdbx_validate_rmsd_angle.auth_atom_id_3 
_pdbx_validate_rmsd_angle.auth_asym_id_3 
_pdbx_validate_rmsd_angle.auth_comp_id_3 
_pdbx_validate_rmsd_angle.auth_seq_id_3 
_pdbx_validate_rmsd_angle.PDB_ins_code_3 
_pdbx_validate_rmsd_angle.label_alt_id_3 
_pdbx_validate_rmsd_angle.angle_value 
_pdbx_validate_rmsd_angle.angle_target_value 
_pdbx_validate_rmsd_angle.angle_deviation 
_pdbx_validate_rmsd_angle.angle_standard_deviation 
_pdbx_validate_rmsd_angle.linker_flag 
1  1 CA  A LEU 14  ? ? CB  A LEU 14  ? ? CG  A LEU 14  ? ? 130.58 115.30 15.28  2.30 N 
2  1 NE  A ARG 16  ? ? CZ  A ARG 16  ? ? NH1 A ARG 16  ? ? 126.26 120.30 5.96   0.50 N 
3  1 CA  A LEU 19  ? ? CB  A LEU 19  ? ? CG  A LEU 19  ? ? 131.43 115.30 16.13  2.30 N 
4  1 NE  A ARG 22  ? ? CZ  A ARG 22  ? ? NH2 A ARG 22  ? ? 114.72 120.30 -5.58  0.50 N 
5  1 CA  A GLU 33  ? ? CB  A GLU 33  ? ? CG  A GLU 33  ? ? 126.99 113.40 13.59  2.20 N 
6  1 CD1 A TRP 49  ? ? CG  A TRP 49  ? ? CD2 A TRP 49  ? ? 112.27 106.30 5.97   0.80 N 
7  1 CE2 A TRP 49  ? ? CD2 A TRP 49  ? ? CG  A TRP 49  ? ? 101.80 107.30 -5.50  0.80 N 
8  1 CD1 A TRP 68  ? ? CG  A TRP 68  ? ? CD2 A TRP 68  ? ? 112.01 106.30 5.71   0.80 N 
9  1 CE2 A TRP 68  ? ? CD2 A TRP 68  ? ? CG  A TRP 68  ? ? 101.60 107.30 -5.70  0.80 N 
10 1 NE  A ARG 70  ? ? CZ  A ARG 70  ? ? NH1 A ARG 70  ? ? 123.30 120.30 3.00   0.50 N 
11 1 NE  B ARG 12  ? ? CZ  B ARG 12  ? ? NH1 B ARG 12  ? ? 125.53 120.30 5.23   0.50 N 
12 1 CB  B LEU 14  ? ? CG  B LEU 14  ? ? CD1 B LEU 14  ? ? 100.38 111.00 -10.62 1.70 N 
13 1 NE  B ARG 16  ? ? CZ  B ARG 16  ? ? NH1 B ARG 16  ? ? 124.55 120.30 4.25   0.50 N 
14 1 NE  B ARG 16  ? ? CZ  B ARG 16  ? ? NH2 B ARG 16  ? ? 115.21 120.30 -5.09  0.50 N 
15 1 NE  B ARG 22  ? ? CZ  B ARG 22  ? ? NH2 B ARG 22  ? ? 117.14 120.30 -3.16  0.50 N 
16 1 CD1 B TRP 49  ? ? CG  B TRP 49  ? ? CD2 B TRP 49  ? ? 111.51 106.30 5.21   0.80 N 
17 1 CE2 B TRP 49  ? ? CD2 B TRP 49  ? ? CG  B TRP 49  ? ? 101.54 107.30 -5.76  0.80 N 
18 1 CG  B TRP 49  ? ? CD2 B TRP 49  ? ? CE3 B TRP 49  ? ? 139.32 133.90 5.42   0.90 N 
19 1 CD1 B TRP 68  ? ? CG  B TRP 68  ? ? CD2 B TRP 68  ? ? 112.71 106.30 6.41   0.80 N 
20 1 CE2 B TRP 68  ? ? CD2 B TRP 68  ? ? CG  B TRP 68  ? ? 100.98 107.30 -6.32  0.80 N 
21 1 NE  B ARG 70  ? ? CZ  B ARG 70  ? ? NH1 B ARG 70  ? ? 125.05 120.30 4.75   0.50 N 
22 1 NE  B ARG 79  ? ? CZ  B ARG 79  ? ? NH2 B ARG 79  ? ? 116.14 120.30 -4.16  0.50 N 
23 1 CB  B TYR 85  ? ? CG  B TYR 85  ? ? CD2 B TYR 85  ? ? 114.23 121.00 -6.77  0.60 N 
24 1 CB  B TYR 85  ? ? CG  B TYR 85  ? ? CD1 B TYR 85  ? ? 125.69 121.00 4.69   0.60 N 
25 1 NE  B ARG 91  ? ? CZ  B ARG 91  ? ? NH1 B ARG 91  ? ? 126.81 120.30 6.51   0.50 N 
26 1 NE  B ARG 91  ? ? CZ  B ARG 91  ? ? NH2 B ARG 91  ? ? 115.26 120.30 -5.04  0.50 N 
27 1 NE  B ARG 111 ? ? CZ  B ARG 111 ? ? NH1 B ARG 111 ? ? 124.90 120.30 4.60   0.50 N 
28 1 NE  B ARG 111 ? ? CZ  B ARG 111 ? ? NH2 B ARG 111 ? ? 116.57 120.30 -3.73  0.50 N 
# 
loop_
_pdbx_validate_torsion.id 
_pdbx_validate_torsion.PDB_model_num 
_pdbx_validate_torsion.auth_comp_id 
_pdbx_validate_torsion.auth_asym_id 
_pdbx_validate_torsion.auth_seq_id 
_pdbx_validate_torsion.PDB_ins_code 
_pdbx_validate_torsion.label_alt_id 
_pdbx_validate_torsion.phi 
_pdbx_validate_torsion.psi 
1  1 GLU A 11  ? ? -173.02 133.32  
2  1 GLU A 33  ? ? 44.14   -75.32  
3  1 GLU A 47  ? ? -164.32 113.51  
4  1 ARG A 75  ? ? 91.77   124.95  
5  1 ASP A 105 ? ? -129.98 -96.87  
6  1 ASN A 107 ? ? 73.00   -55.61  
7  1 ASN A 108 ? ? -78.37  -158.05 
8  1 ASP A 119 ? ? -172.47 135.25  
9  1 GLU B 33  ? ? 57.95   -136.95 
10 1 ASN B 36  ? ? -174.82 93.72   
11 1 LYS B 106 ? ? -166.24 81.81   
12 1 ASN B 107 ? ? 59.01   15.01   
13 1 ASN B 120 ? ? -164.22 96.47   
14 1 PHE B 123 ? ? -105.26 73.26   
# 
_pdbx_validate_planes.id              1 
_pdbx_validate_planes.PDB_model_num   1 
_pdbx_validate_planes.auth_comp_id    TYR 
_pdbx_validate_planes.auth_asym_id    A 
_pdbx_validate_planes.auth_seq_id     83 
_pdbx_validate_planes.PDB_ins_code    ? 
_pdbx_validate_planes.label_alt_id    ? 
_pdbx_validate_planes.rmsd            0.070 
_pdbx_validate_planes.type            'SIDE CHAIN' 
# 
loop_
_pdbx_unobs_or_zero_occ_residues.id 
_pdbx_unobs_or_zero_occ_residues.PDB_model_num 
_pdbx_unobs_or_zero_occ_residues.polymer_flag 
_pdbx_unobs_or_zero_occ_residues.occupancy_flag 
_pdbx_unobs_or_zero_occ_residues.auth_asym_id 
_pdbx_unobs_or_zero_occ_residues.auth_comp_id 
_pdbx_unobs_or_zero_occ_residues.auth_seq_id 
_pdbx_unobs_or_zero_occ_residues.PDB_ins_code 
_pdbx_unobs_or_zero_occ_residues.label_asym_id 
_pdbx_unobs_or_zero_occ_residues.label_comp_id 
_pdbx_unobs_or_zero_occ_residues.label_seq_id 
1  1 Y 1 A GLU 1   ? A GLU 1   
2  1 Y 1 A SER 2   ? A SER 2   
3  1 Y 1 A GLU 3   ? A GLU 3   
4  1 Y 1 A THR 4   ? A THR 4   
5  1 Y 1 A THR 5   ? A THR 5   
6  1 Y 1 A THR 6   ? A THR 6   
7  1 Y 1 A SER 7   ? A SER 7   
8  1 Y 1 A LEU 8   ? A LEU 8   
9  1 Y 1 A VAL 9   ? A VAL 9   
10 1 Y 1 A GLY 52  ? A GLY 52  
11 1 Y 1 A ASP 53  ? A ASP 53  
12 1 Y 1 A SER 54  ? A SER 54  
13 1 Y 1 A GLU 55  ? A GLU 55  
14 1 Y 1 A VAL 56  ? A VAL 56  
15 1 Y 1 A TYR 57  ? A TYR 57  
16 1 Y 1 A GLN 58  ? A GLN 58  
17 1 Y 1 A LEU 59  ? A LEU 59  
18 1 Y 1 A GLY 60  ? A GLY 60  
19 1 Y 1 A SER 125 ? A SER 125 
20 1 Y 1 A ASP 126 ? A ASP 126 
21 1 Y 1 A GLN 127 ? A GLN 127 
22 1 Y 1 A THR 128 ? A THR 128 
23 1 Y 1 A LYS 129 ? A LYS 129 
24 1 Y 1 A GLU 130 ? A GLU 130 
25 1 Y 1 A LYS 131 ? A LYS 131 
26 1 Y 1 A GLU 132 ? A GLU 132 
27 1 Y 1 B GLU 1   ? B GLU 1   
28 1 Y 1 B SER 2   ? B SER 2   
29 1 Y 1 B GLU 3   ? B GLU 3   
30 1 Y 1 B THR 4   ? B THR 4   
31 1 Y 1 B THR 5   ? B THR 5   
32 1 Y 1 B THR 6   ? B THR 6   
33 1 Y 1 B SER 7   ? B SER 7   
34 1 Y 1 B LEU 8   ? B LEU 8   
35 1 Y 1 B VAL 9   ? B VAL 9   
36 1 Y 1 B GLY 52  ? B GLY 52  
37 1 Y 1 B ASP 53  ? B ASP 53  
38 1 Y 1 B SER 54  ? B SER 54  
39 1 Y 1 B GLU 55  ? B GLU 55  
40 1 Y 1 B VAL 56  ? B VAL 56  
41 1 Y 1 B TYR 57  ? B TYR 57  
42 1 Y 1 B GLN 58  ? B GLN 58  
43 1 Y 1 B LEU 59  ? B LEU 59  
44 1 Y 1 B GLY 60  ? B GLY 60  
45 1 Y 1 B ASP 61  ? B ASP 61  
46 1 Y 1 B VAL 62  ? B VAL 62  
47 1 Y 1 B SER 63  ? B SER 63  
48 1 Y 1 B GLN 64  ? B GLN 64  
49 1 Y 1 B ASP 126 ? B ASP 126 
50 1 Y 1 B GLN 127 ? B GLN 127 
51 1 Y 1 B THR 128 ? B THR 128 
52 1 Y 1 B LYS 129 ? B LYS 129 
53 1 Y 1 B GLU 130 ? B GLU 130 
54 1 Y 1 B LYS 131 ? B LYS 131 
55 1 Y 1 B GLU 132 ? B GLU 132 
# 
loop_
_chem_comp_atom.comp_id 
_chem_comp_atom.atom_id 
_chem_comp_atom.type_symbol 
_chem_comp_atom.pdbx_aromatic_flag 
_chem_comp_atom.pdbx_stereo_config 
_chem_comp_atom.pdbx_ordinal 
ALA N    N N N 1   
ALA CA   C N S 2   
ALA C    C N N 3   
ALA O    O N N 4   
ALA CB   C N N 5   
ALA OXT  O N N 6   
ALA H    H N N 7   
ALA H2   H N N 8   
ALA HA   H N N 9   
ALA HB1  H N N 10  
ALA HB2  H N N 11  
ALA HB3  H N N 12  
ALA HXT  H N N 13  
ARG N    N N N 14  
ARG CA   C N S 15  
ARG C    C N N 16  
ARG O    O N N 17  
ARG CB   C N N 18  
ARG CG   C N N 19  
ARG CD   C N N 20  
ARG NE   N N N 21  
ARG CZ   C N N 22  
ARG NH1  N N N 23  
ARG NH2  N N N 24  
ARG OXT  O N N 25  
ARG H    H N N 26  
ARG H2   H N N 27  
ARG HA   H N N 28  
ARG HB2  H N N 29  
ARG HB3  H N N 30  
ARG HG2  H N N 31  
ARG HG3  H N N 32  
ARG HD2  H N N 33  
ARG HD3  H N N 34  
ARG HE   H N N 35  
ARG HH11 H N N 36  
ARG HH12 H N N 37  
ARG HH21 H N N 38  
ARG HH22 H N N 39  
ARG HXT  H N N 40  
ASN N    N N N 41  
ASN CA   C N S 42  
ASN C    C N N 43  
ASN O    O N N 44  
ASN CB   C N N 45  
ASN CG   C N N 46  
ASN OD1  O N N 47  
ASN ND2  N N N 48  
ASN OXT  O N N 49  
ASN H    H N N 50  
ASN H2   H N N 51  
ASN HA   H N N 52  
ASN HB2  H N N 53  
ASN HB3  H N N 54  
ASN HD21 H N N 55  
ASN HD22 H N N 56  
ASN HXT  H N N 57  
ASP N    N N N 58  
ASP CA   C N S 59  
ASP C    C N N 60  
ASP O    O N N 61  
ASP CB   C N N 62  
ASP CG   C N N 63  
ASP OD1  O N N 64  
ASP OD2  O N N 65  
ASP OXT  O N N 66  
ASP H    H N N 67  
ASP H2   H N N 68  
ASP HA   H N N 69  
ASP HB2  H N N 70  
ASP HB3  H N N 71  
ASP HD2  H N N 72  
ASP HXT  H N N 73  
GLN N    N N N 74  
GLN CA   C N S 75  
GLN C    C N N 76  
GLN O    O N N 77  
GLN CB   C N N 78  
GLN CG   C N N 79  
GLN CD   C N N 80  
GLN OE1  O N N 81  
GLN NE2  N N N 82  
GLN OXT  O N N 83  
GLN H    H N N 84  
GLN H2   H N N 85  
GLN HA   H N N 86  
GLN HB2  H N N 87  
GLN HB3  H N N 88  
GLN HG2  H N N 89  
GLN HG3  H N N 90  
GLN HE21 H N N 91  
GLN HE22 H N N 92  
GLN HXT  H N N 93  
GLU N    N N N 94  
GLU CA   C N S 95  
GLU C    C N N 96  
GLU O    O N N 97  
GLU CB   C N N 98  
GLU CG   C N N 99  
GLU CD   C N N 100 
GLU OE1  O N N 101 
GLU OE2  O N N 102 
GLU OXT  O N N 103 
GLU H    H N N 104 
GLU H2   H N N 105 
GLU HA   H N N 106 
GLU HB2  H N N 107 
GLU HB3  H N N 108 
GLU HG2  H N N 109 
GLU HG3  H N N 110 
GLU HE2  H N N 111 
GLU HXT  H N N 112 
GLY N    N N N 113 
GLY CA   C N N 114 
GLY C    C N N 115 
GLY O    O N N 116 
GLY OXT  O N N 117 
GLY H    H N N 118 
GLY H2   H N N 119 
GLY HA2  H N N 120 
GLY HA3  H N N 121 
GLY HXT  H N N 122 
HIS N    N N N 123 
HIS CA   C N S 124 
HIS C    C N N 125 
HIS O    O N N 126 
HIS CB   C N N 127 
HIS CG   C Y N 128 
HIS ND1  N Y N 129 
HIS CD2  C Y N 130 
HIS CE1  C Y N 131 
HIS NE2  N Y N 132 
HIS OXT  O N N 133 
HIS H    H N N 134 
HIS H2   H N N 135 
HIS HA   H N N 136 
HIS HB2  H N N 137 
HIS HB3  H N N 138 
HIS HD1  H N N 139 
HIS HD2  H N N 140 
HIS HE1  H N N 141 
HIS HE2  H N N 142 
HIS HXT  H N N 143 
HOH O    O N N 144 
HOH H1   H N N 145 
HOH H2   H N N 146 
ILE N    N N N 147 
ILE CA   C N S 148 
ILE C    C N N 149 
ILE O    O N N 150 
ILE CB   C N S 151 
ILE CG1  C N N 152 
ILE CG2  C N N 153 
ILE CD1  C N N 154 
ILE OXT  O N N 155 
ILE H    H N N 156 
ILE H2   H N N 157 
ILE HA   H N N 158 
ILE HB   H N N 159 
ILE HG12 H N N 160 
ILE HG13 H N N 161 
ILE HG21 H N N 162 
ILE HG22 H N N 163 
ILE HG23 H N N 164 
ILE HD11 H N N 165 
ILE HD12 H N N 166 
ILE HD13 H N N 167 
ILE HXT  H N N 168 
LEU N    N N N 169 
LEU CA   C N S 170 
LEU C    C N N 171 
LEU O    O N N 172 
LEU CB   C N N 173 
LEU CG   C N N 174 
LEU CD1  C N N 175 
LEU CD2  C N N 176 
LEU OXT  O N N 177 
LEU H    H N N 178 
LEU H2   H N N 179 
LEU HA   H N N 180 
LEU HB2  H N N 181 
LEU HB3  H N N 182 
LEU HG   H N N 183 
LEU HD11 H N N 184 
LEU HD12 H N N 185 
LEU HD13 H N N 186 
LEU HD21 H N N 187 
LEU HD22 H N N 188 
LEU HD23 H N N 189 
LEU HXT  H N N 190 
LYS N    N N N 191 
LYS CA   C N S 192 
LYS C    C N N 193 
LYS O    O N N 194 
LYS CB   C N N 195 
LYS CG   C N N 196 
LYS CD   C N N 197 
LYS CE   C N N 198 
LYS NZ   N N N 199 
LYS OXT  O N N 200 
LYS H    H N N 201 
LYS H2   H N N 202 
LYS HA   H N N 203 
LYS HB2  H N N 204 
LYS HB3  H N N 205 
LYS HG2  H N N 206 
LYS HG3  H N N 207 
LYS HD2  H N N 208 
LYS HD3  H N N 209 
LYS HE2  H N N 210 
LYS HE3  H N N 211 
LYS HZ1  H N N 212 
LYS HZ2  H N N 213 
LYS HZ3  H N N 214 
LYS HXT  H N N 215 
MET N    N N N 216 
MET CA   C N S 217 
MET C    C N N 218 
MET O    O N N 219 
MET CB   C N N 220 
MET CG   C N N 221 
MET SD   S N N 222 
MET CE   C N N 223 
MET OXT  O N N 224 
MET H    H N N 225 
MET H2   H N N 226 
MET HA   H N N 227 
MET HB2  H N N 228 
MET HB3  H N N 229 
MET HG2  H N N 230 
MET HG3  H N N 231 
MET HE1  H N N 232 
MET HE2  H N N 233 
MET HE3  H N N 234 
MET HXT  H N N 235 
PHE N    N N N 236 
PHE CA   C N S 237 
PHE C    C N N 238 
PHE O    O N N 239 
PHE CB   C N N 240 
PHE CG   C Y N 241 
PHE CD1  C Y N 242 
PHE CD2  C Y N 243 
PHE CE1  C Y N 244 
PHE CE2  C Y N 245 
PHE CZ   C Y N 246 
PHE OXT  O N N 247 
PHE H    H N N 248 
PHE H2   H N N 249 
PHE HA   H N N 250 
PHE HB2  H N N 251 
PHE HB3  H N N 252 
PHE HD1  H N N 253 
PHE HD2  H N N 254 
PHE HE1  H N N 255 
PHE HE2  H N N 256 
PHE HZ   H N N 257 
PHE HXT  H N N 258 
PRO N    N N N 259 
PRO CA   C N S 260 
PRO C    C N N 261 
PRO O    O N N 262 
PRO CB   C N N 263 
PRO CG   C N N 264 
PRO CD   C N N 265 
PRO OXT  O N N 266 
PRO H    H N N 267 
PRO HA   H N N 268 
PRO HB2  H N N 269 
PRO HB3  H N N 270 
PRO HG2  H N N 271 
PRO HG3  H N N 272 
PRO HD2  H N N 273 
PRO HD3  H N N 274 
PRO HXT  H N N 275 
SER N    N N N 276 
SER CA   C N S 277 
SER C    C N N 278 
SER O    O N N 279 
SER CB   C N N 280 
SER OG   O N N 281 
SER OXT  O N N 282 
SER H    H N N 283 
SER H2   H N N 284 
SER HA   H N N 285 
SER HB2  H N N 286 
SER HB3  H N N 287 
SER HG   H N N 288 
SER HXT  H N N 289 
THR N    N N N 290 
THR CA   C N S 291 
THR C    C N N 292 
THR O    O N N 293 
THR CB   C N R 294 
THR OG1  O N N 295 
THR CG2  C N N 296 
THR OXT  O N N 297 
THR H    H N N 298 
THR H2   H N N 299 
THR HA   H N N 300 
THR HB   H N N 301 
THR HG1  H N N 302 
THR HG21 H N N 303 
THR HG22 H N N 304 
THR HG23 H N N 305 
THR HXT  H N N 306 
TRP N    N N N 307 
TRP CA   C N S 308 
TRP C    C N N 309 
TRP O    O N N 310 
TRP CB   C N N 311 
TRP CG   C Y N 312 
TRP CD1  C Y N 313 
TRP CD2  C Y N 314 
TRP NE1  N Y N 315 
TRP CE2  C Y N 316 
TRP CE3  C Y N 317 
TRP CZ2  C Y N 318 
TRP CZ3  C Y N 319 
TRP CH2  C Y N 320 
TRP OXT  O N N 321 
TRP H    H N N 322 
TRP H2   H N N 323 
TRP HA   H N N 324 
TRP HB2  H N N 325 
TRP HB3  H N N 326 
TRP HD1  H N N 327 
TRP HE1  H N N 328 
TRP HE3  H N N 329 
TRP HZ2  H N N 330 
TRP HZ3  H N N 331 
TRP HH2  H N N 332 
TRP HXT  H N N 333 
TYR N    N N N 334 
TYR CA   C N S 335 
TYR C    C N N 336 
TYR O    O N N 337 
TYR CB   C N N 338 
TYR CG   C Y N 339 
TYR CD1  C Y N 340 
TYR CD2  C Y N 341 
TYR CE1  C Y N 342 
TYR CE2  C Y N 343 
TYR CZ   C Y N 344 
TYR OH   O N N 345 
TYR OXT  O N N 346 
TYR H    H N N 347 
TYR H2   H N N 348 
TYR HA   H N N 349 
TYR HB2  H N N 350 
TYR HB3  H N N 351 
TYR HD1  H N N 352 
TYR HD2  H N N 353 
TYR HE1  H N N 354 
TYR HE2  H N N 355 
TYR HH   H N N 356 
TYR HXT  H N N 357 
VAL N    N N N 358 
VAL CA   C N S 359 
VAL C    C N N 360 
VAL O    O N N 361 
VAL CB   C N N 362 
VAL CG1  C N N 363 
VAL CG2  C N N 364 
VAL OXT  O N N 365 
VAL H    H N N 366 
VAL H2   H N N 367 
VAL HA   H N N 368 
VAL HB   H N N 369 
VAL HG11 H N N 370 
VAL HG12 H N N 371 
VAL HG13 H N N 372 
VAL HG21 H N N 373 
VAL HG22 H N N 374 
VAL HG23 H N N 375 
VAL HXT  H N N 376 
# 
loop_
_chem_comp_bond.comp_id 
_chem_comp_bond.atom_id_1 
_chem_comp_bond.atom_id_2 
_chem_comp_bond.value_order 
_chem_comp_bond.pdbx_aromatic_flag 
_chem_comp_bond.pdbx_stereo_config 
_chem_comp_bond.pdbx_ordinal 
ALA N   CA   sing N N 1   
ALA N   H    sing N N 2   
ALA N   H2   sing N N 3   
ALA CA  C    sing N N 4   
ALA CA  CB   sing N N 5   
ALA CA  HA   sing N N 6   
ALA C   O    doub N N 7   
ALA C   OXT  sing N N 8   
ALA CB  HB1  sing N N 9   
ALA CB  HB2  sing N N 10  
ALA CB  HB3  sing N N 11  
ALA OXT HXT  sing N N 12  
ARG N   CA   sing N N 13  
ARG N   H    sing N N 14  
ARG N   H2   sing N N 15  
ARG CA  C    sing N N 16  
ARG CA  CB   sing N N 17  
ARG CA  HA   sing N N 18  
ARG C   O    doub N N 19  
ARG C   OXT  sing N N 20  
ARG CB  CG   sing N N 21  
ARG CB  HB2  sing N N 22  
ARG CB  HB3  sing N N 23  
ARG CG  CD   sing N N 24  
ARG CG  HG2  sing N N 25  
ARG CG  HG3  sing N N 26  
ARG CD  NE   sing N N 27  
ARG CD  HD2  sing N N 28  
ARG CD  HD3  sing N N 29  
ARG NE  CZ   sing N N 30  
ARG NE  HE   sing N N 31  
ARG CZ  NH1  sing N N 32  
ARG CZ  NH2  doub N N 33  
ARG NH1 HH11 sing N N 34  
ARG NH1 HH12 sing N N 35  
ARG NH2 HH21 sing N N 36  
ARG NH2 HH22 sing N N 37  
ARG OXT HXT  sing N N 38  
ASN N   CA   sing N N 39  
ASN N   H    sing N N 40  
ASN N   H2   sing N N 41  
ASN CA  C    sing N N 42  
ASN CA  CB   sing N N 43  
ASN CA  HA   sing N N 44  
ASN C   O    doub N N 45  
ASN C   OXT  sing N N 46  
ASN CB  CG   sing N N 47  
ASN CB  HB2  sing N N 48  
ASN CB  HB3  sing N N 49  
ASN CG  OD1  doub N N 50  
ASN CG  ND2  sing N N 51  
ASN ND2 HD21 sing N N 52  
ASN ND2 HD22 sing N N 53  
ASN OXT HXT  sing N N 54  
ASP N   CA   sing N N 55  
ASP N   H    sing N N 56  
ASP N   H2   sing N N 57  
ASP CA  C    sing N N 58  
ASP CA  CB   sing N N 59  
ASP CA  HA   sing N N 60  
ASP C   O    doub N N 61  
ASP C   OXT  sing N N 62  
ASP CB  CG   sing N N 63  
ASP CB  HB2  sing N N 64  
ASP CB  HB3  sing N N 65  
ASP CG  OD1  doub N N 66  
ASP CG  OD2  sing N N 67  
ASP OD2 HD2  sing N N 68  
ASP OXT HXT  sing N N 69  
GLN N   CA   sing N N 70  
GLN N   H    sing N N 71  
GLN N   H2   sing N N 72  
GLN CA  C    sing N N 73  
GLN CA  CB   sing N N 74  
GLN CA  HA   sing N N 75  
GLN C   O    doub N N 76  
GLN C   OXT  sing N N 77  
GLN CB  CG   sing N N 78  
GLN CB  HB2  sing N N 79  
GLN CB  HB3  sing N N 80  
GLN CG  CD   sing N N 81  
GLN CG  HG2  sing N N 82  
GLN CG  HG3  sing N N 83  
GLN CD  OE1  doub N N 84  
GLN CD  NE2  sing N N 85  
GLN NE2 HE21 sing N N 86  
GLN NE2 HE22 sing N N 87  
GLN OXT HXT  sing N N 88  
GLU N   CA   sing N N 89  
GLU N   H    sing N N 90  
GLU N   H2   sing N N 91  
GLU CA  C    sing N N 92  
GLU CA  CB   sing N N 93  
GLU CA  HA   sing N N 94  
GLU C   O    doub N N 95  
GLU C   OXT  sing N N 96  
GLU CB  CG   sing N N 97  
GLU CB  HB2  sing N N 98  
GLU CB  HB3  sing N N 99  
GLU CG  CD   sing N N 100 
GLU CG  HG2  sing N N 101 
GLU CG  HG3  sing N N 102 
GLU CD  OE1  doub N N 103 
GLU CD  OE2  sing N N 104 
GLU OE2 HE2  sing N N 105 
GLU OXT HXT  sing N N 106 
GLY N   CA   sing N N 107 
GLY N   H    sing N N 108 
GLY N   H2   sing N N 109 
GLY CA  C    sing N N 110 
GLY CA  HA2  sing N N 111 
GLY CA  HA3  sing N N 112 
GLY C   O    doub N N 113 
GLY C   OXT  sing N N 114 
GLY OXT HXT  sing N N 115 
HIS N   CA   sing N N 116 
HIS N   H    sing N N 117 
HIS N   H2   sing N N 118 
HIS CA  C    sing N N 119 
HIS CA  CB   sing N N 120 
HIS CA  HA   sing N N 121 
HIS C   O    doub N N 122 
HIS C   OXT  sing N N 123 
HIS CB  CG   sing N N 124 
HIS CB  HB2  sing N N 125 
HIS CB  HB3  sing N N 126 
HIS CG  ND1  sing Y N 127 
HIS CG  CD2  doub Y N 128 
HIS ND1 CE1  doub Y N 129 
HIS ND1 HD1  sing N N 130 
HIS CD2 NE2  sing Y N 131 
HIS CD2 HD2  sing N N 132 
HIS CE1 NE2  sing Y N 133 
HIS CE1 HE1  sing N N 134 
HIS NE2 HE2  sing N N 135 
HIS OXT HXT  sing N N 136 
HOH O   H1   sing N N 137 
HOH O   H2   sing N N 138 
ILE N   CA   sing N N 139 
ILE N   H    sing N N 140 
ILE N   H2   sing N N 141 
ILE CA  C    sing N N 142 
ILE CA  CB   sing N N 143 
ILE CA  HA   sing N N 144 
ILE C   O    doub N N 145 
ILE C   OXT  sing N N 146 
ILE CB  CG1  sing N N 147 
ILE CB  CG2  sing N N 148 
ILE CB  HB   sing N N 149 
ILE CG1 CD1  sing N N 150 
ILE CG1 HG12 sing N N 151 
ILE CG1 HG13 sing N N 152 
ILE CG2 HG21 sing N N 153 
ILE CG2 HG22 sing N N 154 
ILE CG2 HG23 sing N N 155 
ILE CD1 HD11 sing N N 156 
ILE CD1 HD12 sing N N 157 
ILE CD1 HD13 sing N N 158 
ILE OXT HXT  sing N N 159 
LEU N   CA   sing N N 160 
LEU N   H    sing N N 161 
LEU N   H2   sing N N 162 
LEU CA  C    sing N N 163 
LEU CA  CB   sing N N 164 
LEU CA  HA   sing N N 165 
LEU C   O    doub N N 166 
LEU C   OXT  sing N N 167 
LEU CB  CG   sing N N 168 
LEU CB  HB2  sing N N 169 
LEU CB  HB3  sing N N 170 
LEU CG  CD1  sing N N 171 
LEU CG  CD2  sing N N 172 
LEU CG  HG   sing N N 173 
LEU CD1 HD11 sing N N 174 
LEU CD1 HD12 sing N N 175 
LEU CD1 HD13 sing N N 176 
LEU CD2 HD21 sing N N 177 
LEU CD2 HD22 sing N N 178 
LEU CD2 HD23 sing N N 179 
LEU OXT HXT  sing N N 180 
LYS N   CA   sing N N 181 
LYS N   H    sing N N 182 
LYS N   H2   sing N N 183 
LYS CA  C    sing N N 184 
LYS CA  CB   sing N N 185 
LYS CA  HA   sing N N 186 
LYS C   O    doub N N 187 
LYS C   OXT  sing N N 188 
LYS CB  CG   sing N N 189 
LYS CB  HB2  sing N N 190 
LYS CB  HB3  sing N N 191 
LYS CG  CD   sing N N 192 
LYS CG  HG2  sing N N 193 
LYS CG  HG3  sing N N 194 
LYS CD  CE   sing N N 195 
LYS CD  HD2  sing N N 196 
LYS CD  HD3  sing N N 197 
LYS CE  NZ   sing N N 198 
LYS CE  HE2  sing N N 199 
LYS CE  HE3  sing N N 200 
LYS NZ  HZ1  sing N N 201 
LYS NZ  HZ2  sing N N 202 
LYS NZ  HZ3  sing N N 203 
LYS OXT HXT  sing N N 204 
MET N   CA   sing N N 205 
MET N   H    sing N N 206 
MET N   H2   sing N N 207 
MET CA  C    sing N N 208 
MET CA  CB   sing N N 209 
MET CA  HA   sing N N 210 
MET C   O    doub N N 211 
MET C   OXT  sing N N 212 
MET CB  CG   sing N N 213 
MET CB  HB2  sing N N 214 
MET CB  HB3  sing N N 215 
MET CG  SD   sing N N 216 
MET CG  HG2  sing N N 217 
MET CG  HG3  sing N N 218 
MET SD  CE   sing N N 219 
MET CE  HE1  sing N N 220 
MET CE  HE2  sing N N 221 
MET CE  HE3  sing N N 222 
MET OXT HXT  sing N N 223 
PHE N   CA   sing N N 224 
PHE N   H    sing N N 225 
PHE N   H2   sing N N 226 
PHE CA  C    sing N N 227 
PHE CA  CB   sing N N 228 
PHE CA  HA   sing N N 229 
PHE C   O    doub N N 230 
PHE C   OXT  sing N N 231 
PHE CB  CG   sing N N 232 
PHE CB  HB2  sing N N 233 
PHE CB  HB3  sing N N 234 
PHE CG  CD1  doub Y N 235 
PHE CG  CD2  sing Y N 236 
PHE CD1 CE1  sing Y N 237 
PHE CD1 HD1  sing N N 238 
PHE CD2 CE2  doub Y N 239 
PHE CD2 HD2  sing N N 240 
PHE CE1 CZ   doub Y N 241 
PHE CE1 HE1  sing N N 242 
PHE CE2 CZ   sing Y N 243 
PHE CE2 HE2  sing N N 244 
PHE CZ  HZ   sing N N 245 
PHE OXT HXT  sing N N 246 
PRO N   CA   sing N N 247 
PRO N   CD   sing N N 248 
PRO N   H    sing N N 249 
PRO CA  C    sing N N 250 
PRO CA  CB   sing N N 251 
PRO CA  HA   sing N N 252 
PRO C   O    doub N N 253 
PRO C   OXT  sing N N 254 
PRO CB  CG   sing N N 255 
PRO CB  HB2  sing N N 256 
PRO CB  HB3  sing N N 257 
PRO CG  CD   sing N N 258 
PRO CG  HG2  sing N N 259 
PRO CG  HG3  sing N N 260 
PRO CD  HD2  sing N N 261 
PRO CD  HD3  sing N N 262 
PRO OXT HXT  sing N N 263 
SER N   CA   sing N N 264 
SER N   H    sing N N 265 
SER N   H2   sing N N 266 
SER CA  C    sing N N 267 
SER CA  CB   sing N N 268 
SER CA  HA   sing N N 269 
SER C   O    doub N N 270 
SER C   OXT  sing N N 271 
SER CB  OG   sing N N 272 
SER CB  HB2  sing N N 273 
SER CB  HB3  sing N N 274 
SER OG  HG   sing N N 275 
SER OXT HXT  sing N N 276 
THR N   CA   sing N N 277 
THR N   H    sing N N 278 
THR N   H2   sing N N 279 
THR CA  C    sing N N 280 
THR CA  CB   sing N N 281 
THR CA  HA   sing N N 282 
THR C   O    doub N N 283 
THR C   OXT  sing N N 284 
THR CB  OG1  sing N N 285 
THR CB  CG2  sing N N 286 
THR CB  HB   sing N N 287 
THR OG1 HG1  sing N N 288 
THR CG2 HG21 sing N N 289 
THR CG2 HG22 sing N N 290 
THR CG2 HG23 sing N N 291 
THR OXT HXT  sing N N 292 
TRP N   CA   sing N N 293 
TRP N   H    sing N N 294 
TRP N   H2   sing N N 295 
TRP CA  C    sing N N 296 
TRP CA  CB   sing N N 297 
TRP CA  HA   sing N N 298 
TRP C   O    doub N N 299 
TRP C   OXT  sing N N 300 
TRP CB  CG   sing N N 301 
TRP CB  HB2  sing N N 302 
TRP CB  HB3  sing N N 303 
TRP CG  CD1  doub Y N 304 
TRP CG  CD2  sing Y N 305 
TRP CD1 NE1  sing Y N 306 
TRP CD1 HD1  sing N N 307 
TRP CD2 CE2  doub Y N 308 
TRP CD2 CE3  sing Y N 309 
TRP NE1 CE2  sing Y N 310 
TRP NE1 HE1  sing N N 311 
TRP CE2 CZ2  sing Y N 312 
TRP CE3 CZ3  doub Y N 313 
TRP CE3 HE3  sing N N 314 
TRP CZ2 CH2  doub Y N 315 
TRP CZ2 HZ2  sing N N 316 
TRP CZ3 CH2  sing Y N 317 
TRP CZ3 HZ3  sing N N 318 
TRP CH2 HH2  sing N N 319 
TRP OXT HXT  sing N N 320 
TYR N   CA   sing N N 321 
TYR N   H    sing N N 322 
TYR N   H2   sing N N 323 
TYR CA  C    sing N N 324 
TYR CA  CB   sing N N 325 
TYR CA  HA   sing N N 326 
TYR C   O    doub N N 327 
TYR C   OXT  sing N N 328 
TYR CB  CG   sing N N 329 
TYR CB  HB2  sing N N 330 
TYR CB  HB3  sing N N 331 
TYR CG  CD1  doub Y N 332 
TYR CG  CD2  sing Y N 333 
TYR CD1 CE1  sing Y N 334 
TYR CD1 HD1  sing N N 335 
TYR CD2 CE2  doub Y N 336 
TYR CD2 HD2  sing N N 337 
TYR CE1 CZ   doub Y N 338 
TYR CE1 HE1  sing N N 339 
TYR CE2 CZ   sing Y N 340 
TYR CE2 HE2  sing N N 341 
TYR CZ  OH   sing N N 342 
TYR OH  HH   sing N N 343 
TYR OXT HXT  sing N N 344 
VAL N   CA   sing N N 345 
VAL N   H    sing N N 346 
VAL N   H2   sing N N 347 
VAL CA  C    sing N N 348 
VAL CA  CB   sing N N 349 
VAL CA  HA   sing N N 350 
VAL C   O    doub N N 351 
VAL C   OXT  sing N N 352 
VAL CB  CG1  sing N N 353 
VAL CB  CG2  sing N N 354 
VAL CB  HB   sing N N 355 
VAL CG1 HG11 sing N N 356 
VAL CG1 HG12 sing N N 357 
VAL CG1 HG13 sing N N 358 
VAL CG2 HG21 sing N N 359 
VAL CG2 HG22 sing N N 360 
VAL CG2 HG23 sing N N 361 
VAL OXT HXT  sing N N 362 
# 
_atom_sites.entry_id                    3ULL 
_atom_sites.fract_transf_matrix[1][1]   0.01851618 
_atom_sites.fract_transf_matrix[1][2]   0.00341075 
_atom_sites.fract_transf_matrix[1][3]   -0.00421618 
_atom_sites.fract_transf_matrix[2][1]   0.00493922 
_atom_sites.fract_transf_matrix[2][2]   -0.01679991 
_atom_sites.fract_transf_matrix[2][3]   0.00810097 
_atom_sites.fract_transf_matrix[3][1]   -0.00062993 
_atom_sites.fract_transf_matrix[3][2]   -0.00249083 
_atom_sites.fract_transf_matrix[3][3]   -0.00478144 
_atom_sites.fract_transf_vector[1]      0.469797 
_atom_sites.fract_transf_vector[2]      0.613802 
_atom_sites.fract_transf_vector[3]      0.175965 
# 
loop_
_atom_type.symbol 
C 
N 
O 
S 
# 
loop_
_atom_site.group_PDB 
_atom_site.id 
_atom_site.type_symbol 
_atom_site.label_atom_id 
_atom_site.label_alt_id 
_atom_site.label_comp_id 
_atom_site.label_asym_id 
_atom_site.label_entity_id 
_atom_site.label_seq_id 
_atom_site.pdbx_PDB_ins_code 
_atom_site.Cartn_x 
_atom_site.Cartn_y 
_atom_site.Cartn_z 
_atom_site.occupancy 
_atom_site.B_iso_or_equiv 
_atom_site.pdbx_formal_charge 
_atom_site.auth_seq_id 
_atom_site.auth_comp_id 
_atom_site.auth_asym_id 
_atom_site.auth_atom_id 
_atom_site.pdbx_PDB_model_num 
ATOM   1    N N   . LEU A 1 10  ? 20.392  -3.433  -15.328 1.00 45.75 ? 10  LEU A N   1 
ATOM   2    C CA  . LEU A 1 10  ? 20.364  -4.788  -14.809 1.00 44.21 ? 10  LEU A CA  1 
ATOM   3    C C   . LEU A 1 10  ? 19.005  -5.289  -14.310 1.00 44.05 ? 10  LEU A C   1 
ATOM   4    O O   . LEU A 1 10  ? 18.848  -6.522  -14.275 1.00 46.28 ? 10  LEU A O   1 
ATOM   5    C CB  . LEU A 1 10  ? 21.432  -4.910  -13.687 1.00 47.37 ? 10  LEU A CB  1 
ATOM   6    C CG  . LEU A 1 10  ? 21.583  -4.056  -12.392 1.00 48.12 ? 10  LEU A CG  1 
ATOM   7    C CD1 . LEU A 1 10  ? 21.783  -2.570  -12.739 1.00 47.40 ? 10  LEU A CD1 1 
ATOM   8    C CD2 . LEU A 1 10  ? 20.373  -4.284  -11.482 1.00 47.83 ? 10  LEU A CD2 1 
ATOM   9    N N   . GLU A 1 11  ? 18.023  -4.415  -13.940 1.00 49.57 ? 11  GLU A N   1 
ATOM   10   C CA  . GLU A 1 11  ? 16.743  -4.877  -13.401 1.00 44.73 ? 11  GLU A CA  1 
ATOM   11   C C   . GLU A 1 11  ? 15.597  -3.902  -13.139 1.00 41.04 ? 11  GLU A C   1 
ATOM   12   O O   . GLU A 1 11  ? 15.787  -2.871  -12.500 1.00 41.07 ? 11  GLU A O   1 
ATOM   13   C CB  . GLU A 1 11  ? 16.981  -5.590  -12.104 1.00 44.77 ? 11  GLU A CB  1 
ATOM   14   C CG  . GLU A 1 11  ? 16.474  -6.985  -12.150 1.00 46.72 ? 11  GLU A CG  1 
ATOM   15   C CD  . GLU A 1 11  ? 16.792  -7.655  -10.832 1.00 49.91 ? 11  GLU A CD  1 
ATOM   16   O OE1 . GLU A 1 11  ? 17.936  -8.101  -10.672 1.00 52.85 ? 11  GLU A OE1 1 
ATOM   17   O OE2 . GLU A 1 11  ? 15.911  -7.722  -9.964  1.00 50.79 ? 11  GLU A OE2 1 
ATOM   18   N N   . ARG A 1 12  ? 14.371  -4.248  -13.570 1.00 36.40 ? 12  ARG A N   1 
ATOM   19   C CA  . ARG A 1 12  ? 13.183  -3.459  -13.274 1.00 32.89 ? 12  ARG A CA  1 
ATOM   20   C C   . ARG A 1 12  ? 12.306  -4.114  -12.228 1.00 30.25 ? 12  ARG A C   1 
ATOM   21   O O   . ARG A 1 12  ? 12.117  -5.331  -12.237 1.00 29.25 ? 12  ARG A O   1 
ATOM   22   C CB  . ARG A 1 12  ? 12.205  -3.244  -14.444 1.00 33.30 ? 12  ARG A CB  1 
ATOM   23   C CG  . ARG A 1 12  ? 12.729  -3.000  -15.844 1.00 32.99 ? 12  ARG A CG  1 
ATOM   24   C CD  . ARG A 1 12  ? 12.701  -4.355  -16.533 1.00 34.59 ? 12  ARG A CD  1 
ATOM   25   N NE  . ARG A 1 12  ? 13.395  -5.411  -15.803 1.00 33.18 ? 12  ARG A NE  1 
ATOM   26   C CZ  . ARG A 1 12  ? 13.993  -6.433  -16.404 1.00 32.57 ? 12  ARG A CZ  1 
ATOM   27   N NH1 . ARG A 1 12  ? 13.983  -6.542  -17.731 1.00 33.52 ? 12  ARG A NH1 1 
ATOM   28   N NH2 . ARG A 1 12  ? 14.630  -7.330  -15.659 1.00 31.63 ? 12  ARG A NH2 1 
ATOM   29   N N   . SER A 1 13  ? 11.791  -3.246  -11.358 1.00 26.70 ? 13  SER A N   1 
ATOM   30   C CA  . SER A 1 13  ? 10.783  -3.590  -10.392 1.00 26.46 ? 13  SER A CA  1 
ATOM   31   C C   . SER A 1 13  ? 9.473   -2.841  -10.658 1.00 26.50 ? 13  SER A C   1 
ATOM   32   O O   . SER A 1 13  ? 9.369   -2.034  -11.581 1.00 27.95 ? 13  SER A O   1 
ATOM   33   C CB  . SER A 1 13  ? 11.335  -3.280  -9.032  1.00 26.02 ? 13  SER A CB  1 
ATOM   34   O OG  . SER A 1 13  ? 11.954  -2.010  -8.987  1.00 27.18 ? 13  SER A OG  1 
ATOM   35   N N   . LEU A 1 14  ? 8.394   -3.153  -9.942  1.00 27.35 ? 14  LEU A N   1 
ATOM   36   C CA  . LEU A 1 14  ? 7.096   -2.504  -10.101 1.00 27.10 ? 14  LEU A CA  1 
ATOM   37   C C   . LEU A 1 14  ? 6.492   -2.262  -8.736  1.00 25.76 ? 14  LEU A C   1 
ATOM   38   O O   . LEU A 1 14  ? 6.401   -3.157  -7.894  1.00 26.50 ? 14  LEU A O   1 
ATOM   39   C CB  . LEU A 1 14  ? 5.997   -3.315  -10.770 1.00 29.20 ? 14  LEU A CB  1 
ATOM   40   C CG  . LEU A 1 14  ? 5.713   -3.572  -12.244 1.00 31.66 ? 14  LEU A CG  1 
ATOM   41   C CD1 . LEU A 1 14  ? 4.414   -4.377  -12.278 1.00 31.36 ? 14  LEU A CD1 1 
ATOM   42   C CD2 . LEU A 1 14  ? 5.521   -2.292  -13.063 1.00 32.14 ? 14  LEU A CD2 1 
ATOM   43   N N   . ASN A 1 15  ? 5.994   -1.046  -8.560  1.00 23.91 ? 15  ASN A N   1 
ATOM   44   C CA  . ASN A 1 15  ? 5.284   -0.645  -7.368  1.00 22.07 ? 15  ASN A CA  1 
ATOM   45   C C   . ASN A 1 15  ? 4.090   0.134   -7.889  1.00 22.48 ? 15  ASN A C   1 
ATOM   46   O O   . ASN A 1 15  ? 4.162   1.334   -8.140  1.00 22.92 ? 15  ASN A O   1 
ATOM   47   C CB  . ASN A 1 15  ? 6.211   0.205   -6.506  1.00 19.46 ? 15  ASN A CB  1 
ATOM   48   C CG  . ASN A 1 15  ? 5.558   0.810   -5.289  1.00 19.66 ? 15  ASN A CG  1 
ATOM   49   O OD1 . ASN A 1 15  ? 4.349   0.653   -5.090  1.00 19.67 ? 15  ASN A OD1 1 
ATOM   50   N ND2 . ASN A 1 15  ? 6.359   1.525   -4.486  1.00 18.60 ? 15  ASN A ND2 1 
ATOM   51   N N   . ARG A 1 16  ? 2.999   -0.614  -8.090  1.00 22.73 ? 16  ARG A N   1 
ATOM   52   C CA  . ARG A 1 16  ? 1.770   -0.092  -8.645  1.00 22.53 ? 16  ARG A CA  1 
ATOM   53   C C   . ARG A 1 16  ? 0.570   -0.325  -7.775  1.00 22.32 ? 16  ARG A C   1 
ATOM   54   O O   . ARG A 1 16  ? 0.450   -1.374  -7.161  1.00 23.79 ? 16  ARG A O   1 
ATOM   55   C CB  . ARG A 1 16  ? 1.542   -0.738  -9.951  1.00 28.25 ? 16  ARG A CB  1 
ATOM   56   C CG  . ARG A 1 16  ? 2.398   -0.177  -11.052 1.00 33.62 ? 16  ARG A CG  1 
ATOM   57   C CD  . ARG A 1 16  ? 1.711   1.034   -11.671 1.00 37.79 ? 16  ARG A CD  1 
ATOM   58   N NE  . ARG A 1 16  ? 0.449   0.715   -12.353 1.00 42.56 ? 16  ARG A NE  1 
ATOM   59   C CZ  . ARG A 1 16  ? 0.269   -0.233  -13.307 1.00 44.50 ? 16  ARG A CZ  1 
ATOM   60   N NH1 . ARG A 1 16  ? 1.209   -1.063  -13.791 1.00 43.33 ? 16  ARG A NH1 1 
ATOM   61   N NH2 . ARG A 1 16  ? -0.934  -0.332  -13.844 1.00 44.80 ? 16  ARG A NH2 1 
ATOM   62   N N   . VAL A 1 17  ? -0.357  0.636   -7.735  1.00 21.83 ? 17  VAL A N   1 
ATOM   63   C CA  . VAL A 1 17  ? -1.571  0.559   -6.915  1.00 19.73 ? 17  VAL A CA  1 
ATOM   64   C C   . VAL A 1 17  ? -2.730  1.107   -7.718  1.00 17.69 ? 17  VAL A C   1 
ATOM   65   O O   . VAL A 1 17  ? -2.657  2.200   -8.239  1.00 17.97 ? 17  VAL A O   1 
ATOM   66   C CB  . VAL A 1 17  ? -1.510  1.407   -5.621  1.00 19.69 ? 17  VAL A CB  1 
ATOM   67   C CG1 . VAL A 1 17  ? -2.728  1.159   -4.779  1.00 20.23 ? 17  VAL A CG1 1 
ATOM   68   C CG2 . VAL A 1 17  ? -0.395  0.952   -4.739  1.00 19.32 ? 17  VAL A CG2 1 
ATOM   69   N N   . HIS A 1 18  ? -3.784  0.317   -7.825  1.00 16.56 ? 18  HIS A N   1 
ATOM   70   C CA  . HIS A 1 18  ? -5.012  0.642   -8.514  1.00 14.44 ? 18  HIS A CA  1 
ATOM   71   C C   . HIS A 1 18  ? -5.989  0.697   -7.375  1.00 12.81 ? 18  HIS A C   1 
ATOM   72   O O   . HIS A 1 18  ? -6.138  -0.282  -6.649  1.00 10.84 ? 18  HIS A O   1 
ATOM   73   C CB  . HIS A 1 18  ? -5.463  -0.458  -9.456  1.00 16.19 ? 18  HIS A CB  1 
ATOM   74   C CG  . HIS A 1 18  ? -4.610  -0.650  -10.690 1.00 18.14 ? 18  HIS A CG  1 
ATOM   75   N ND1 . HIS A 1 18  ? -4.981  -1.348  -11.750 1.00 19.83 ? 18  HIS A ND1 1 
ATOM   76   C CD2 . HIS A 1 18  ? -3.326  -0.200  -10.882 1.00 19.20 ? 18  HIS A CD2 1 
ATOM   77   C CE1 . HIS A 1 18  ? -3.958  -1.352  -12.582 1.00 20.33 ? 18  HIS A CE1 1 
ATOM   78   N NE2 . HIS A 1 18  ? -2.972  -0.659  -12.049 1.00 20.21 ? 18  HIS A NE2 1 
ATOM   79   N N   . LEU A 1 19  ? -6.675  1.817   -7.245  1.00 10.29 ? 19  LEU A N   1 
ATOM   80   C CA  . LEU A 1 19  ? -7.556  2.045   -6.136  1.00 10.78 ? 19  LEU A CA  1 
ATOM   81   C C   . LEU A 1 19  ? -8.758  2.620   -6.784  1.00 12.15 ? 19  LEU A C   1 
ATOM   82   O O   . LEU A 1 19  ? -8.623  3.435   -7.677  1.00 14.71 ? 19  LEU A O   1 
ATOM   83   C CB  . LEU A 1 19  ? -6.949  3.064   -5.203  1.00 10.60 ? 19  LEU A CB  1 
ATOM   84   C CG  . LEU A 1 19  ? -6.489  2.956   -3.741  1.00 9.49  ? 19  LEU A CG  1 
ATOM   85   C CD1 . LEU A 1 19  ? -6.451  1.561   -3.266  1.00 9.15  ? 19  LEU A CD1 1 
ATOM   86   C CD2 . LEU A 1 19  ? -5.148  3.607   -3.639  1.00 6.22  ? 19  LEU A CD2 1 
ATOM   87   N N   . LEU A 1 20  ? -9.954  2.184   -6.462  1.00 14.29 ? 20  LEU A N   1 
ATOM   88   C CA  . LEU A 1 20  ? -11.144 2.874   -6.938  1.00 16.69 ? 20  LEU A CA  1 
ATOM   89   C C   . LEU A 1 20  ? -12.001 3.019   -5.663  1.00 19.52 ? 20  LEU A C   1 
ATOM   90   O O   . LEU A 1 20  ? -12.205 2.029   -4.950  1.00 24.21 ? 20  LEU A O   1 
ATOM   91   C CB  . LEU A 1 20  ? -11.802 2.021   -8.009  1.00 15.61 ? 20  LEU A CB  1 
ATOM   92   C CG  . LEU A 1 20  ? -12.971 2.598   -8.822  1.00 16.59 ? 20  LEU A CG  1 
ATOM   93   C CD1 . LEU A 1 20  ? -13.157 1.706   -10.061 1.00 14.01 ? 20  LEU A CD1 1 
ATOM   94   C CD2 . LEU A 1 20  ? -14.265 2.724   -7.961  1.00 14.84 ? 20  LEU A CD2 1 
ATOM   95   N N   . GLY A 1 21  ? -12.462 4.217   -5.266  1.00 18.72 ? 21  GLY A N   1 
ATOM   96   C CA  . GLY A 1 21  ? -13.242 4.362   -4.057  1.00 16.10 ? 21  GLY A CA  1 
ATOM   97   C C   . GLY A 1 21  ? -13.767 5.777   -3.929  1.00 18.59 ? 21  GLY A C   1 
ATOM   98   O O   . GLY A 1 21  ? -13.606 6.564   -4.851  1.00 19.21 ? 21  GLY A O   1 
ATOM   99   N N   . ARG A 1 22  ? -14.421 6.119   -2.800  1.00 19.27 ? 22  ARG A N   1 
ATOM   100  C CA  . ARG A 1 22  ? -15.029 7.406   -2.547  1.00 18.07 ? 22  ARG A CA  1 
ATOM   101  C C   . ARG A 1 22  ? -14.155 8.205   -1.670  1.00 17.50 ? 22  ARG A C   1 
ATOM   102  O O   . ARG A 1 22  ? -13.620 7.712   -0.688  1.00 17.45 ? 22  ARG A O   1 
ATOM   103  C CB  . ARG A 1 22  ? -16.300 7.287   -1.837  1.00 20.94 ? 22  ARG A CB  1 
ATOM   104  C CG  . ARG A 1 22  ? -17.236 6.611   -2.756  1.00 26.68 ? 22  ARG A CG  1 
ATOM   105  C CD  . ARG A 1 22  ? -18.646 6.868   -2.262  1.00 30.58 ? 22  ARG A CD  1 
ATOM   106  N NE  . ARG A 1 22  ? -19.387 6.950   -3.498  1.00 34.21 ? 22  ARG A NE  1 
ATOM   107  C CZ  . ARG A 1 22  ? -20.186 7.963   -3.764  1.00 36.37 ? 22  ARG A CZ  1 
ATOM   108  N NH1 . ARG A 1 22  ? -20.392 8.976   -2.885  1.00 36.55 ? 22  ARG A NH1 1 
ATOM   109  N NH2 . ARG A 1 22  ? -20.691 7.967   -5.000  1.00 37.65 ? 22  ARG A NH2 1 
ATOM   110  N N   . VAL A 1 23  ? -14.034 9.462   -2.035  1.00 18.21 ? 23  VAL A N   1 
ATOM   111  C CA  . VAL A 1 23  ? -13.193 10.415  -1.312  1.00 18.52 ? 23  VAL A CA  1 
ATOM   112  C C   . VAL A 1 23  ? -13.870 10.773  0.015   1.00 20.00 ? 23  VAL A C   1 
ATOM   113  O O   . VAL A 1 23  ? -15.083 11.019  0.113   1.00 19.53 ? 23  VAL A O   1 
ATOM   114  C CB  . VAL A 1 23  ? -13.007 11.600  -2.283  1.00 16.86 ? 23  VAL A CB  1 
ATOM   115  C CG1 . VAL A 1 23  ? -12.334 12.703  -1.496  1.00 16.31 ? 23  VAL A CG1 1 
ATOM   116  C CG2 . VAL A 1 23  ? -12.242 11.207  -3.533  1.00 12.14 ? 23  VAL A CG2 1 
ATOM   117  N N   . GLY A 1 24  ? -13.054 10.773  1.057   1.00 22.64 ? 24  GLY A N   1 
ATOM   118  C CA  . GLY A 1 24  ? -13.556 10.960  2.396   1.00 26.01 ? 24  GLY A CA  1 
ATOM   119  C C   . GLY A 1 24  ? -13.607 12.411  2.808   1.00 31.46 ? 24  GLY A C   1 
ATOM   120  O O   . GLY A 1 24  ? -14.464 12.807  3.589   1.00 34.11 ? 24  GLY A O   1 
ATOM   121  N N   . GLN A 1 25  ? -12.724 13.275  2.335   1.00 35.56 ? 25  GLN A N   1 
ATOM   122  C CA  . GLN A 1 25  ? -12.723 14.671  2.770   1.00 39.39 ? 25  GLN A CA  1 
ATOM   123  C C   . GLN A 1 25  ? -12.285 15.564  1.627   1.00 39.85 ? 25  GLN A C   1 
ATOM   124  O O   . GLN A 1 25  ? -11.608 15.098  0.712   1.00 40.81 ? 25  GLN A O   1 
ATOM   125  C CB  . GLN A 1 25  ? -11.760 14.860  3.931   1.00 40.46 ? 25  GLN A CB  1 
ATOM   126  C CG  . GLN A 1 25  ? -10.359 14.452  3.480   1.00 43.85 ? 25  GLN A CG  1 
ATOM   127  C CD  . GLN A 1 25  ? -9.260  15.037  4.330   1.00 47.19 ? 25  GLN A CD  1 
ATOM   128  O OE1 . GLN A 1 25  ? -8.344  15.738  3.856   1.00 48.94 ? 25  GLN A OE1 1 
ATOM   129  N NE2 . GLN A 1 25  ? -9.366  14.711  5.625   1.00 48.21 ? 25  GLN A NE2 1 
ATOM   130  N N   . ASP A 1 26  ? -12.575 16.866  1.712   1.00 41.65 ? 26  ASP A N   1 
ATOM   131  C CA  . ASP A 1 26  ? -12.139 17.836  0.713   1.00 42.51 ? 26  ASP A CA  1 
ATOM   132  C C   . ASP A 1 26  ? -10.626 18.054  0.772   1.00 41.67 ? 26  ASP A C   1 
ATOM   133  O O   . ASP A 1 26  ? -10.088 18.277  1.862   1.00 41.92 ? 26  ASP A O   1 
ATOM   134  C CB  . ASP A 1 26  ? -12.845 19.164  0.946   1.00 45.85 ? 26  ASP A CB  1 
ATOM   135  C CG  . ASP A 1 26  ? -14.357 19.050  0.830   1.00 48.13 ? 26  ASP A CG  1 
ATOM   136  O OD1 . ASP A 1 26  ? -14.875 19.181  -0.276  1.00 48.26 ? 26  ASP A OD1 1 
ATOM   137  O OD2 . ASP A 1 26  ? -15.012 18.825  1.848   1.00 50.94 ? 26  ASP A OD2 1 
ATOM   138  N N   . PRO A 1 27  ? -9.892  17.980  -0.354  1.00 40.85 ? 27  PRO A N   1 
ATOM   139  C CA  . PRO A 1 27  ? -8.436  18.072  -0.416  1.00 40.32 ? 27  PRO A CA  1 
ATOM   140  C C   . PRO A 1 27  ? -7.778  19.338  0.115   1.00 40.50 ? 27  PRO A C   1 
ATOM   141  O O   . PRO A 1 27  ? -8.273  20.458  -0.029  1.00 41.94 ? 27  PRO A O   1 
ATOM   142  C CB  . PRO A 1 27  ? -8.123  17.819  -1.875  1.00 40.25 ? 27  PRO A CB  1 
ATOM   143  C CG  . PRO A 1 27  ? -9.359  18.280  -2.598  1.00 39.60 ? 27  PRO A CG  1 
ATOM   144  C CD  . PRO A 1 27  ? -10.428 17.711  -1.680  1.00 40.25 ? 27  PRO A CD  1 
ATOM   145  N N   . VAL A 1 28  ? -6.637  19.106  0.772   1.00 39.18 ? 28  VAL A N   1 
ATOM   146  C CA  . VAL A 1 28  ? -5.850  20.161  1.396   1.00 38.56 ? 28  VAL A CA  1 
ATOM   147  C C   . VAL A 1 28  ? -4.545  20.396  0.641   1.00 39.09 ? 28  VAL A C   1 
ATOM   148  O O   . VAL A 1 28  ? -3.773  19.466  0.407   1.00 38.61 ? 28  VAL A O   1 
ATOM   149  C CB  . VAL A 1 28  ? -5.558  19.776  2.882   1.00 38.50 ? 28  VAL A CB  1 
ATOM   150  C CG1 . VAL A 1 28  ? -4.778  20.884  3.576   1.00 37.81 ? 28  VAL A CG1 1 
ATOM   151  C CG2 . VAL A 1 28  ? -6.866  19.570  3.639   1.00 38.92 ? 28  VAL A CG2 1 
ATOM   152  N N   . LEU A 1 29  ? -4.308  21.655  0.243   1.00 41.99 ? 29  LEU A N   1 
ATOM   153  C CA  . LEU A 1 29  ? -3.048  22.046  -0.371  1.00 44.85 ? 29  LEU A CA  1 
ATOM   154  C C   . LEU A 1 29  ? -2.036  22.239  0.746   1.00 46.51 ? 29  LEU A C   1 
ATOM   155  O O   . LEU A 1 29  ? -2.139  23.129  1.596   1.00 47.18 ? 29  LEU A O   1 
ATOM   156  C CB  . LEU A 1 29  ? -3.156  23.361  -1.146  1.00 43.82 ? 29  LEU A CB  1 
ATOM   157  C CG  . LEU A 1 29  ? -3.038  23.359  -2.672  1.00 42.90 ? 29  LEU A CG  1 
ATOM   158  C CD1 . LEU A 1 29  ? -2.947  24.797  -3.160  1.00 43.88 ? 29  LEU A CD1 1 
ATOM   159  C CD2 . LEU A 1 29  ? -1.785  22.625  -3.119  1.00 42.74 ? 29  LEU A CD2 1 
ATOM   160  N N   . ARG A 1 30  ? -1.070  21.324  0.737   1.00 44.36 ? 30  ARG A N   1 
ATOM   161  C CA  . ARG A 1 30  ? -0.032  21.323  1.738   1.00 43.50 ? 30  ARG A CA  1 
ATOM   162  C C   . ARG A 1 30  ? 1.225   22.022  1.252   1.00 46.27 ? 30  ARG A C   1 
ATOM   163  O O   . ARG A 1 30  ? 1.868   21.631  0.277   1.00 45.42 ? 30  ARG A O   1 
ATOM   164  C CB  . ARG A 1 30  ? 0.272   19.881  2.129   1.00 46.19 ? 30  ARG A CB  1 
ATOM   165  C CG  . ARG A 1 30  ? 0.769   19.679  3.559   1.00 47.07 ? 30  ARG A CG  1 
ATOM   166  C CD  . ARG A 1 30  ? -0.327  19.885  4.613   1.00 47.70 ? 30  ARG A CD  1 
ATOM   167  N NE  . ARG A 1 30  ? -0.764  21.269  4.735   1.00 48.29 ? 30  ARG A NE  1 
ATOM   168  C CZ  . ARG A 1 30  ? -1.633  21.678  5.665   1.00 47.11 ? 30  ARG A CZ  1 
ATOM   169  N NH1 . ARG A 1 30  ? -2.162  20.835  6.552   1.00 48.80 ? 30  ARG A NH1 1 
ATOM   170  N NH2 . ARG A 1 30  ? -1.995  22.958  5.696   1.00 50.71 ? 30  ARG A NH2 1 
ATOM   171  N N   . GLN A 1 31  ? 1.526   23.108  1.965   1.00 45.99 ? 31  GLN A N   1 
ATOM   172  C CA  . GLN A 1 31  ? 2.708   23.911  1.727   1.00 44.70 ? 31  GLN A CA  1 
ATOM   173  C C   . GLN A 1 31  ? 3.224   24.358  3.093   1.00 45.11 ? 31  GLN A C   1 
ATOM   174  O O   . GLN A 1 31  ? 3.081   25.498  3.540   1.00 45.87 ? 31  GLN A O   1 
ATOM   175  C CB  . GLN A 1 31  ? 2.332   25.103  0.824   1.00 46.81 ? 31  GLN A CB  1 
ATOM   176  C CG  . GLN A 1 31  ? 3.463   26.069  0.442   1.00 47.57 ? 31  GLN A CG  1 
ATOM   177  C CD  . GLN A 1 31  ? 4.685   25.427  -0.203  1.00 48.21 ? 31  GLN A CD  1 
ATOM   178  O OE1 . GLN A 1 31  ? 5.621   25.011  0.478   1.00 48.58 ? 31  GLN A OE1 1 
ATOM   179  N NE2 . GLN A 1 31  ? 4.724   25.346  -1.529  1.00 48.58 ? 31  GLN A NE2 1 
ATOM   180  N N   . VAL A 1 32  ? 3.794   23.364  3.784   1.00 46.41 ? 32  VAL A N   1 
ATOM   181  C CA  . VAL A 1 32  ? 4.407   23.547  5.092   1.00 44.28 ? 32  VAL A CA  1 
ATOM   182  C C   . VAL A 1 32  ? 5.790   24.146  4.840   1.00 45.70 ? 32  VAL A C   1 
ATOM   183  O O   . VAL A 1 32  ? 6.490   23.746  3.909   1.00 46.46 ? 32  VAL A O   1 
ATOM   184  C CB  . VAL A 1 32  ? 4.507   22.179  5.819   1.00 47.21 ? 32  VAL A CB  1 
ATOM   185  C CG1 . VAL A 1 32  ? 4.950   22.391  7.256   1.00 48.82 ? 32  VAL A CG1 1 
ATOM   186  C CG2 . VAL A 1 32  ? 3.152   21.489  5.853   1.00 48.21 ? 32  VAL A CG2 1 
ATOM   187  N N   . GLU A 1 33  ? 6.187   25.098  5.698   1.00 44.60 ? 33  GLU A N   1 
ATOM   188  C CA  . GLU A 1 33  ? 7.399   25.919  5.627   1.00 44.16 ? 33  GLU A CA  1 
ATOM   189  C C   . GLU A 1 33  ? 7.750   26.500  4.255   1.00 45.20 ? 33  GLU A C   1 
ATOM   190  O O   . GLU A 1 33  ? 7.535   27.696  4.046   1.00 46.83 ? 33  GLU A O   1 
ATOM   191  C CB  . GLU A 1 33  ? 8.649   25.154  6.179   1.00 47.52 ? 33  GLU A CB  1 
ATOM   192  C CG  . GLU A 1 33  ? 9.213   23.812  5.674   1.00 48.36 ? 33  GLU A CG  1 
ATOM   193  C CD  . GLU A 1 33  ? 8.573   22.548  6.242   1.00 48.66 ? 33  GLU A CD  1 
ATOM   194  O OE1 . GLU A 1 33  ? 8.523   22.393  7.463   1.00 48.77 ? 33  GLU A OE1 1 
ATOM   195  O OE2 . GLU A 1 33  ? 8.139   21.711  5.451   1.00 49.37 ? 33  GLU A OE2 1 
ATOM   196  N N   . GLY A 1 34  ? 8.273   25.717  3.302   1.00 46.22 ? 34  GLY A N   1 
ATOM   197  C CA  . GLY A 1 34  ? 8.590   26.189  1.963   1.00 45.37 ? 34  GLY A CA  1 
ATOM   198  C C   . GLY A 1 34  ? 9.065   25.062  1.053   1.00 46.35 ? 34  GLY A C   1 
ATOM   199  O O   . GLY A 1 34  ? 9.949   25.264  0.217   1.00 46.42 ? 34  GLY A O   1 
ATOM   200  N N   . LYS A 1 35  ? 8.473   23.868  1.202   1.00 42.88 ? 35  LYS A N   1 
ATOM   201  C CA  . LYS A 1 35  ? 8.841   22.704  0.404   1.00 41.06 ? 35  LYS A CA  1 
ATOM   202  C C   . LYS A 1 35  ? 8.090   22.621  -0.930  1.00 42.87 ? 35  LYS A C   1 
ATOM   203  O O   . LYS A 1 35  ? 7.343   23.535  -1.284  1.00 40.32 ? 35  LYS A O   1 
ATOM   204  C CB  . LYS A 1 35  ? 8.599   21.435  1.259   1.00 43.74 ? 35  LYS A CB  1 
ATOM   205  C CG  . LYS A 1 35  ? 7.258   20.681  1.240   1.00 43.90 ? 35  LYS A CG  1 
ATOM   206  C CD  . LYS A 1 35  ? 6.044   21.496  1.666   1.00 44.21 ? 35  LYS A CD  1 
ATOM   207  C CE  . LYS A 1 35  ? 4.768   20.681  1.541   1.00 44.99 ? 35  LYS A CE  1 
ATOM   208  N NZ  . LYS A 1 35  ? 4.709   19.633  2.541   1.00 45.87 ? 35  LYS A NZ  1 
ATOM   209  N N   . ASN A 1 36  ? 8.278   21.545  -1.704  1.00 38.46 ? 36  ASN A N   1 
ATOM   210  C CA  . ASN A 1 36  ? 7.552   21.341  -2.950  1.00 37.48 ? 36  ASN A CA  1 
ATOM   211  C C   . ASN A 1 36  ? 6.113   20.874  -2.686  1.00 38.82 ? 36  ASN A C   1 
ATOM   212  O O   . ASN A 1 36  ? 5.902   19.828  -2.067  1.00 39.21 ? 36  ASN A O   1 
ATOM   213  C CB  . ASN A 1 36  ? 8.313   20.319  -3.821  1.00 40.36 ? 36  ASN A CB  1 
ATOM   214  C CG  . ASN A 1 36  ? 8.639   18.975  -3.171  1.00 40.47 ? 36  ASN A CG  1 
ATOM   215  O OD1 . ASN A 1 36  ? 8.234   17.922  -3.661  1.00 41.59 ? 36  ASN A OD1 1 
ATOM   216  N ND2 . ASN A 1 36  ? 9.374   18.960  -2.063  1.00 40.69 ? 36  ASN A ND2 1 
ATOM   217  N N   . PRO A 1 37  ? 5.085   21.634  -3.112  1.00 38.68 ? 37  PRO A N   1 
ATOM   218  C CA  . PRO A 1 37  ? 3.687   21.473  -2.698  1.00 37.99 ? 37  PRO A CA  1 
ATOM   219  C C   . PRO A 1 37  ? 2.961   20.175  -3.049  1.00 38.07 ? 37  PRO A C   1 
ATOM   220  O O   . PRO A 1 37  ? 3.274   19.500  -4.034  1.00 38.79 ? 37  PRO A O   1 
ATOM   221  C CB  . PRO A 1 37  ? 3.011   22.695  -3.279  1.00 38.16 ? 37  PRO A CB  1 
ATOM   222  C CG  . PRO A 1 37  ? 3.803   22.972  -4.530  1.00 39.80 ? 37  PRO A CG  1 
ATOM   223  C CD  . PRO A 1 37  ? 5.219   22.770  -4.023  1.00 37.00 ? 37  PRO A CD  1 
ATOM   224  N N   . VAL A 1 38  ? 1.977   19.825  -2.209  1.00 35.66 ? 38  VAL A N   1 
ATOM   225  C CA  . VAL A 1 38  ? 1.209   18.590  -2.352  1.00 34.99 ? 38  VAL A CA  1 
ATOM   226  C C   . VAL A 1 38  ? -0.290  18.835  -2.205  1.00 35.24 ? 38  VAL A C   1 
ATOM   227  O O   . VAL A 1 38  ? -0.716  19.774  -1.535  1.00 35.93 ? 38  VAL A O   1 
ATOM   228  C CB  . VAL A 1 38  ? 1.577   17.521  -1.281  1.00 37.06 ? 38  VAL A CB  1 
ATOM   229  C CG1 . VAL A 1 38  ? 1.510   16.184  -1.986  1.00 37.01 ? 38  VAL A CG1 1 
ATOM   230  C CG2 . VAL A 1 38  ? 2.942   17.721  -0.638  1.00 38.13 ? 38  VAL A CG2 1 
ATOM   231  N N   . THR A 1 39  ? -1.109  17.998  -2.851  1.00 32.92 ? 39  THR A N   1 
ATOM   232  C CA  . THR A 1 39  ? -2.553  18.012  -2.659  1.00 30.22 ? 39  THR A CA  1 
ATOM   233  C C   . THR A 1 39  ? -2.882  16.684  -1.989  1.00 28.19 ? 39  THR A C   1 
ATOM   234  O O   . THR A 1 39  ? -2.737  15.603  -2.561  1.00 29.57 ? 39  THR A O   1 
ATOM   235  C CB  . THR A 1 39  ? -3.293  18.140  -4.004  1.00 28.65 ? 39  THR A CB  1 
ATOM   236  O OG1 . THR A 1 39  ? -3.017  19.453  -4.467  1.00 29.47 ? 39  THR A OG1 1 
ATOM   237  C CG2 . THR A 1 39  ? -4.803  17.950  -3.903  1.00 25.95 ? 39  THR A CG2 1 
ATOM   238  N N   . ILE A 1 40  ? -3.339  16.782  -0.742  1.00 25.41 ? 40  ILE A N   1 
ATOM   239  C CA  . ILE A 1 40  ? -3.586  15.624  0.082   1.00 23.27 ? 40  ILE A CA  1 
ATOM   240  C C   . ILE A 1 40  ? -5.079  15.357  0.175   1.00 23.04 ? 40  ILE A C   1 
ATOM   241  O O   . ILE A 1 40  ? -5.828  16.257  0.542   1.00 25.02 ? 40  ILE A O   1 
ATOM   242  C CB  . ILE A 1 40  ? -3.062  15.827  1.565   1.00 23.92 ? 40  ILE A CB  1 
ATOM   243  C CG1 . ILE A 1 40  ? -1.682  16.451  1.701   1.00 21.70 ? 40  ILE A CG1 1 
ATOM   244  C CG2 . ILE A 1 40  ? -3.032  14.439  2.194   1.00 25.39 ? 40  ILE A CG2 1 
ATOM   245  C CD1 . ILE A 1 40  ? -0.482  15.591  1.363   1.00 19.55 ? 40  ILE A CD1 1 
ATOM   246  N N   . PHE A 1 41  ? -5.599  14.167  -0.117  1.00 22.75 ? 41  PHE A N   1 
ATOM   247  C CA  . PHE A 1 41  ? -6.990  13.811  0.260   1.00 22.99 ? 41  PHE A CA  1 
ATOM   248  C C   . PHE A 1 41  ? -7.025  12.368  0.757   1.00 22.46 ? 41  PHE A C   1 
ATOM   249  O O   . PHE A 1 41  ? -5.980  11.705  0.725   1.00 24.73 ? 41  PHE A O   1 
ATOM   250  C CB  . PHE A 1 41  ? -7.970  13.930  -0.899  1.00 21.39 ? 41  PHE A CB  1 
ATOM   251  C CG  . PHE A 1 41  ? -7.434  13.485  -2.264  1.00 21.93 ? 41  PHE A CG  1 
ATOM   252  C CD1 . PHE A 1 41  ? -6.685  14.345  -3.031  1.00 23.06 ? 41  PHE A CD1 1 
ATOM   253  C CD2 . PHE A 1 41  ? -7.735  12.244  -2.786  1.00 21.67 ? 41  PHE A CD2 1 
ATOM   254  C CE1 . PHE A 1 41  ? -6.256  13.972  -4.288  1.00 23.49 ? 41  PHE A CE1 1 
ATOM   255  C CE2 . PHE A 1 41  ? -7.303  11.879  -4.044  1.00 21.93 ? 41  PHE A CE2 1 
ATOM   256  C CZ  . PHE A 1 41  ? -6.559  12.740  -4.806  1.00 22.03 ? 41  PHE A CZ  1 
ATOM   257  N N   . SER A 1 42  ? -8.113  11.801  1.284   1.00 22.66 ? 42  SER A N   1 
ATOM   258  C CA  . SER A 1 42  ? -8.117  10.380  1.670   1.00 21.43 ? 42  SER A CA  1 
ATOM   259  C C   . SER A 1 42  ? -9.173  9.633   0.865   1.00 22.29 ? 42  SER A C   1 
ATOM   260  O O   . SER A 1 42  ? -10.229 10.212  0.572   1.00 23.99 ? 42  SER A O   1 
ATOM   261  C CB  . SER A 1 42  ? -8.433  10.225  3.139   1.00 19.88 ? 42  SER A CB  1 
ATOM   262  O OG  . SER A 1 42  ? -9.770  10.651  3.245   1.00 19.32 ? 42  SER A OG  1 
ATOM   263  N N   . LEU A 1 43  ? -8.923  8.374   0.479   1.00 22.62 ? 43  LEU A N   1 
ATOM   264  C CA  . LEU A 1 43  ? -9.892  7.598   -0.292  1.00 20.47 ? 43  LEU A CA  1 
ATOM   265  C C   . LEU A 1 43  ? -10.455 6.449   0.516   1.00 21.19 ? 43  LEU A C   1 
ATOM   266  O O   . LEU A 1 43  ? -9.705  5.760   1.208   1.00 23.57 ? 43  LEU A O   1 
ATOM   267  C CB  . LEU A 1 43  ? -9.211  7.056   -1.523  1.00 20.88 ? 43  LEU A CB  1 
ATOM   268  C CG  . LEU A 1 43  ? -10.095 6.628   -2.646  1.00 19.94 ? 43  LEU A CG  1 
ATOM   269  C CD1 . LEU A 1 43  ? -10.000 7.662   -3.717  1.00 21.15 ? 43  LEU A CD1 1 
ATOM   270  C CD2 . LEU A 1 43  ? -9.694  5.281   -3.166  1.00 20.33 ? 43  LEU A CD2 1 
ATOM   271  N N   . ALA A 1 44  ? -11.767 6.203   0.488   1.00 22.09 ? 44  ALA A N   1 
ATOM   272  C CA  . ALA A 1 44  ? -12.346 5.051   1.180   1.00 23.16 ? 44  ALA A CA  1 
ATOM   273  C C   . ALA A 1 44  ? -12.575 3.816   0.290   1.00 24.29 ? 44  ALA A C   1 
ATOM   274  O O   . ALA A 1 44  ? -13.264 3.806   -0.713  1.00 25.21 ? 44  ALA A O   1 
ATOM   275  C CB  . ALA A 1 44  ? -13.696 5.410   1.805   1.00 22.20 ? 44  ALA A CB  1 
ATOM   276  N N   . THR A 1 45  ? -11.999 2.705   0.674   1.00 26.41 ? 45  THR A N   1 
ATOM   277  C CA  . THR A 1 45  ? -12.115 1.431   0.027   1.00 27.08 ? 45  THR A CA  1 
ATOM   278  C C   . THR A 1 45  ? -12.827 0.507   0.992   1.00 31.57 ? 45  THR A C   1 
ATOM   279  O O   . THR A 1 45  ? -12.525 0.540   2.178   1.00 32.04 ? 45  THR A O   1 
ATOM   280  C CB  . THR A 1 45  ? -10.688 1.080   -0.276  1.00 24.40 ? 45  THR A CB  1 
ATOM   281  O OG1 . THR A 1 45  ? -10.621 1.443   -1.645  1.00 25.08 ? 45  THR A OG1 1 
ATOM   282  C CG2 . THR A 1 45  ? -10.240 -0.315  0.075   1.00 22.30 ? 45  THR A CG2 1 
ATOM   283  N N   . ASN A 1 46  ? -13.778 -0.307  0.556   1.00 37.37 ? 46  ASN A N   1 
ATOM   284  C CA  . ASN A 1 46  ? -14.450 -1.226  1.454   1.00 36.06 ? 46  ASN A CA  1 
ATOM   285  C C   . ASN A 1 46  ? -14.005 -2.619  1.130   1.00 37.95 ? 46  ASN A C   1 
ATOM   286  O O   . ASN A 1 46  ? -13.299 -2.856  0.149   1.00 38.81 ? 46  ASN A O   1 
ATOM   287  C CB  . ASN A 1 46  ? -15.943 -1.193  1.303   1.00 38.26 ? 46  ASN A CB  1 
ATOM   288  C CG  . ASN A 1 46  ? -16.426 0.217   1.088   1.00 38.72 ? 46  ASN A CG  1 
ATOM   289  O OD1 . ASN A 1 46  ? -16.286 1.112   1.917   1.00 39.28 ? 46  ASN A OD1 1 
ATOM   290  N ND2 . ASN A 1 46  ? -16.961 0.409   -0.110  1.00 39.74 ? 46  ASN A ND2 1 
ATOM   291  N N   . GLU A 1 47  ? -14.427 -3.550  1.975   1.00 41.45 ? 47  GLU A N   1 
ATOM   292  C CA  . GLU A 1 47  ? -14.053 -4.931  1.799   1.00 41.38 ? 47  GLU A CA  1 
ATOM   293  C C   . GLU A 1 47  ? -14.933 -5.837  2.621   1.00 42.61 ? 47  GLU A C   1 
ATOM   294  O O   . GLU A 1 47  ? -14.931 -5.826  3.847   1.00 42.38 ? 47  GLU A O   1 
ATOM   295  C CB  . GLU A 1 47  ? -12.569 -5.123  2.181   1.00 43.18 ? 47  GLU A CB  1 
ATOM   296  C CG  . GLU A 1 47  ? -12.031 -6.557  2.180   1.00 46.91 ? 47  GLU A CG  1 
ATOM   297  C CD  . GLU A 1 47  ? -12.245 -7.435  0.940   1.00 49.32 ? 47  GLU A CD  1 
ATOM   298  O OE1 . GLU A 1 47  ? -12.421 -6.931  -0.178  1.00 50.38 ? 47  GLU A OE1 1 
ATOM   299  O OE2 . GLU A 1 47  ? -12.229 -8.659  1.107   1.00 51.12 ? 47  GLU A OE2 1 
ATOM   300  N N   . MET A 1 48  ? -15.710 -6.624  1.890   1.00 42.27 ? 48  MET A N   1 
ATOM   301  C CA  . MET A 1 48  ? -16.524 -7.638  2.516   1.00 41.82 ? 48  MET A CA  1 
ATOM   302  C C   . MET A 1 48  ? -15.752 -8.953  2.574   1.00 42.69 ? 48  MET A C   1 
ATOM   303  O O   . MET A 1 48  ? -15.073 -9.345  1.621   1.00 43.96 ? 48  MET A O   1 
ATOM   304  C CB  . MET A 1 48  ? -17.808 -7.845  1.744   1.00 44.81 ? 48  MET A CB  1 
ATOM   305  C CG  . MET A 1 48  ? -18.590 -6.564  1.544   1.00 44.37 ? 48  MET A CG  1 
ATOM   306  S SD  . MET A 1 48  ? -20.338 -6.921  1.243   1.00 46.09 ? 48  MET A SD  1 
ATOM   307  C CE  . MET A 1 48  ? -20.280 -7.432  -0.457  1.00 46.03 ? 48  MET A CE  1 
ATOM   308  N N   . TRP A 1 49  ? -15.838 -9.672  3.693   1.00 47.21 ? 49  TRP A N   1 
ATOM   309  C CA  . TRP A 1 49  ? -15.070 -10.896 3.870   1.00 47.37 ? 49  TRP A CA  1 
ATOM   310  C C   . TRP A 1 49  ? -15.893 -12.155 3.624   1.00 48.11 ? 49  TRP A C   1 
ATOM   311  O O   . TRP A 1 49  ? -16.981 -12.311 4.180   1.00 47.03 ? 49  TRP A O   1 
ATOM   312  C CB  . TRP A 1 49  ? -14.498 -10.968 5.291   1.00 49.61 ? 49  TRP A CB  1 
ATOM   313  C CG  . TRP A 1 49  ? -13.977 -9.663  5.897   1.00 50.43 ? 49  TRP A CG  1 
ATOM   314  C CD1 . TRP A 1 49  ? -13.363 -8.683  5.154   1.00 50.93 ? 49  TRP A CD1 1 
ATOM   315  C CD2 . TRP A 1 49  ? -14.076 -9.326  7.221   1.00 51.11 ? 49  TRP A CD2 1 
ATOM   316  N NE1 . TRP A 1 49  ? -13.073 -7.731  6.002   1.00 51.62 ? 49  TRP A NE1 1 
ATOM   317  C CE2 . TRP A 1 49  ? -13.483 -8.076  7.240   1.00 52.48 ? 49  TRP A CE2 1 
ATOM   318  C CE3 . TRP A 1 49  ? -14.570 -9.886  8.386   1.00 53.00 ? 49  TRP A CE3 1 
ATOM   319  C CZ2 . TRP A 1 49  ? -13.374 -7.370  8.425   1.00 53.20 ? 49  TRP A CZ2 1 
ATOM   320  C CZ3 . TRP A 1 49  ? -14.460 -9.172  9.568   1.00 53.38 ? 49  TRP A CZ3 1 
ATOM   321  C CH2 . TRP A 1 49  ? -13.866 -7.925  9.589   1.00 53.30 ? 49  TRP A CH2 1 
ATOM   322  N N   . ARG A 1 50  ? -15.400 -13.044 2.748   1.00 51.14 ? 50  ARG A N   1 
ATOM   323  C CA  . ARG A 1 50  ? -16.014 -14.353 2.542   1.00 51.59 ? 50  ARG A CA  1 
ATOM   324  C C   . ARG A 1 50  ? -15.067 -15.381 3.154   1.00 51.38 ? 50  ARG A C   1 
ATOM   325  O O   . ARG A 1 50  ? -13.892 -15.498 2.792   1.00 51.33 ? 50  ARG A O   1 
ATOM   326  C CB  . ARG A 1 50  ? -16.206 -14.671 1.045   1.00 52.49 ? 50  ARG A CB  1 
ATOM   327  C CG  . ARG A 1 50  ? -17.048 -15.933 0.790   1.00 53.49 ? 50  ARG A CG  1 
ATOM   328  C CD  . ARG A 1 50  ? -17.146 -16.259 -0.702  1.00 54.44 ? 50  ARG A CD  1 
ATOM   329  N NE  . ARG A 1 50  ? -18.025 -17.394 -0.964  1.00 54.34 ? 50  ARG A NE  1 
ATOM   330  C CZ  . ARG A 1 50  ? -18.259 -17.884 -2.193  1.00 55.63 ? 50  ARG A CZ  1 
ATOM   331  N NH1 . ARG A 1 50  ? -17.699 -17.363 -3.287  1.00 55.91 ? 50  ARG A NH1 1 
ATOM   332  N NH2 . ARG A 1 50  ? -19.077 -18.926 -2.336  1.00 55.52 ? 50  ARG A NH2 1 
ATOM   333  N N   . SER A 1 51  ? -15.622 -16.076 4.154   1.00 53.69 ? 51  SER A N   1 
ATOM   334  C CA  . SER A 1 51  ? -14.975 -17.145 4.907   1.00 53.48 ? 51  SER A CA  1 
ATOM   335  C C   . SER A 1 51  ? -16.049 -17.987 5.582   1.00 53.65 ? 51  SER A C   1 
ATOM   336  O O   . SER A 1 51  ? -16.994 -18.458 4.949   1.00 54.18 ? 51  SER A O   1 
ATOM   337  C CB  . SER A 1 51  ? -14.041 -16.608 6.005   1.00 54.79 ? 51  SER A CB  1 
ATOM   338  O OG  . SER A 1 51  ? -12.781 -16.158 5.523   1.00 55.51 ? 51  SER A OG  1 
ATOM   339  N N   . ASP A 1 61  ? -22.084 -15.096 4.004   1.00 52.02 ? 61  ASP A N   1 
ATOM   340  C CA  . ASP A 1 61  ? -21.255 -14.314 4.901   1.00 52.00 ? 61  ASP A CA  1 
ATOM   341  C C   . ASP A 1 61  ? -21.013 -12.919 4.333   1.00 52.50 ? 61  ASP A C   1 
ATOM   342  O O   . ASP A 1 61  ? -20.197 -12.700 3.435   1.00 52.34 ? 61  ASP A O   1 
ATOM   343  C CB  . ASP A 1 61  ? -19.929 -15.065 5.122   1.00 53.94 ? 61  ASP A CB  1 
ATOM   344  C CG  . ASP A 1 61  ? -18.937 -14.438 6.101   1.00 54.07 ? 61  ASP A CG  1 
ATOM   345  O OD1 . ASP A 1 61  ? -19.344 -13.831 7.094   1.00 55.72 ? 61  ASP A OD1 1 
ATOM   346  O OD2 . ASP A 1 61  ? -17.738 -14.571 5.865   1.00 54.95 ? 61  ASP A OD2 1 
ATOM   347  N N   . VAL A 1 62  ? -21.776 -11.966 4.881   1.00 53.56 ? 62  VAL A N   1 
ATOM   348  C CA  . VAL A 1 62  ? -21.692 -10.568 4.476   1.00 53.26 ? 62  VAL A CA  1 
ATOM   349  C C   . VAL A 1 62  ? -21.186 -9.770  5.682   1.00 54.18 ? 62  VAL A C   1 
ATOM   350  O O   . VAL A 1 62  ? -21.937 -9.149  6.438   1.00 54.27 ? 62  VAL A O   1 
ATOM   351  C CB  . VAL A 1 62  ? -23.100 -10.058 4.002   1.00 55.09 ? 62  VAL A CB  1 
ATOM   352  C CG1 . VAL A 1 62  ? -22.962 -8.665  3.392   1.00 56.90 ? 62  VAL A CG1 1 
ATOM   353  C CG2 . VAL A 1 62  ? -23.694 -10.985 2.943   1.00 56.00 ? 62  VAL A CG2 1 
ATOM   354  N N   . SER A 1 63  ? -19.864 -9.822  5.870   1.00 51.98 ? 63  SER A N   1 
ATOM   355  C CA  . SER A 1 63  ? -19.183 -9.126  6.953   1.00 52.72 ? 63  SER A CA  1 
ATOM   356  C C   . SER A 1 63  ? -18.188 -8.146  6.348   1.00 54.11 ? 63  SER A C   1 
ATOM   357  O O   . SER A 1 63  ? -17.310 -8.553  5.592   1.00 55.86 ? 63  SER A O   1 
ATOM   358  C CB  . SER A 1 63  ? -18.466 -10.144 7.829   1.00 56.24 ? 63  SER A CB  1 
ATOM   359  O OG  . SER A 1 63  ? -17.869 -9.538  8.965   1.00 55.57 ? 63  SER A OG  1 
ATOM   360  N N   . GLN A 1 64  ? -18.279 -6.852  6.680   1.00 52.27 ? 64  GLN A N   1 
ATOM   361  C CA  . GLN A 1 64  ? -17.432 -5.847  6.045   1.00 51.48 ? 64  GLN A CA  1 
ATOM   362  C C   . GLN A 1 64  ? -16.433 -5.056  6.884   1.00 53.73 ? 64  GLN A C   1 
ATOM   363  O O   . GLN A 1 64  ? -16.418 -5.071  8.115   1.00 53.22 ? 64  GLN A O   1 
ATOM   364  C CB  . GLN A 1 64  ? -18.321 -4.843  5.273   1.00 55.26 ? 64  GLN A CB  1 
ATOM   365  C CG  . GLN A 1 64  ? -19.780 -4.620  5.689   1.00 56.92 ? 64  GLN A CG  1 
ATOM   366  C CD  . GLN A 1 64  ? -20.759 -5.712  5.258   1.00 54.71 ? 64  GLN A CD  1 
ATOM   367  O OE1 . GLN A 1 64  ? -20.501 -6.511  4.360   1.00 55.49 ? 64  GLN A OE1 1 
ATOM   368  N NE2 . GLN A 1 64  ? -21.921 -5.781  5.897   1.00 54.23 ? 64  GLN A NE2 1 
ATOM   369  N N   . LYS A 1 65  ? -15.579 -4.360  6.127   1.00 49.79 ? 65  LYS A N   1 
ATOM   370  C CA  . LYS A 1 65  ? -14.461 -3.557  6.610   1.00 45.38 ? 65  LYS A CA  1 
ATOM   371  C C   . LYS A 1 65  ? -14.228 -2.376  5.682   1.00 40.63 ? 65  LYS A C   1 
ATOM   372  O O   . LYS A 1 65  ? -14.461 -2.483  4.480   1.00 40.14 ? 65  LYS A O   1 
ATOM   373  C CB  . LYS A 1 65  ? -13.200 -4.409  6.641   1.00 47.27 ? 65  LYS A CB  1 
ATOM   374  C CG  . LYS A 1 65  ? -11.877 -3.804  7.097   1.00 47.86 ? 65  LYS A CG  1 
ATOM   375  C CD  . LYS A 1 65  ? -10.783 -4.822  6.800   1.00 48.99 ? 65  LYS A CD  1 
ATOM   376  C CE  . LYS A 1 65  ? -9.404  -4.308  7.191   1.00 50.26 ? 65  LYS A CE  1 
ATOM   377  N NZ  . LYS A 1 65  ? -9.253  -4.209  8.630   1.00 51.40 ? 65  LYS A NZ  1 
ATOM   378  N N   . THR A 1 66  ? -13.741 -1.242  6.198   1.00 35.31 ? 66  THR A N   1 
ATOM   379  C CA  . THR A 1 66  ? -13.438 -0.094  5.353   1.00 30.17 ? 66  THR A CA  1 
ATOM   380  C C   . THR A 1 66  ? -12.071 0.493   5.686   1.00 27.10 ? 66  THR A C   1 
ATOM   381  O O   . THR A 1 66  ? -11.756 0.879   6.814   1.00 26.61 ? 66  THR A O   1 
ATOM   382  C CB  . THR A 1 66  ? -14.587 0.965   5.495   1.00 30.95 ? 66  THR A CB  1 
ATOM   383  O OG1 . THR A 1 66  ? -14.159 2.105   4.755   1.00 29.90 ? 66  THR A OG1 1 
ATOM   384  C CG2 . THR A 1 66  ? -14.960 1.283   6.941   1.00 30.87 ? 66  THR A CG2 1 
ATOM   385  N N   . THR A 1 67  ? -11.248 0.516   4.635   1.00 24.72 ? 67  THR A N   1 
ATOM   386  C CA  . THR A 1 67  ? -9.869  0.977   4.716   1.00 22.80 ? 67  THR A CA  1 
ATOM   387  C C   . THR A 1 67  ? -9.684  2.386   4.157   1.00 22.04 ? 67  THR A C   1 
ATOM   388  O O   . THR A 1 67  ? -10.246 2.752   3.123   1.00 23.16 ? 67  THR A O   1 
ATOM   389  C CB  . THR A 1 67  ? -8.977  -0.046  3.963   1.00 22.84 ? 67  THR A CB  1 
ATOM   390  O OG1 . THR A 1 67  ? -9.259  -1.314  4.544   1.00 23.12 ? 67  THR A OG1 1 
ATOM   391  C CG2 . THR A 1 67  ? -7.479  0.229   4.078   1.00 23.49 ? 67  THR A CG2 1 
ATOM   392  N N   . TRP A 1 68  ? -8.884  3.190   4.868   1.00 21.02 ? 68  TRP A N   1 
ATOM   393  C CA  . TRP A 1 68  ? -8.609  4.572   4.487   1.00 19.15 ? 68  TRP A CA  1 
ATOM   394  C C   . TRP A 1 68  ? -7.194  4.821   3.984   1.00 17.72 ? 68  TRP A C   1 
ATOM   395  O O   . TRP A 1 68  ? -6.203  4.607   4.685   1.00 16.49 ? 68  TRP A O   1 
ATOM   396  C CB  . TRP A 1 68  ? -8.898  5.480   5.678   1.00 17.24 ? 68  TRP A CB  1 
ATOM   397  C CG  . TRP A 1 68  ? -10.384 5.650   5.921   1.00 16.10 ? 68  TRP A CG  1 
ATOM   398  C CD1 . TRP A 1 68  ? -11.058 4.890   6.832   1.00 15.02 ? 68  TRP A CD1 1 
ATOM   399  C CD2 . TRP A 1 68  ? -11.213 6.536   5.276   1.00 15.93 ? 68  TRP A CD2 1 
ATOM   400  N NE1 . TRP A 1 68  ? -12.309 5.278   6.772   1.00 14.45 ? 68  TRP A NE1 1 
ATOM   401  C CE2 . TRP A 1 68  ? -12.435 6.252   5.863   1.00 15.49 ? 68  TRP A CE2 1 
ATOM   402  C CE3 . TRP A 1 68  ? -11.111 7.513   4.301   1.00 17.07 ? 68  TRP A CE3 1 
ATOM   403  C CZ2 . TRP A 1 68  ? -13.578 6.927   5.497   1.00 16.49 ? 68  TRP A CZ2 1 
ATOM   404  C CZ3 . TRP A 1 68  ? -12.260 8.187   3.941   1.00 16.52 ? 68  TRP A CZ3 1 
ATOM   405  C CH2 . TRP A 1 68  ? -13.476 7.901   4.528   1.00 17.00 ? 68  TRP A CH2 1 
ATOM   406  N N   . HIS A 1 69  ? -7.133  5.271   2.728   1.00 17.51 ? 69  HIS A N   1 
ATOM   407  C CA  . HIS A 1 69  ? -5.884  5.543   2.031   1.00 16.95 ? 69  HIS A CA  1 
ATOM   408  C C   . HIS A 1 69  ? -5.534  7.023   1.994   1.00 18.31 ? 69  HIS A C   1 
ATOM   409  O O   . HIS A 1 69  ? -6.356  7.832   1.575   1.00 18.73 ? 69  HIS A O   1 
ATOM   410  C CB  . HIS A 1 69  ? -5.970  5.024   0.599   1.00 12.74 ? 69  HIS A CB  1 
ATOM   411  C CG  . HIS A 1 69  ? -6.334  3.553   0.510   1.00 10.30 ? 69  HIS A CG  1 
ATOM   412  N ND1 . HIS A 1 69  ? -7.482  2.993   0.865   1.00 9.21  ? 69  HIS A ND1 1 
ATOM   413  C CD2 . HIS A 1 69  ? -5.490  2.569   0.073   1.00 9.34  ? 69  HIS A CD2 1 
ATOM   414  C CE1 . HIS A 1 69  ? -7.338  1.708   0.656   1.00 8.56  ? 69  HIS A CE1 1 
ATOM   415  N NE2 . HIS A 1 69  ? -6.145  1.448   0.178   1.00 11.34 ? 69  HIS A NE2 1 
ATOM   416  N N   . ARG A 1 70  ? -4.320  7.406   2.414   1.00 21.19 ? 70  ARG A N   1 
ATOM   417  C CA  . ARG A 1 70  ? -3.881  8.806   2.395   1.00 20.93 ? 70  ARG A CA  1 
ATOM   418  C C   . ARG A 1 70  ? -3.310  9.020   1.011   1.00 18.10 ? 70  ARG A C   1 
ATOM   419  O O   . ARG A 1 70  ? -2.231  8.542   0.670   1.00 16.98 ? 70  ARG A O   1 
ATOM   420  C CB  . ARG A 1 70  ? -2.777  9.083   3.443   1.00 24.35 ? 70  ARG A CB  1 
ATOM   421  C CG  . ARG A 1 70  ? -2.393  10.555  3.433   1.00 30.38 ? 70  ARG A CG  1 
ATOM   422  C CD  . ARG A 1 70  ? -1.548  11.067  4.615   1.00 35.63 ? 70  ARG A CD  1 
ATOM   423  N NE  . ARG A 1 70  ? -2.156  12.281  5.195   1.00 38.98 ? 70  ARG A NE  1 
ATOM   424  C CZ  . ARG A 1 70  ? -1.475  13.368  5.588   1.00 40.72 ? 70  ARG A CZ  1 
ATOM   425  N NH1 . ARG A 1 70  ? -0.133  13.472  5.501   1.00 42.12 ? 70  ARG A NH1 1 
ATOM   426  N NH2 . ARG A 1 70  ? -2.175  14.404  6.037   1.00 42.17 ? 70  ARG A NH2 1 
ATOM   427  N N   . ILE A 1 71  ? -4.050  9.763   0.208   1.00 15.71 ? 71  ILE A N   1 
ATOM   428  C CA  . ILE A 1 71  ? -3.604  10.008  -1.137  1.00 13.36 ? 71  ILE A CA  1 
ATOM   429  C C   . ILE A 1 71  ? -2.797  11.298  -1.100  1.00 15.61 ? 71  ILE A C   1 
ATOM   430  O O   . ILE A 1 71  ? -3.125  12.202  -0.341  1.00 17.57 ? 71  ILE A O   1 
ATOM   431  C CB  . ILE A 1 71  ? -4.869  10.083  -2.041  1.00 11.77 ? 71  ILE A CB  1 
ATOM   432  C CG1 . ILE A 1 71  ? -5.839  8.876   -2.098  1.00 9.01  ? 71  ILE A CG1 1 
ATOM   433  C CG2 . ILE A 1 71  ? -4.291  10.181  -3.375  1.00 12.33 ? 71  ILE A CG2 1 
ATOM   434  C CD1 . ILE A 1 71  ? -5.123  7.514   -2.134  1.00 7.74  ? 71  ILE A CD1 1 
ATOM   435  N N   . SER A 1 72  ? -1.688  11.365  -1.838  1.00 17.84 ? 72  SER A N   1 
ATOM   436  C CA  . SER A 1 72  ? -0.809  12.519  -2.008  1.00 21.34 ? 72  SER A CA  1 
ATOM   437  C C   . SER A 1 72  ? -0.670  12.863  -3.494  1.00 24.53 ? 72  SER A C   1 
ATOM   438  O O   . SER A 1 72  ? -0.273  11.991  -4.284  1.00 27.21 ? 72  SER A O   1 
ATOM   439  C CB  . SER A 1 72  ? 0.613   12.279  -1.554  1.00 20.70 ? 72  SER A CB  1 
ATOM   440  O OG  . SER A 1 72  ? 0.861   12.345  -0.178  1.00 21.62 ? 72  SER A OG  1 
ATOM   441  N N   . VAL A 1 73  ? -0.888  14.113  -3.913  1.00 26.07 ? 73  VAL A N   1 
ATOM   442  C CA  . VAL A 1 73  ? -0.685  14.420  -5.320  1.00 29.40 ? 73  VAL A CA  1 
ATOM   443  C C   . VAL A 1 73  ? 0.431   15.415  -5.579  1.00 32.46 ? 73  VAL A C   1 
ATOM   444  O O   . VAL A 1 73  ? 0.314   16.634  -5.432  1.00 34.92 ? 73  VAL A O   1 
ATOM   445  C CB  . VAL A 1 73  ? -1.972  14.966  -5.989  1.00 28.40 ? 73  VAL A CB  1 
ATOM   446  C CG1 . VAL A 1 73  ? -1.805  14.874  -7.495  1.00 26.47 ? 73  VAL A CG1 1 
ATOM   447  C CG2 . VAL A 1 73  ? -3.186  14.143  -5.643  1.00 29.58 ? 73  VAL A CG2 1 
ATOM   448  N N   . PHE A 1 74  ? 1.558   14.788  -5.915  1.00 36.27 ? 74  PHE A N   1 
ATOM   449  C CA  . PHE A 1 74  ? 2.699   15.494  -6.465  1.00 39.22 ? 74  PHE A CA  1 
ATOM   450  C C   . PHE A 1 74  ? 2.486   15.452  -7.985  1.00 41.10 ? 74  PHE A C   1 
ATOM   451  O O   . PHE A 1 74  ? 1.612   14.727  -8.475  1.00 44.49 ? 74  PHE A O   1 
ATOM   452  C CB  . PHE A 1 74  ? 4.007   14.791  -6.092  1.00 39.98 ? 74  PHE A CB  1 
ATOM   453  C CG  . PHE A 1 74  ? 4.451   14.968  -4.642  1.00 39.75 ? 74  PHE A CG  1 
ATOM   454  C CD1 . PHE A 1 74  ? 5.049   16.148  -4.233  1.00 41.09 ? 74  PHE A CD1 1 
ATOM   455  C CD2 . PHE A 1 74  ? 4.283   13.933  -3.741  1.00 40.08 ? 74  PHE A CD2 1 
ATOM   456  C CE1 . PHE A 1 74  ? 5.474   16.285  -2.928  1.00 42.45 ? 74  PHE A CE1 1 
ATOM   457  C CE2 . PHE A 1 74  ? 4.714   14.080  -2.437  1.00 41.18 ? 74  PHE A CE2 1 
ATOM   458  C CZ  . PHE A 1 74  ? 5.307   15.255  -2.029  1.00 42.40 ? 74  PHE A CZ  1 
ATOM   459  N N   . ARG A 1 75  ? 3.305   16.226  -8.718  1.00 40.18 ? 75  ARG A N   1 
ATOM   460  C CA  . ARG A 1 75  ? 3.302   16.497  -10.166 1.00 41.23 ? 75  ARG A CA  1 
ATOM   461  C C   . ARG A 1 75  ? 2.461   17.744  -10.446 1.00 42.60 ? 75  ARG A C   1 
ATOM   462  O O   . ARG A 1 75  ? 1.294   17.801  -10.047 1.00 42.58 ? 75  ARG A O   1 
ATOM   463  C CB  . ARG A 1 75  ? 2.693   15.391  -11.062 1.00 40.97 ? 75  ARG A CB  1 
ATOM   464  C CG  . ARG A 1 75  ? 3.469   14.084  -11.171 1.00 42.70 ? 75  ARG A CG  1 
ATOM   465  C CD  . ARG A 1 75  ? 2.615   13.043  -11.890 1.00 44.65 ? 75  ARG A CD  1 
ATOM   466  N NE  . ARG A 1 75  ? 2.382   13.395  -13.283 1.00 47.13 ? 75  ARG A NE  1 
ATOM   467  C CZ  . ARG A 1 75  ? 1.196   13.244  -13.879 1.00 47.83 ? 75  ARG A CZ  1 
ATOM   468  N NH1 . ARG A 1 75  ? 0.139   12.760  -13.229 1.00 48.34 ? 75  ARG A NH1 1 
ATOM   469  N NH2 . ARG A 1 75  ? 1.068   13.579  -15.160 1.00 46.98 ? 75  ARG A NH2 1 
ATOM   470  N N   . PRO A 1 76  ? 3.020   18.765  -11.125 1.00 42.22 ? 76  PRO A N   1 
ATOM   471  C CA  . PRO A 1 76  ? 2.361   20.028  -11.478 1.00 42.17 ? 76  PRO A CA  1 
ATOM   472  C C   . PRO A 1 76  ? 1.065   19.954  -12.273 1.00 41.14 ? 76  PRO A C   1 
ATOM   473  O O   . PRO A 1 76  ? 0.257   20.885  -12.263 1.00 41.75 ? 76  PRO A O   1 
ATOM   474  C CB  . PRO A 1 76  ? 3.428   20.802  -12.213 1.00 43.03 ? 76  PRO A CB  1 
ATOM   475  C CG  . PRO A 1 76  ? 4.702   20.303  -11.584 1.00 41.96 ? 76  PRO A CG  1 
ATOM   476  C CD  . PRO A 1 76  ? 4.424   18.813  -11.528 1.00 41.97 ? 76  PRO A CD  1 
ATOM   477  N N   . GLY A 1 77  ? 0.895   18.841  -12.993 1.00 39.38 ? 77  GLY A N   1 
ATOM   478  C CA  . GLY A 1 77  ? -0.304  18.571  -13.766 1.00 38.53 ? 77  GLY A CA  1 
ATOM   479  C C   . GLY A 1 77  ? -1.481  18.285  -12.847 1.00 37.61 ? 77  GLY A C   1 
ATOM   480  O O   . GLY A 1 77  ? -2.332  19.153  -12.646 1.00 37.20 ? 77  GLY A O   1 
ATOM   481  N N   . LEU A 1 78  ? -1.497  17.069  -12.282 1.00 33.83 ? 78  LEU A N   1 
ATOM   482  C CA  . LEU A 1 78  ? -2.529  16.645  -11.379 1.00 31.00 ? 78  LEU A CA  1 
ATOM   483  C C   . LEU A 1 78  ? -2.725  17.302  -10.020 1.00 32.02 ? 78  LEU A C   1 
ATOM   484  O O   . LEU A 1 78  ? -3.840  17.201  -9.488  1.00 32.12 ? 78  LEU A O   1 
ATOM   485  C CB  . LEU A 1 78  ? -2.332  15.182  -11.180 1.00 28.97 ? 78  LEU A CB  1 
ATOM   486  C CG  . LEU A 1 78  ? -3.181  14.185  -11.838 1.00 26.20 ? 78  LEU A CG  1 
ATOM   487  C CD1 . LEU A 1 78  ? -2.609  12.862  -11.404 1.00 24.24 ? 78  LEU A CD1 1 
ATOM   488  C CD2 . LEU A 1 78  ? -4.652  14.359  -11.484 1.00 25.57 ? 78  LEU A CD2 1 
ATOM   489  N N   . ARG A 1 79  ? -1.714  17.930  -9.400  1.00 30.87 ? 79  ARG A N   1 
ATOM   490  C CA  . ARG A 1 79  ? -1.896  18.573  -8.119  1.00 30.11 ? 79  ARG A CA  1 
ATOM   491  C C   . ARG A 1 79  ? -3.030  19.584  -8.171  1.00 29.47 ? 79  ARG A C   1 
ATOM   492  O O   . ARG A 1 79  ? -4.013  19.465  -7.442  1.00 29.71 ? 79  ARG A O   1 
ATOM   493  C CB  . ARG A 1 79  ? -0.601  19.231  -7.760  1.00 33.98 ? 79  ARG A CB  1 
ATOM   494  C CG  . ARG A 1 79  ? -0.546  19.927  -6.397  1.00 37.31 ? 79  ARG A CG  1 
ATOM   495  C CD  . ARG A 1 79  ? 0.818   20.602  -6.310  1.00 40.95 ? 79  ARG A CD  1 
ATOM   496  N NE  . ARG A 1 79  ? 0.951   21.665  -7.309  1.00 44.92 ? 79  ARG A NE  1 
ATOM   497  C CZ  . ARG A 1 79  ? 2.082   21.923  -7.977  1.00 46.18 ? 79  ARG A CZ  1 
ATOM   498  N NH1 . ARG A 1 79  ? 3.182   21.204  -7.754  1.00 46.41 ? 79  ARG A NH1 1 
ATOM   499  N NH2 . ARG A 1 79  ? 2.095   22.892  -8.901  1.00 47.40 ? 79  ARG A NH2 1 
ATOM   500  N N   . ASP A 1 80  ? -2.999  20.510  -9.121  1.00 28.49 ? 80  ASP A N   1 
ATOM   501  C CA  . ASP A 1 80  ? -3.980  21.585  -9.208  1.00 28.46 ? 80  ASP A CA  1 
ATOM   502  C C   . ASP A 1 80  ? -5.371  21.124  -9.612  1.00 28.15 ? 80  ASP A C   1 
ATOM   503  O O   . ASP A 1 80  ? -6.406  21.573  -9.131  1.00 26.71 ? 80  ASP A O   1 
ATOM   504  C CB  . ASP A 1 80  ? -3.400  22.602  -10.187 1.00 31.47 ? 80  ASP A CB  1 
ATOM   505  C CG  . ASP A 1 80  ? -1.954  23.004  -9.857  1.00 34.11 ? 80  ASP A CG  1 
ATOM   506  O OD1 . ASP A 1 80  ? -1.718  23.275  -8.679  1.00 36.24 ? 80  ASP A OD1 1 
ATOM   507  O OD2 . ASP A 1 80  ? -1.066  23.037  -10.734 1.00 34.93 ? 80  ASP A OD2 1 
ATOM   508  N N   . VAL A 1 81  ? -5.404  20.150  -10.508 1.00 30.02 ? 81  VAL A N   1 
ATOM   509  C CA  . VAL A 1 81  ? -6.650  19.573  -11.011 1.00 31.19 ? 81  VAL A CA  1 
ATOM   510  C C   . VAL A 1 81  ? -7.306  18.709  -9.920  1.00 32.44 ? 81  VAL A C   1 
ATOM   511  O O   . VAL A 1 81  ? -8.532  18.676  -9.786  1.00 32.56 ? 81  VAL A O   1 
ATOM   512  C CB  . VAL A 1 81  ? -6.337  18.743  -12.295 1.00 30.03 ? 81  VAL A CB  1 
ATOM   513  C CG1 . VAL A 1 81  ? -7.560  18.576  -13.120 1.00 28.96 ? 81  VAL A CG1 1 
ATOM   514  C CG2 . VAL A 1 81  ? -5.411  19.480  -13.213 1.00 30.27 ? 81  VAL A CG2 1 
ATOM   515  N N   . ALA A 1 82  ? -6.501  18.006  -9.104  1.00 33.29 ? 82  ALA A N   1 
ATOM   516  C CA  . ALA A 1 82  ? -7.019  17.241  -7.981  1.00 33.01 ? 82  ALA A CA  1 
ATOM   517  C C   . ALA A 1 82  ? -7.563  18.234  -6.976  1.00 34.02 ? 82  ALA A C   1 
ATOM   518  O O   . ALA A 1 82  ? -8.656  18.059  -6.439  1.00 35.81 ? 82  ALA A O   1 
ATOM   519  C CB  . ALA A 1 82  ? -5.940  16.455  -7.265  1.00 31.13 ? 82  ALA A CB  1 
ATOM   520  N N   . TYR A 1 83  ? -6.812  19.323  -6.772  1.00 32.96 ? 83  TYR A N   1 
ATOM   521  C CA  . TYR A 1 83  ? -7.172  20.289  -5.768  1.00 31.58 ? 83  TYR A CA  1 
ATOM   522  C C   . TYR A 1 83  ? -8.479  21.005  -6.035  1.00 31.26 ? 83  TYR A C   1 
ATOM   523  O O   . TYR A 1 83  ? -9.291  21.159  -5.125  1.00 32.87 ? 83  TYR A O   1 
ATOM   524  C CB  . TYR A 1 83  ? -5.999  21.276  -5.632  1.00 31.94 ? 83  TYR A CB  1 
ATOM   525  C CG  . TYR A 1 83  ? -6.223  22.229  -4.487  1.00 31.66 ? 83  TYR A CG  1 
ATOM   526  C CD1 . TYR A 1 83  ? -6.583  21.701  -3.272  1.00 32.13 ? 83  TYR A CD1 1 
ATOM   527  C CD2 . TYR A 1 83  ? -6.237  23.585  -4.698  1.00 32.16 ? 83  TYR A CD2 1 
ATOM   528  C CE1 . TYR A 1 83  ? -6.999  22.521  -2.256  1.00 34.29 ? 83  TYR A CE1 1 
ATOM   529  C CE2 . TYR A 1 83  ? -6.654  24.418  -3.678  1.00 34.09 ? 83  TYR A CE2 1 
ATOM   530  C CZ  . TYR A 1 83  ? -7.043  23.882  -2.458  1.00 35.24 ? 83  TYR A CZ  1 
ATOM   531  O OH  . TYR A 1 83  ? -7.526  24.686  -1.421  1.00 37.31 ? 83  TYR A OH  1 
ATOM   532  N N   . GLN A 1 84  ? -8.749  21.426  -7.263  1.00 31.63 ? 84  GLN A N   1 
ATOM   533  C CA  . GLN A 1 84  ? -9.970  22.163  -7.526  1.00 31.79 ? 84  GLN A CA  1 
ATOM   534  C C   . GLN A 1 84  ? -11.244 21.312  -7.717  1.00 30.73 ? 84  GLN A C   1 
ATOM   535  O O   . GLN A 1 84  ? -12.312 21.642  -7.197  1.00 28.63 ? 84  GLN A O   1 
ATOM   536  C CB  . GLN A 1 84  ? -9.619  23.089  -8.732  1.00 33.27 ? 84  GLN A CB  1 
ATOM   537  C CG  . GLN A 1 84  ? -9.464  24.592  -8.348  1.00 35.81 ? 84  GLN A CG  1 
ATOM   538  C CD  . GLN A 1 84  ? -8.480  25.011  -7.231  1.00 38.78 ? 84  GLN A CD  1 
ATOM   539  O OE1 . GLN A 1 84  ? -7.251  24.878  -7.340  1.00 40.67 ? 84  GLN A OE1 1 
ATOM   540  N NE2 . GLN A 1 84  ? -8.949  25.568  -6.109  1.00 38.11 ? 84  GLN A NE2 1 
ATOM   541  N N   . TYR A 1 85  ? -11.136 20.164  -8.397  1.00 31.01 ? 85  TYR A N   1 
ATOM   542  C CA  . TYR A 1 85  ? -12.231 19.253  -8.712  1.00 30.53 ? 85  TYR A CA  1 
ATOM   543  C C   . TYR A 1 85  ? -12.613 18.103  -7.814  1.00 30.20 ? 85  TYR A C   1 
ATOM   544  O O   . TYR A 1 85  ? -13.757 17.641  -7.901  1.00 31.31 ? 85  TYR A O   1 
ATOM   545  C CB  . TYR A 1 85  ? -12.000 18.649  -10.051 1.00 31.28 ? 85  TYR A CB  1 
ATOM   546  C CG  . TYR A 1 85  ? -12.115 19.683  -11.127 1.00 33.82 ? 85  TYR A CG  1 
ATOM   547  C CD1 . TYR A 1 85  ? -13.361 20.011  -11.590 1.00 34.36 ? 85  TYR A CD1 1 
ATOM   548  C CD2 . TYR A 1 85  ? -10.973 20.225  -11.659 1.00 34.85 ? 85  TYR A CD2 1 
ATOM   549  C CE1 . TYR A 1 85  ? -13.470 20.901  -12.628 1.00 36.00 ? 85  TYR A CE1 1 
ATOM   550  C CE2 . TYR A 1 85  ? -11.081 21.115  -12.700 1.00 36.58 ? 85  TYR A CE2 1 
ATOM   551  C CZ  . TYR A 1 85  ? -12.335 21.447  -13.185 1.00 36.60 ? 85  TYR A CZ  1 
ATOM   552  O OH  . TYR A 1 85  ? -12.456 22.316  -14.266 1.00 37.25 ? 85  TYR A OH  1 
ATOM   553  N N   . VAL A 1 86  ? -11.689 17.569  -7.017  1.00 28.43 ? 86  VAL A N   1 
ATOM   554  C CA  . VAL A 1 86  ? -12.013 16.483  -6.118  1.00 29.57 ? 86  VAL A CA  1 
ATOM   555  C C   . VAL A 1 86  ? -12.696 17.041  -4.877  1.00 29.93 ? 86  VAL A C   1 
ATOM   556  O O   . VAL A 1 86  ? -12.176 17.911  -4.198  1.00 30.31 ? 86  VAL A O   1 
ATOM   557  C CB  . VAL A 1 86  ? -10.681 15.739  -5.809  1.00 30.72 ? 86  VAL A CB  1 
ATOM   558  C CG1 . VAL A 1 86  ? -10.732 14.831  -4.582  1.00 30.40 ? 86  VAL A CG1 1 
ATOM   559  C CG2 . VAL A 1 86  ? -10.395 14.855  -7.023  1.00 32.38 ? 86  VAL A CG2 1 
ATOM   560  N N   . LYS A 1 87  ? -13.912 16.600  -4.582  1.00 31.40 ? 87  LYS A N   1 
ATOM   561  C CA  . LYS A 1 87  ? -14.647 17.018  -3.392  1.00 31.34 ? 87  LYS A CA  1 
ATOM   562  C C   . LYS A 1 87  ? -15.012 15.807  -2.576  1.00 30.90 ? 87  LYS A C   1 
ATOM   563  O O   . LYS A 1 87  ? -14.968 14.689  -3.091  1.00 31.53 ? 87  LYS A O   1 
ATOM   564  C CB  . LYS A 1 87  ? -15.943 17.696  -3.727  1.00 32.40 ? 87  LYS A CB  1 
ATOM   565  C CG  . LYS A 1 87  ? -15.833 19.013  -4.456  1.00 33.91 ? 87  LYS A CG  1 
ATOM   566  C CD  . LYS A 1 87  ? -15.481 20.140  -3.511  1.00 35.24 ? 87  LYS A CD  1 
ATOM   567  C CE  . LYS A 1 87  ? -14.064 20.602  -3.763  1.00 36.01 ? 87  LYS A CE  1 
ATOM   568  N NZ  . LYS A 1 87  ? -14.033 21.256  -5.062  1.00 38.65 ? 87  LYS A NZ  1 
ATOM   569  N N   . LYS A 1 88  ? -15.412 16.030  -1.324  1.00 29.47 ? 88  LYS A N   1 
ATOM   570  C CA  . LYS A 1 88  ? -15.837 14.937  -0.478  1.00 29.18 ? 88  LYS A CA  1 
ATOM   571  C C   . LYS A 1 88  ? -17.093 14.317  -1.081  1.00 28.48 ? 88  LYS A C   1 
ATOM   572  O O   . LYS A 1 88  ? -18.019 14.989  -1.555  1.00 26.83 ? 88  LYS A O   1 
ATOM   573  C CB  . LYS A 1 88  ? -16.106 15.459  0.916   1.00 29.65 ? 88  LYS A CB  1 
ATOM   574  C CG  . LYS A 1 88  ? -16.773 14.507  1.894   1.00 31.64 ? 88  LYS A CG  1 
ATOM   575  C CD  . LYS A 1 88  ? -17.333 15.404  2.993   1.00 34.48 ? 88  LYS A CD  1 
ATOM   576  C CE  . LYS A 1 88  ? -18.422 14.752  3.840   1.00 37.79 ? 88  LYS A CE  1 
ATOM   577  N NZ  . LYS A 1 88  ? -19.227 15.802  4.484   1.00 40.84 ? 88  LYS A NZ  1 
ATOM   578  N N   . GLY A 1 89  ? -16.957 12.990  -1.119  1.00 26.76 ? 89  GLY A N   1 
ATOM   579  C CA  . GLY A 1 89  ? -17.952 12.113  -1.679  1.00 26.83 ? 89  GLY A CA  1 
ATOM   580  C C   . GLY A 1 89  ? -17.680 11.716  -3.127  1.00 27.54 ? 89  GLY A C   1 
ATOM   581  O O   . GLY A 1 89  ? -18.417 10.899  -3.673  1.00 28.09 ? 89  GLY A O   1 
ATOM   582  N N   . SER A 1 90  ? -16.681 12.263  -3.824  1.00 28.18 ? 90  SER A N   1 
ATOM   583  C CA  . SER A 1 90  ? -16.439 11.875  -5.200  1.00 29.52 ? 90  SER A CA  1 
ATOM   584  C C   . SER A 1 90  ? -15.857 10.451  -5.339  1.00 29.39 ? 90  SER A C   1 
ATOM   585  O O   . SER A 1 90  ? -14.985 10.061  -4.567  1.00 29.37 ? 90  SER A O   1 
ATOM   586  C CB  . SER A 1 90  ? -15.461 12.912  -5.889  1.00 31.67 ? 90  SER A CB  1 
ATOM   587  O OG  . SER A 1 90  ? -15.856 14.280  -6.092  1.00 30.85 ? 90  SER A OG  1 
ATOM   588  N N   . ARG A 1 91  ? -16.405 9.603   -6.237  1.00 29.48 ? 91  ARG A N   1 
ATOM   589  C CA  . ARG A 1 91  ? -15.756 8.372   -6.678  1.00 28.33 ? 91  ARG A CA  1 
ATOM   590  C C   . ARG A 1 91  ? -14.712 8.809   -7.707  1.00 27.33 ? 91  ARG A C   1 
ATOM   591  O O   . ARG A 1 91  ? -14.946 9.632   -8.594  1.00 27.21 ? 91  ARG A O   1 
ATOM   592  C CB  . ARG A 1 91  ? -16.668 7.434   -7.378  1.00 28.41 ? 91  ARG A CB  1 
ATOM   593  C CG  . ARG A 1 91  ? -17.300 6.434   -6.468  1.00 31.63 ? 91  ARG A CG  1 
ATOM   594  C CD  . ARG A 1 91  ? -17.919 5.434   -7.443  1.00 34.88 ? 91  ARG A CD  1 
ATOM   595  N NE  . ARG A 1 91  ? -17.717 4.081   -6.952  1.00 38.48 ? 91  ARG A NE  1 
ATOM   596  C CZ  . ARG A 1 91  ? -18.477 3.036   -7.289  1.00 40.58 ? 91  ARG A CZ  1 
ATOM   597  N NH1 . ARG A 1 91  ? -19.498 3.171   -8.139  1.00 42.13 ? 91  ARG A NH1 1 
ATOM   598  N NH2 . ARG A 1 91  ? -18.262 1.855   -6.701  1.00 40.93 ? 91  ARG A NH2 1 
ATOM   599  N N   . ILE A 1 92  ? -13.529 8.240   -7.502  1.00 25.88 ? 92  ILE A N   1 
ATOM   600  C CA  . ILE A 1 92  ? -12.262 8.490   -8.170  1.00 24.05 ? 92  ILE A CA  1 
ATOM   601  C C   . ILE A 1 92  ? -11.640 7.103   -8.416  1.00 24.33 ? 92  ILE A C   1 
ATOM   602  O O   . ILE A 1 92  ? -11.859 6.139   -7.658  1.00 23.80 ? 92  ILE A O   1 
ATOM   603  C CB  . ILE A 1 92  ? -11.464 9.409   -7.160  1.00 24.69 ? 92  ILE A CB  1 
ATOM   604  C CG1 . ILE A 1 92  ? -11.755 10.812  -7.582  1.00 24.99 ? 92  ILE A CG1 1 
ATOM   605  C CG2 . ILE A 1 92  ? -9.971  9.119   -7.042  1.00 22.73 ? 92  ILE A CG2 1 
ATOM   606  C CD1 . ILE A 1 92  ? -11.317 11.145  -8.999  1.00 27.40 ? 92  ILE A CD1 1 
ATOM   607  N N   . TYR A 1 93  ? -10.891 7.002   -9.524  1.00 21.10 ? 93  TYR A N   1 
ATOM   608  C CA  . TYR A 1 93  ? -10.078 5.839   -9.843  1.00 17.29 ? 93  TYR A CA  1 
ATOM   609  C C   . TYR A 1 93  ? -8.668  6.380   -9.866  1.00 15.70 ? 93  TYR A C   1 
ATOM   610  O O   . TYR A 1 93  ? -8.439  7.440   -10.454 1.00 16.28 ? 93  TYR A O   1 
ATOM   611  C CB  . TYR A 1 93  ? -10.417 5.264   -11.241 1.00 16.13 ? 93  TYR A CB  1 
ATOM   612  C CG  . TYR A 1 93  ? -9.361  4.323   -11.801 1.00 14.86 ? 93  TYR A CG  1 
ATOM   613  C CD1 . TYR A 1 93  ? -9.390  3.012   -11.420 1.00 14.85 ? 93  TYR A CD1 1 
ATOM   614  C CD2 . TYR A 1 93  ? -8.350  4.791   -12.627 1.00 14.97 ? 93  TYR A CD2 1 
ATOM   615  C CE1 . TYR A 1 93  ? -8.408  2.157   -11.838 1.00 15.03 ? 93  TYR A CE1 1 
ATOM   616  C CE2 . TYR A 1 93  ? -7.352  3.950   -13.060 1.00 15.56 ? 93  TYR A CE2 1 
ATOM   617  C CZ  . TYR A 1 93  ? -7.393  2.632   -12.642 1.00 17.24 ? 93  TYR A CZ  1 
ATOM   618  O OH  . TYR A 1 93  ? -6.351  1.759   -12.931 1.00 19.32 ? 93  TYR A OH  1 
ATOM   619  N N   . LEU A 1 94  ? -7.657  5.687   -9.357  1.00 14.62 ? 94  LEU A N   1 
ATOM   620  C CA  . LEU A 1 94  ? -6.325  6.251   -9.458  1.00 14.68 ? 94  LEU A CA  1 
ATOM   621  C C   . LEU A 1 94  ? -5.315  5.190   -9.449  1.00 14.36 ? 94  LEU A C   1 
ATOM   622  O O   . LEU A 1 94  ? -5.586  4.082   -9.055  1.00 13.89 ? 94  LEU A O   1 
ATOM   623  C CB  . LEU A 1 94  ? -5.956  7.227   -8.310  1.00 15.71 ? 94  LEU A CB  1 
ATOM   624  C CG  . LEU A 1 94  ? -5.666  6.793   -6.904  1.00 15.71 ? 94  LEU A CG  1 
ATOM   625  C CD1 . LEU A 1 94  ? -4.186  6.567   -6.643  1.00 16.57 ? 94  LEU A CD1 1 
ATOM   626  C CD2 . LEU A 1 94  ? -6.252  7.871   -6.036  1.00 16.83 ? 94  LEU A CD2 1 
ATOM   627  N N   . GLU A 1 95  ? -4.155  5.606   -9.913  1.00 16.40 ? 95  GLU A N   1 
ATOM   628  C CA  . GLU A 1 95  ? -2.981  4.764   -9.957  1.00 19.20 ? 95  GLU A CA  1 
ATOM   629  C C   . GLU A 1 95  ? -1.815  5.559   -9.376  1.00 19.44 ? 95  GLU A C   1 
ATOM   630  O O   . GLU A 1 95  ? -1.591  6.745   -9.673  1.00 17.40 ? 95  GLU A O   1 
ATOM   631  C CB  . GLU A 1 95  ? -2.627  4.383   -11.364 1.00 19.21 ? 95  GLU A CB  1 
ATOM   632  C CG  . GLU A 1 95  ? -3.710  3.634   -12.056 1.00 22.63 ? 95  GLU A CG  1 
ATOM   633  C CD  . GLU A 1 95  ? -3.404  3.425   -13.529 1.00 25.07 ? 95  GLU A CD  1 
ATOM   634  O OE1 . GLU A 1 95  ? -2.239  3.356   -13.916 1.00 28.68 ? 95  GLU A OE1 1 
ATOM   635  O OE2 . GLU A 1 95  ? -4.336  3.311   -14.311 1.00 26.26 ? 95  GLU A OE2 1 
ATOM   636  N N   . GLY A 1 96  ? -1.055  4.839   -8.549  1.00 18.11 ? 96  GLY A N   1 
ATOM   637  C CA  . GLY A 1 96  ? 0.111   5.409   -7.907  1.00 18.37 ? 96  GLY A CA  1 
ATOM   638  C C   . GLY A 1 96  ? 1.071   4.355   -7.394  1.00 19.33 ? 96  GLY A C   1 
ATOM   639  O O   . GLY A 1 96  ? 1.056   3.192   -7.795  1.00 19.87 ? 96  GLY A O   1 
ATOM   640  N N   . LYS A 1 97  ? 1.935   4.802   -6.487  1.00 19.84 ? 97  LYS A N   1 
ATOM   641  C CA  . LYS A 1 97  ? 2.947   3.955   -5.869  1.00 20.05 ? 97  LYS A CA  1 
ATOM   642  C C   . LYS A 1 97  ? 2.952   4.087   -4.350  1.00 21.02 ? 97  LYS A C   1 
ATOM   643  O O   . LYS A 1 97  ? 2.714   5.170   -3.804  1.00 19.59 ? 97  LYS A O   1 
ATOM   644  C CB  . LYS A 1 97  ? 4.338   4.310   -6.413  1.00 22.11 ? 97  LYS A CB  1 
ATOM   645  C CG  . LYS A 1 97  ? 4.726   5.785   -6.381  1.00 26.20 ? 97  LYS A CG  1 
ATOM   646  C CD  . LYS A 1 97  ? 6.231   5.964   -6.551  1.00 30.95 ? 97  LYS A CD  1 
ATOM   647  C CE  . LYS A 1 97  ? 7.000   5.483   -5.319  1.00 34.09 ? 97  LYS A CE  1 
ATOM   648  N NZ  . LYS A 1 97  ? 6.634   6.248   -4.141  1.00 36.76 ? 97  LYS A NZ  1 
ATOM   649  N N   . ILE A 1 98  ? 3.213   2.970   -3.656  1.00 21.15 ? 98  ILE A N   1 
ATOM   650  C CA  . ILE A 1 98  ? 3.260   2.977   -2.202  1.00 20.89 ? 98  ILE A CA  1 
ATOM   651  C C   . ILE A 1 98  ? 4.582   3.557   -1.731  1.00 23.90 ? 98  ILE A C   1 
ATOM   652  O O   . ILE A 1 98  ? 5.670   3.043   -2.006  1.00 23.79 ? 98  ILE A O   1 
ATOM   653  C CB  . ILE A 1 98  ? 3.141   1.564   -1.569  1.00 17.85 ? 98  ILE A CB  1 
ATOM   654  C CG1 . ILE A 1 98  ? 2.009   0.735   -2.148  1.00 17.90 ? 98  ILE A CG1 1 
ATOM   655  C CG2 . ILE A 1 98  ? 2.860   1.773   -0.080  1.00 16.76 ? 98  ILE A CG2 1 
ATOM   656  C CD1 . ILE A 1 98  ? 1.999   -0.722  -1.637  1.00 17.98 ? 98  ILE A CD1 1 
ATOM   657  N N   . ASP A 1 99  ? 4.450   4.673   -1.022  1.00 25.75 ? 99  ASP A N   1 
ATOM   658  C CA  . ASP A 1 99  ? 5.593   5.292   -0.388  1.00 28.41 ? 99  ASP A CA  1 
ATOM   659  C C   . ASP A 1 99  ? 5.273   5.357   1.087   1.00 28.45 ? 99  ASP A C   1 
ATOM   660  O O   . ASP A 1 99  ? 4.339   6.021   1.541   1.00 25.89 ? 99  ASP A O   1 
ATOM   661  C CB  . ASP A 1 99  ? 5.833   6.704   -0.915  1.00 30.82 ? 99  ASP A CB  1 
ATOM   662  C CG  . ASP A 1 99  ? 6.963   7.450   -0.216  1.00 32.52 ? 99  ASP A CG  1 
ATOM   663  O OD1 . ASP A 1 99  ? 8.124   7.084   -0.396  1.00 33.87 ? 99  ASP A OD1 1 
ATOM   664  O OD2 . ASP A 1 99  ? 6.669   8.397   0.514   1.00 35.01 ? 99  ASP A OD2 1 
ATOM   665  N N   . TYR A 1 100 ? 6.086   4.603   1.820   1.00 30.87 ? 100 TYR A N   1 
ATOM   666  C CA  . TYR A 1 100 ? 6.005   4.612   3.266   1.00 34.37 ? 100 TYR A CA  1 
ATOM   667  C C   . TYR A 1 100 ? 6.716   5.878   3.694   1.00 40.00 ? 100 TYR A C   1 
ATOM   668  O O   . TYR A 1 100 ? 7.800   6.193   3.198   1.00 42.91 ? 100 TYR A O   1 
ATOM   669  C CB  . TYR A 1 100 ? 6.709   3.394   3.850   1.00 30.63 ? 100 TYR A CB  1 
ATOM   670  C CG  . TYR A 1 100 ? 6.119   2.086   3.333   1.00 27.36 ? 100 TYR A CG  1 
ATOM   671  C CD1 . TYR A 1 100 ? 4.941   1.593   3.861   1.00 27.67 ? 100 TYR A CD1 1 
ATOM   672  C CD2 . TYR A 1 100 ? 6.773   1.393   2.333   1.00 26.31 ? 100 TYR A CD2 1 
ATOM   673  C CE1 . TYR A 1 100 ? 4.419   0.402   3.392   1.00 28.39 ? 100 TYR A CE1 1 
ATOM   674  C CE2 . TYR A 1 100 ? 6.255   0.203   1.862   1.00 26.54 ? 100 TYR A CE2 1 
ATOM   675  C CZ  . TYR A 1 100 ? 5.083   -0.281  2.396   1.00 27.69 ? 100 TYR A CZ  1 
ATOM   676  O OH  . TYR A 1 100 ? 4.570   -1.473  1.933   1.00 25.66 ? 100 TYR A OH  1 
ATOM   677  N N   . GLY A 1 101 ? 6.070   6.649   4.567   1.00 33.70 ? 101 GLY A N   1 
ATOM   678  C CA  . GLY A 1 101 ? 6.676   7.872   5.059   1.00 34.79 ? 101 GLY A CA  1 
ATOM   679  C C   . GLY A 1 101 ? 7.642   7.568   6.184   1.00 41.14 ? 101 GLY A C   1 
ATOM   680  O O   . GLY A 1 101 ? 7.330   7.777   7.356   1.00 39.21 ? 101 GLY A O   1 
ATOM   681  N N   . GLU A 1 102 ? 8.812   7.041   5.809   1.00 42.92 ? 102 GLU A N   1 
ATOM   682  C CA  . GLU A 1 102 ? 9.824   6.680   6.782   1.00 40.30 ? 102 GLU A CA  1 
ATOM   683  C C   . GLU A 1 102 ? 10.588  7.881   7.328   1.00 40.11 ? 102 GLU A C   1 
ATOM   684  O O   . GLU A 1 102 ? 11.510  8.435   6.725   1.00 40.04 ? 102 GLU A O   1 
ATOM   685  C CB  . GLU A 1 102 ? 10.800  5.652   6.156   1.00 41.74 ? 102 GLU A CB  1 
ATOM   686  C CG  . GLU A 1 102 ? 11.618  5.964   4.895   1.00 42.45 ? 102 GLU A CG  1 
ATOM   687  C CD  . GLU A 1 102 ? 10.822  6.019   3.600   1.00 41.74 ? 102 GLU A CD  1 
ATOM   688  O OE1 . GLU A 1 102 ? 10.463  4.963   3.079   1.00 43.10 ? 102 GLU A OE1 1 
ATOM   689  O OE2 . GLU A 1 102 ? 10.567  7.119   3.112   1.00 44.63 ? 102 GLU A OE2 1 
ATOM   690  N N   . TYR A 1 103 ? 10.114  8.306   8.500   1.00 46.24 ? 103 TYR A N   1 
ATOM   691  C CA  . TYR A 1 103 ? 10.714  9.414   9.225   1.00 43.06 ? 103 TYR A CA  1 
ATOM   692  C C   . TYR A 1 103 ? 11.322  8.920   10.528  1.00 43.88 ? 103 TYR A C   1 
ATOM   693  O O   . TYR A 1 103 ? 10.740  8.081   11.227  1.00 44.56 ? 103 TYR A O   1 
ATOM   694  C CB  . TYR A 1 103 ? 9.659   10.509  9.519   1.00 46.98 ? 103 TYR A CB  1 
ATOM   695  C CG  . TYR A 1 103 ? 8.505   10.161  10.458  1.00 47.85 ? 103 TYR A CG  1 
ATOM   696  C CD1 . TYR A 1 103 ? 7.381   9.527   9.970   1.00 47.11 ? 103 TYR A CD1 1 
ATOM   697  C CD2 . TYR A 1 103 ? 8.586   10.487  11.801  1.00 46.91 ? 103 TYR A CD2 1 
ATOM   698  C CE1 . TYR A 1 103 ? 6.338   9.216   10.817  1.00 49.06 ? 103 TYR A CE1 1 
ATOM   699  C CE2 . TYR A 1 103 ? 7.545   10.178  12.652  1.00 48.81 ? 103 TYR A CE2 1 
ATOM   700  C CZ  . TYR A 1 103 ? 6.429   9.545   12.151  1.00 50.67 ? 103 TYR A CZ  1 
ATOM   701  O OH  . TYR A 1 103 ? 5.385   9.231   12.997  1.00 49.99 ? 103 TYR A OH  1 
ATOM   702  N N   . MET A 1 104 ? 12.505  9.439   10.859  1.00 52.53 ? 104 MET A N   1 
ATOM   703  C CA  . MET A 1 104 ? 13.159  9.049   12.092  1.00 51.28 ? 104 MET A CA  1 
ATOM   704  C C   . MET A 1 104 ? 12.587  9.791   13.295  1.00 52.99 ? 104 MET A C   1 
ATOM   705  O O   . MET A 1 104 ? 11.902  10.812  13.179  1.00 52.79 ? 104 MET A O   1 
ATOM   706  C CB  . MET A 1 104 ? 14.676  9.298   11.971  1.00 52.25 ? 104 MET A CB  1 
ATOM   707  C CG  . MET A 1 104 ? 15.301  10.645  12.351  1.00 53.86 ? 104 MET A CG  1 
ATOM   708  S SD  . MET A 1 104 ? 14.544  12.109  11.605  1.00 55.86 ? 104 MET A SD  1 
ATOM   709  C CE  . MET A 1 104 ? 14.351  13.092  13.067  1.00 55.35 ? 104 MET A CE  1 
ATOM   710  N N   . ASP A 1 105 ? 12.860  9.226   14.469  1.00 51.09 ? 105 ASP A N   1 
ATOM   711  C CA  . ASP A 1 105 ? 12.436  9.809   15.727  1.00 54.96 ? 105 ASP A CA  1 
ATOM   712  C C   . ASP A 1 105 ? 13.655  9.859   16.639  1.00 52.80 ? 105 ASP A C   1 
ATOM   713  O O   . ASP A 1 105 ? 14.448  10.796  16.540  1.00 53.93 ? 105 ASP A O   1 
ATOM   714  C CB  . ASP A 1 105 ? 11.275  8.954   16.306  1.00 53.79 ? 105 ASP A CB  1 
ATOM   715  C CG  . ASP A 1 105 ? 11.444  7.434   16.282  1.00 54.79 ? 105 ASP A CG  1 
ATOM   716  O OD1 . ASP A 1 105 ? 11.237  6.828   15.230  1.00 55.93 ? 105 ASP A OD1 1 
ATOM   717  O OD2 . ASP A 1 105 ? 11.765  6.862   17.322  1.00 54.05 ? 105 ASP A OD2 1 
ATOM   718  N N   . LYS A 1 106 ? 13.846  8.886   17.533  1.00 55.05 ? 106 LYS A N   1 
ATOM   719  C CA  . LYS A 1 106 ? 15.019  8.802   18.378  1.00 54.19 ? 106 LYS A CA  1 
ATOM   720  C C   . LYS A 1 106 ? 15.691  7.507   17.950  1.00 55.63 ? 106 LYS A C   1 
ATOM   721  O O   . LYS A 1 106 ? 15.357  6.407   18.399  1.00 55.09 ? 106 LYS A O   1 
ATOM   722  C CB  . LYS A 1 106 ? 14.621  8.757   19.864  1.00 56.69 ? 106 LYS A CB  1 
ATOM   723  C CG  . LYS A 1 106 ? 13.997  10.048  20.398  1.00 56.75 ? 106 LYS A CG  1 
ATOM   724  C CD  . LYS A 1 106 ? 12.496  10.138  20.136  1.00 57.76 ? 106 LYS A CD  1 
ATOM   725  C CE  . LYS A 1 106 ? 12.015  11.580  20.204  1.00 57.14 ? 106 LYS A CE  1 
ATOM   726  N NZ  . LYS A 1 106 ? 12.557  12.357  19.103  1.00 57.41 ? 106 LYS A NZ  1 
ATOM   727  N N   . ASN A 1 107 ? 16.606  7.707   16.989  1.00 55.18 ? 107 ASN A N   1 
ATOM   728  C CA  . ASN A 1 107 ? 17.422  6.707   16.301  1.00 52.60 ? 107 ASN A CA  1 
ATOM   729  C C   . ASN A 1 107 ? 16.647  5.855   15.298  1.00 53.98 ? 107 ASN A C   1 
ATOM   730  O O   . ASN A 1 107 ? 17.034  5.818   14.127  1.00 54.38 ? 107 ASN A O   1 
ATOM   731  C CB  . ASN A 1 107 ? 18.115  5.782   17.327  1.00 54.80 ? 107 ASN A CB  1 
ATOM   732  C CG  . ASN A 1 107 ? 19.268  4.915   16.822  1.00 55.84 ? 107 ASN A CG  1 
ATOM   733  O OD1 . ASN A 1 107 ? 19.953  4.280   17.624  1.00 55.38 ? 107 ASN A OD1 1 
ATOM   734  N ND2 . ASN A 1 107 ? 19.555  4.832   15.523  1.00 56.30 ? 107 ASN A ND2 1 
ATOM   735  N N   . ASN A 1 108 ? 15.561  5.171   15.690  1.00 54.90 ? 108 ASN A N   1 
ATOM   736  C CA  . ASN A 1 108 ? 14.804  4.309   14.788  1.00 55.25 ? 108 ASN A CA  1 
ATOM   737  C C   . ASN A 1 108 ? 13.847  5.018   13.823  1.00 56.43 ? 108 ASN A C   1 
ATOM   738  O O   . ASN A 1 108 ? 14.019  6.206   13.539  1.00 52.27 ? 108 ASN A O   1 
ATOM   739  C CB  . ASN A 1 108 ? 14.049  3.271   15.643  1.00 56.07 ? 108 ASN A CB  1 
ATOM   740  C CG  . ASN A 1 108 ? 13.035  3.844   16.621  1.00 54.51 ? 108 ASN A CG  1 
ATOM   741  O OD1 . ASN A 1 108 ? 11.841  3.913   16.338  1.00 55.17 ? 108 ASN A OD1 1 
ATOM   742  N ND2 . ASN A 1 108 ? 13.484  4.266   17.799  1.00 55.29 ? 108 ASN A ND2 1 
ATOM   743  N N   . VAL A 1 109 ? 12.823  4.325   13.297  1.00 55.68 ? 109 VAL A N   1 
ATOM   744  C CA  . VAL A 1 109 ? 11.926  4.873   12.280  1.00 53.15 ? 109 VAL A CA  1 
ATOM   745  C C   . VAL A 1 109 ? 10.475  4.383   12.377  1.00 50.70 ? 109 VAL A C   1 
ATOM   746  O O   . VAL A 1 109 ? 10.213  3.309   12.926  1.00 49.69 ? 109 VAL A O   1 
ATOM   747  C CB  . VAL A 1 109 ? 12.588  4.529   10.898  1.00 54.08 ? 109 VAL A CB  1 
ATOM   748  C CG1 . VAL A 1 109 ? 12.485  3.030   10.614  1.00 54.41 ? 109 VAL A CG1 1 
ATOM   749  C CG2 . VAL A 1 109 ? 11.937  5.339   9.794   1.00 54.43 ? 109 VAL A CG2 1 
ATOM   750  N N   . ARG A 1 110 ? 9.513   5.182   11.884  1.00 47.96 ? 110 ARG A N   1 
ATOM   751  C CA  . ARG A 1 110 ? 8.119   4.744   11.771  1.00 45.21 ? 110 ARG A CA  1 
ATOM   752  C C   . ARG A 1 110 ? 7.396   5.344   10.565  1.00 46.43 ? 110 ARG A C   1 
ATOM   753  O O   . ARG A 1 110 ? 7.833   6.354   10.021  1.00 47.14 ? 110 ARG A O   1 
ATOM   754  C CB  . ARG A 1 110 ? 7.276   5.069   13.025  1.00 48.47 ? 110 ARG A CB  1 
ATOM   755  C CG  . ARG A 1 110 ? 6.203   3.941   13.194  1.00 50.21 ? 110 ARG A CG  1 
ATOM   756  C CD  . ARG A 1 110 ? 6.831   2.521   13.395  1.00 51.55 ? 110 ARG A CD  1 
ATOM   757  N NE  . ARG A 1 110 ? 6.018   1.389   12.927  1.00 52.20 ? 110 ARG A NE  1 
ATOM   758  C CZ  . ARG A 1 110 ? 6.453   0.494   12.006  1.00 51.83 ? 110 ARG A CZ  1 
ATOM   759  N NH1 . ARG A 1 110 ? 7.669   0.572   11.428  1.00 53.82 ? 110 ARG A NH1 1 
ATOM   760  N NH2 . ARG A 1 110 ? 5.671   -0.546  11.686  1.00 54.91 ? 110 ARG A NH2 1 
ATOM   761  N N   . ARG A 1 111 ? 6.292   4.701   10.138  1.00 45.96 ? 111 ARG A N   1 
ATOM   762  C CA  . ARG A 1 111 ? 5.512   4.983   8.935   1.00 44.41 ? 111 ARG A CA  1 
ATOM   763  C C   . ARG A 1 111 ? 4.477   6.116   8.935   1.00 44.15 ? 111 ARG A C   1 
ATOM   764  O O   . ARG A 1 111 ? 3.823   6.456   9.934   1.00 45.15 ? 111 ARG A O   1 
ATOM   765  C CB  . ARG A 1 111 ? 4.829   3.675   8.535   1.00 46.62 ? 111 ARG A CB  1 
ATOM   766  C CG  . ARG A 1 111 ? 5.781   2.604   8.037   1.00 47.83 ? 111 ARG A CG  1 
ATOM   767  C CD  . ARG A 1 111 ? 5.132   1.232   8.168   1.00 47.53 ? 111 ARG A CD  1 
ATOM   768  N NE  . ARG A 1 111 ? 5.801   0.297   7.268   1.00 48.97 ? 111 ARG A NE  1 
ATOM   769  C CZ  . ARG A 1 111 ? 5.638   -1.046  7.243   1.00 49.54 ? 111 ARG A CZ  1 
ATOM   770  N NH1 . ARG A 1 111 ? 4.827   -1.676  8.093   1.00 48.35 ? 111 ARG A NH1 1 
ATOM   771  N NH2 . ARG A 1 111 ? 6.214   -1.779  6.278   1.00 47.05 ? 111 ARG A NH2 1 
ATOM   772  N N   . GLN A 1 112 ? 4.349   6.686   7.726   1.00 45.45 ? 112 GLN A N   1 
ATOM   773  C CA  . GLN A 1 112 ? 3.424   7.768   7.402   1.00 42.61 ? 112 GLN A CA  1 
ATOM   774  C C   . GLN A 1 112 ? 3.121   7.486   5.923   1.00 43.06 ? 112 GLN A C   1 
ATOM   775  O O   . GLN A 1 112 ? 3.399   8.288   5.027   1.00 44.19 ? 112 GLN A O   1 
ATOM   776  C CB  . GLN A 1 112 ? 4.181   9.085   7.643   1.00 45.36 ? 112 GLN A CB  1 
ATOM   777  C CG  . GLN A 1 112 ? 3.518   10.466  7.823   1.00 47.79 ? 112 GLN A CG  1 
ATOM   778  C CD  . GLN A 1 112 ? 4.490   11.544  8.401   1.00 48.88 ? 112 GLN A CD  1 
ATOM   779  O OE1 . GLN A 1 112 ? 4.353   12.030  9.548   1.00 47.84 ? 112 GLN A OE1 1 
ATOM   780  N NE2 . GLN A 1 112 ? 5.534   11.934  7.633   1.00 47.30 ? 112 GLN A NE2 1 
ATOM   781  N N   . ALA A 1 113 ? 2.554   6.311   5.646   1.00 41.80 ? 113 ALA A N   1 
ATOM   782  C CA  . ALA A 1 113 ? 2.335   5.870   4.287   1.00 36.57 ? 113 ALA A CA  1 
ATOM   783  C C   . ALA A 1 113 ? 1.287   6.568   3.447   1.00 33.83 ? 113 ALA A C   1 
ATOM   784  O O   . ALA A 1 113 ? 0.137   6.787   3.840   1.00 32.93 ? 113 ALA A O   1 
ATOM   785  C CB  . ALA A 1 113 ? 2.014   4.358   4.268   1.00 35.60 ? 113 ALA A CB  1 
ATOM   786  N N   . THR A 1 114 ? 1.759   6.914   2.236   1.00 30.59 ? 114 THR A N   1 
ATOM   787  C CA  . THR A 1 114 ? 0.934   7.492   1.180   1.00 27.06 ? 114 THR A CA  1 
ATOM   788  C C   . THR A 1 114 ? 0.951   6.679   -0.106  1.00 26.48 ? 114 THR A C   1 
ATOM   789  O O   . THR A 1 114 ? 1.898   5.931   -0.377  1.00 24.78 ? 114 THR A O   1 
ATOM   790  C CB  . THR A 1 114 ? 1.368   8.864   0.716   1.00 26.96 ? 114 THR A CB  1 
ATOM   791  O OG1 . THR A 1 114 ? 2.783   8.973   0.890   1.00 28.15 ? 114 THR A OG1 1 
ATOM   792  C CG2 . THR A 1 114 ? 0.502   9.877   1.340   1.00 27.81 ? 114 THR A CG2 1 
ATOM   793  N N   . THR A 1 115 ? -0.137  6.857   -0.884  1.00 24.74 ? 115 THR A N   1 
ATOM   794  C CA  . THR A 1 115 ? -0.190  6.413   -2.269  1.00 22.94 ? 115 THR A CA  1 
ATOM   795  C C   . THR A 1 115 ? 0.174   7.707   -3.032  1.00 22.24 ? 115 THR A C   1 
ATOM   796  O O   . THR A 1 115 ? -0.430  8.756   -2.875  1.00 21.67 ? 115 THR A O   1 
ATOM   797  C CB  . THR A 1 115 ? -1.608  5.869   -2.605  1.00 21.26 ? 115 THR A CB  1 
ATOM   798  O OG1 . THR A 1 115 ? -1.853  4.695   -1.804  1.00 20.89 ? 115 THR A OG1 1 
ATOM   799  C CG2 . THR A 1 115 ? -1.693  5.452   -4.068  1.00 21.35 ? 115 THR A CG2 1 
ATOM   800  N N   . ILE A 1 116 ? 1.256   7.765   -3.790  1.00 22.20 ? 116 ILE A N   1 
ATOM   801  C CA  . ILE A 1 116 ? 1.584   8.976   -4.512  1.00 23.03 ? 116 ILE A CA  1 
ATOM   802  C C   . ILE A 1 116 ? 0.962   8.914   -5.906  1.00 25.51 ? 116 ILE A C   1 
ATOM   803  O O   . ILE A 1 116 ? 1.430   8.156   -6.767  1.00 27.76 ? 116 ILE A O   1 
ATOM   804  C CB  . ILE A 1 116 ? 3.093   9.053   -4.557  1.00 21.63 ? 116 ILE A CB  1 
ATOM   805  C CG1 . ILE A 1 116 ? 3.659   8.976   -3.132  1.00 20.28 ? 116 ILE A CG1 1 
ATOM   806  C CG2 . ILE A 1 116 ? 3.444   10.264  -5.409  1.00 19.16 ? 116 ILE A CG2 1 
ATOM   807  C CD1 . ILE A 1 116 ? 5.047   9.605   -2.985  1.00 19.90 ? 116 ILE A CD1 1 
ATOM   808  N N   . ILE A 1 117 ? -0.088  9.663   -6.213  1.00 27.13 ? 117 ILE A N   1 
ATOM   809  C CA  . ILE A 1 117 ? -0.714  9.640   -7.561  1.00 28.63 ? 117 ILE A CA  1 
ATOM   810  C C   . ILE A 1 117 ? 0.040   10.075  -8.866  1.00 28.97 ? 117 ILE A C   1 
ATOM   811  O O   . ILE A 1 117 ? 0.636   11.152  -8.971  1.00 31.26 ? 117 ILE A O   1 
ATOM   812  C CB  . ILE A 1 117 ? -1.966  10.456  -7.438  1.00 27.52 ? 117 ILE A CB  1 
ATOM   813  C CG1 . ILE A 1 117 ? -2.913  9.888   -6.460  1.00 28.78 ? 117 ILE A CG1 1 
ATOM   814  C CG2 . ILE A 1 117 ? -2.642  10.477  -8.764  1.00 31.09 ? 117 ILE A CG2 1 
ATOM   815  C CD1 . ILE A 1 117 ? -4.223  10.729  -6.483  1.00 31.99 ? 117 ILE A CD1 1 
ATOM   816  N N   . ALA A 1 118 ? -0.137  9.240   -9.904  1.00 29.16 ? 118 ALA A N   1 
ATOM   817  C CA  . ALA A 1 118 ? 0.340   9.350   -11.286 1.00 28.44 ? 118 ALA A CA  1 
ATOM   818  C C   . ALA A 1 118 ? -0.854  9.568   -12.244 1.00 28.93 ? 118 ALA A C   1 
ATOM   819  O O   . ALA A 1 118 ? -0.682  9.947   -13.398 1.00 30.16 ? 118 ALA A O   1 
ATOM   820  C CB  . ALA A 1 118 ? 1.077   8.033   -11.702 1.00 24.31 ? 118 ALA A CB  1 
ATOM   821  N N   . ASP A 1 119 ? -2.106  9.343   -11.819 1.00 29.31 ? 119 ASP A N   1 
ATOM   822  C CA  . ASP A 1 119 ? -3.290  9.386   -12.665 1.00 28.88 ? 119 ASP A CA  1 
ATOM   823  C C   . ASP A 1 119 ? -4.611  9.272   -11.891 1.00 27.23 ? 119 ASP A C   1 
ATOM   824  O O   . ASP A 1 119 ? -4.730  8.491   -10.968 1.00 27.07 ? 119 ASP A O   1 
ATOM   825  C CB  . ASP A 1 119 ? -3.092  8.253   -13.695 1.00 31.78 ? 119 ASP A CB  1 
ATOM   826  C CG  . ASP A 1 119 ? -4.224  7.761   -14.589 1.00 34.77 ? 119 ASP A CG  1 
ATOM   827  O OD1 . ASP A 1 119 ? -5.192  8.476   -14.854 1.00 37.52 ? 119 ASP A OD1 1 
ATOM   828  O OD2 . ASP A 1 119 ? -4.125  6.616   -15.032 1.00 36.78 ? 119 ASP A OD2 1 
ATOM   829  N N   . ASN A 1 120 ? -5.624  10.081  -12.181 1.00 25.99 ? 120 ASN A N   1 
ATOM   830  C CA  . ASN A 1 120 ? -6.939  9.949   -11.585 1.00 26.09 ? 120 ASN A CA  1 
ATOM   831  C C   . ASN A 1 120 ? -7.932  9.961   -12.741 1.00 26.39 ? 120 ASN A C   1 
ATOM   832  O O   . ASN A 1 120 ? -7.811  10.747  -13.686 1.00 29.63 ? 120 ASN A O   1 
ATOM   833  C CB  . ASN A 1 120 ? -7.401  11.115  -10.724 1.00 26.84 ? 120 ASN A CB  1 
ATOM   834  C CG  . ASN A 1 120 ? -6.490  11.699  -9.662  1.00 30.10 ? 120 ASN A CG  1 
ATOM   835  O OD1 . ASN A 1 120 ? -6.946  12.301  -8.692  1.00 31.17 ? 120 ASN A OD1 1 
ATOM   836  N ND2 . ASN A 1 120 ? -5.174  11.636  -9.781  1.00 30.96 ? 120 ASN A ND2 1 
ATOM   837  N N   . ILE A 1 121 ? -8.942  9.111   -12.748 1.00 24.29 ? 121 ILE A N   1 
ATOM   838  C CA  . ILE A 1 121 ? -10.042 9.255   -13.695 1.00 23.42 ? 121 ILE A CA  1 
ATOM   839  C C   . ILE A 1 121 ? -11.244 9.620   -12.813 1.00 22.62 ? 121 ILE A C   1 
ATOM   840  O O   . ILE A 1 121 ? -11.563 8.978   -11.798 1.00 22.42 ? 121 ILE A O   1 
ATOM   841  C CB  . ILE A 1 121 ? -10.200 7.914   -14.423 1.00 23.59 ? 121 ILE A CB  1 
ATOM   842  C CG1 . ILE A 1 121 ? -8.893  7.617   -15.235 1.00 25.65 ? 121 ILE A CG1 1 
ATOM   843  C CG2 . ILE A 1 121 ? -11.486 7.960   -15.252 1.00 24.45 ? 121 ILE A CG2 1 
ATOM   844  C CD1 . ILE A 1 121 ? -8.628  6.309   -16.073 1.00 22.42 ? 121 ILE A CD1 1 
ATOM   845  N N   . ILE A 1 122 ? -11.928 10.697  -13.120 1.00 22.33 ? 122 ILE A N   1 
ATOM   846  C CA  . ILE A 1 122 ? -13.012 11.123  -12.257 1.00 24.50 ? 122 ILE A CA  1 
ATOM   847  C C   . ILE A 1 122 ? -14.207 10.387  -12.831 1.00 26.75 ? 122 ILE A C   1 
ATOM   848  O O   . ILE A 1 122 ? -14.325 10.401  -14.033 1.00 26.23 ? 122 ILE A O   1 
ATOM   849  C CB  . ILE A 1 122 ? -13.229 12.714  -12.296 1.00 24.33 ? 122 ILE A CB  1 
ATOM   850  C CG1 . ILE A 1 122 ? -11.987 13.677  -12.110 1.00 22.28 ? 122 ILE A CG1 1 
ATOM   851  C CG2 . ILE A 1 122 ? -14.100 12.952  -11.073 1.00 26.32 ? 122 ILE A CG2 1 
ATOM   852  C CD1 . ILE A 1 122 ? -11.557 14.349  -10.777 1.00 20.11 ? 122 ILE A CD1 1 
ATOM   853  N N   . PHE A 1 123 ? -15.088 9.686   -12.108 1.00 32.30 ? 123 PHE A N   1 
ATOM   854  C CA  . PHE A 1 123 ? -16.290 9.055   -12.665 1.00 37.35 ? 123 PHE A CA  1 
ATOM   855  C C   . PHE A 1 123 ? -17.565 9.892   -12.677 1.00 42.13 ? 123 PHE A C   1 
ATOM   856  O O   . PHE A 1 123 ? -18.532 9.663   -11.937 1.00 43.93 ? 123 PHE A O   1 
ATOM   857  C CB  . PHE A 1 123 ? -16.687 7.821   -11.936 1.00 36.59 ? 123 PHE A CB  1 
ATOM   858  C CG  . PHE A 1 123 ? -15.609 6.812   -11.807 1.00 36.22 ? 123 PHE A CG  1 
ATOM   859  C CD1 . PHE A 1 123 ? -14.902 6.426   -12.910 1.00 36.22 ? 123 PHE A CD1 1 
ATOM   860  C CD2 . PHE A 1 123 ? -15.419 6.280   -10.583 1.00 36.26 ? 123 PHE A CD2 1 
ATOM   861  C CE1 . PHE A 1 123 ? -13.970 5.465   -12.802 1.00 34.79 ? 123 PHE A CE1 1 
ATOM   862  C CE2 . PHE A 1 123 ? -14.481 5.315   -10.481 1.00 37.54 ? 123 PHE A CE2 1 
ATOM   863  C CZ  . PHE A 1 123 ? -13.769 4.913   -11.585 1.00 37.11 ? 123 PHE A CZ  1 
ATOM   864  N N   . LEU A 1 124 ? -17.542 10.883  -13.572 1.00 47.13 ? 124 LEU A N   1 
ATOM   865  C CA  . LEU A 1 124 ? -18.635 11.794  -13.868 1.00 48.83 ? 124 LEU A CA  1 
ATOM   866  C C   . LEU A 1 124 ? -18.423 12.459  -15.220 1.00 50.46 ? 124 LEU A C   1 
ATOM   867  O O   . LEU A 1 124 ? -17.849 11.882  -16.154 1.00 53.03 ? 124 LEU A O   1 
ATOM   868  C CB  . LEU A 1 124 ? -18.732 12.844  -12.766 1.00 49.25 ? 124 LEU A CB  1 
ATOM   869  C CG  . LEU A 1 124 ? -17.493 13.388  -12.083 1.00 49.91 ? 124 LEU A CG  1 
ATOM   870  C CD1 . LEU A 1 124 ? -16.877 14.499  -12.916 1.00 50.08 ? 124 LEU A CD1 1 
ATOM   871  C CD2 . LEU A 1 124 ? -17.886 13.864  -10.683 1.00 50.86 ? 124 LEU A CD2 1 
ATOM   872  N N   . LEU B 1 10  ? -24.348 -3.281  -2.432  1.00 48.74 ? 10  LEU B N   1 
ATOM   873  C CA  . LEU B 1 10  ? -23.396 -2.313  -1.905  1.00 48.33 ? 10  LEU B CA  1 
ATOM   874  C C   . LEU B 1 10  ? -22.185 -1.948  -2.806  1.00 49.47 ? 10  LEU B C   1 
ATOM   875  O O   . LEU B 1 10  ? -21.766 -2.734  -3.680  1.00 49.54 ? 10  LEU B O   1 
ATOM   876  C CB  . LEU B 1 10  ? -22.962 -2.878  -0.559  1.00 48.82 ? 10  LEU B CB  1 
ATOM   877  C CG  . LEU B 1 10  ? -22.368 -1.962  0.494   1.00 48.91 ? 10  LEU B CG  1 
ATOM   878  C CD1 . LEU B 1 10  ? -23.005 -2.357  1.833   1.00 49.63 ? 10  LEU B CD1 1 
ATOM   879  C CD2 . LEU B 1 10  ? -20.844 -2.038  0.503   1.00 48.00 ? 10  LEU B CD2 1 
ATOM   880  N N   . GLU B 1 11  ? -21.651 -0.716  -2.528  1.00 48.76 ? 11  GLU B N   1 
ATOM   881  C CA  . GLU B 1 11  ? -20.515 -0.014  -3.177  1.00 45.77 ? 11  GLU B CA  1 
ATOM   882  C C   . GLU B 1 11  ? -19.199 -0.807  -3.262  1.00 43.46 ? 11  GLU B C   1 
ATOM   883  O O   . GLU B 1 11  ? -18.491 -1.093  -2.285  1.00 42.31 ? 11  GLU B O   1 
ATOM   884  C CB  . GLU B 1 11  ? -20.234 1.338   -2.436  1.00 46.08 ? 11  GLU B CB  1 
ATOM   885  C CG  . GLU B 1 11  ? -19.108 2.283   -2.964  1.00 46.14 ? 11  GLU B CG  1 
ATOM   886  C CD  . GLU B 1 11  ? -17.956 2.627   -1.996  1.00 47.74 ? 11  GLU B CD  1 
ATOM   887  O OE1 . GLU B 1 11  ? -18.212 2.958   -0.840  1.00 48.56 ? 11  GLU B OE1 1 
ATOM   888  O OE2 . GLU B 1 11  ? -16.786 2.567   -2.386  1.00 47.29 ? 11  GLU B OE2 1 
ATOM   889  N N   . ARG B 1 12  ? -18.919 -1.138  -4.534  1.00 49.82 ? 12  ARG B N   1 
ATOM   890  C CA  . ARG B 1 12  ? -17.721 -1.848  -4.962  1.00 44.28 ? 12  ARG B CA  1 
ATOM   891  C C   . ARG B 1 12  ? -16.490 -0.946  -4.970  1.00 38.54 ? 12  ARG B C   1 
ATOM   892  O O   . ARG B 1 12  ? -16.521 0.226   -5.363  1.00 36.31 ? 12  ARG B O   1 
ATOM   893  C CB  . ARG B 1 12  ? -17.972 -2.413  -6.353  1.00 47.26 ? 12  ARG B CB  1 
ATOM   894  C CG  . ARG B 1 12  ? -18.941 -3.564  -6.438  1.00 50.70 ? 12  ARG B CG  1 
ATOM   895  C CD  . ARG B 1 12  ? -18.236 -4.870  -6.044  1.00 53.90 ? 12  ARG B CD  1 
ATOM   896  N NE  . ARG B 1 12  ? -17.435 -5.486  -7.106  1.00 58.52 ? 12  ARG B NE  1 
ATOM   897  C CZ  . ARG B 1 12  ? -17.940 -6.136  -8.198  1.00 60.65 ? 12  ARG B CZ  1 
ATOM   898  N NH1 . ARG B 1 12  ? -19.251 -6.296  -8.479  1.00 61.97 ? 12  ARG B NH1 1 
ATOM   899  N NH2 . ARG B 1 12  ? -17.112 -6.746  -9.032  1.00 60.19 ? 12  ARG B NH2 1 
ATOM   900  N N   . SER B 1 13  ? -15.383 -1.540  -4.519  1.00 32.12 ? 13  SER B N   1 
ATOM   901  C CA  . SER B 1 13  ? -14.124 -0.818  -4.439  1.00 25.19 ? 13  SER B CA  1 
ATOM   902  C C   . SER B 1 13  ? -12.981 -1.564  -5.096  1.00 21.73 ? 13  SER B C   1 
ATOM   903  O O   . SER B 1 13  ? -13.066 -2.743  -5.443  1.00 20.19 ? 13  SER B O   1 
ATOM   904  C CB  . SER B 1 13  ? -13.780 -0.556  -2.962  1.00 23.90 ? 13  SER B CB  1 
ATOM   905  O OG  . SER B 1 13  ? -14.800 0.125   -2.236  1.00 22.32 ? 13  SER B OG  1 
ATOM   906  N N   . LEU B 1 14  ? -11.876 -0.847  -5.283  1.00 19.44 ? 14  LEU B N   1 
ATOM   907  C CA  . LEU B 1 14  ? -10.637 -1.461  -5.745  1.00 17.71 ? 14  LEU B CA  1 
ATOM   908  C C   . LEU B 1 14  ? -9.500  -1.013  -4.850  1.00 16.57 ? 14  LEU B C   1 
ATOM   909  O O   . LEU B 1 14  ? -9.333  0.165   -4.510  1.00 18.45 ? 14  LEU B O   1 
ATOM   910  C CB  . LEU B 1 14  ? -10.258 -1.053  -7.145  1.00 16.86 ? 14  LEU B CB  1 
ATOM   911  C CG  . LEU B 1 14  ? -10.041 -2.004  -8.249  1.00 16.02 ? 14  LEU B CG  1 
ATOM   912  C CD1 . LEU B 1 14  ? -9.179  -1.168  -9.161  1.00 15.88 ? 14  LEU B CD1 1 
ATOM   913  C CD2 . LEU B 1 14  ? -9.296  -3.296  -7.915  1.00 15.19 ? 14  LEU B CD2 1 
ATOM   914  N N   . ASN B 1 15  ? -8.738  -2.035  -4.474  1.00 15.90 ? 15  ASN B N   1 
ATOM   915  C CA  . ASN B 1 15  ? -7.573  -1.892  -3.654  1.00 14.39 ? 15  ASN B CA  1 
ATOM   916  C C   . ASN B 1 15  ? -6.709  -3.009  -4.136  1.00 14.34 ? 15  ASN B C   1 
ATOM   917  O O   . ASN B 1 15  ? -6.792  -4.132  -3.657  1.00 14.76 ? 15  ASN B O   1 
ATOM   918  C CB  . ASN B 1 15  ? -7.956  -2.093  -2.236  1.00 17.13 ? 15  ASN B CB  1 
ATOM   919  C CG  . ASN B 1 15  ? -6.817  -2.046  -1.252  1.00 19.61 ? 15  ASN B CG  1 
ATOM   920  O OD1 . ASN B 1 15  ? -5.651  -1.991  -1.638  1.00 22.49 ? 15  ASN B OD1 1 
ATOM   921  N ND2 . ASN B 1 15  ? -7.126  -2.044  0.042   1.00 21.07 ? 15  ASN B ND2 1 
ATOM   922  N N   . ARG B 1 16  ? -5.890  -2.688  -5.115  1.00 15.92 ? 16  ARG B N   1 
ATOM   923  C CA  . ARG B 1 16  ? -4.973  -3.650  -5.677  1.00 18.13 ? 16  ARG B CA  1 
ATOM   924  C C   . ARG B 1 16  ? -3.582  -3.078  -5.821  1.00 19.74 ? 16  ARG B C   1 
ATOM   925  O O   . ARG B 1 16  ? -3.455  -1.962  -6.328  1.00 22.09 ? 16  ARG B O   1 
ATOM   926  C CB  . ARG B 1 16  ? -5.390  -4.089  -7.042  1.00 20.48 ? 16  ARG B CB  1 
ATOM   927  C CG  . ARG B 1 16  ? -4.622  -5.372  -7.299  1.00 24.02 ? 16  ARG B CG  1 
ATOM   928  C CD  . ARG B 1 16  ? -4.797  -6.009  -8.635  1.00 27.51 ? 16  ARG B CD  1 
ATOM   929  N NE  . ARG B 1 16  ? -6.180  -6.312  -8.870  1.00 32.07 ? 16  ARG B NE  1 
ATOM   930  C CZ  . ARG B 1 16  ? -6.889  -5.754  -9.867  1.00 34.56 ? 16  ARG B CZ  1 
ATOM   931  N NH1 . ARG B 1 16  ? -6.395  -4.853  -10.752 1.00 34.87 ? 16  ARG B NH1 1 
ATOM   932  N NH2 . ARG B 1 16  ? -8.152  -6.160  -9.960  1.00 35.01 ? 16  ARG B NH2 1 
ATOM   933  N N   . VAL B 1 17  ? -2.559  -3.809  -5.327  1.00 19.54 ? 17  VAL B N   1 
ATOM   934  C CA  . VAL B 1 17  ? -1.168  -3.483  -5.534  1.00 19.79 ? 17  VAL B CA  1 
ATOM   935  C C   . VAL B 1 17  ? -0.620  -4.627  -6.369  1.00 22.24 ? 17  VAL B C   1 
ATOM   936  O O   . VAL B 1 17  ? -1.007  -5.785  -6.187  1.00 22.81 ? 17  VAL B O   1 
ATOM   937  C CB  . VAL B 1 17  ? -0.335  -3.390  -4.234  1.00 18.73 ? 17  VAL B CB  1 
ATOM   938  C CG1 . VAL B 1 17  ? -0.869  -2.265  -3.430  1.00 19.28 ? 17  VAL B CG1 1 
ATOM   939  C CG2 . VAL B 1 17  ? -0.487  -4.582  -3.352  1.00 19.55 ? 17  VAL B CG2 1 
ATOM   940  N N   . HIS B 1 18  ? 0.280   -4.287  -7.316  1.00 23.80 ? 18  HIS B N   1 
ATOM   941  C CA  . HIS B 1 18  ? 0.983   -5.228  -8.200  1.00 22.52 ? 18  HIS B CA  1 
ATOM   942  C C   . HIS B 1 18  ? 2.464   -5.040  -7.853  1.00 21.58 ? 18  HIS B C   1 
ATOM   943  O O   . HIS B 1 18  ? 2.961   -3.922  -7.913  1.00 21.42 ? 18  HIS B O   1 
ATOM   944  C CB  . HIS B 1 18  ? 0.701   -4.829  -9.630  1.00 24.09 ? 18  HIS B CB  1 
ATOM   945  C CG  . HIS B 1 18  ? -0.786  -4.548  -9.933  1.00 25.92 ? 18  HIS B CG  1 
ATOM   946  N ND1 . HIS B 1 18  ? -1.429  -3.404  -9.758  1.00 26.25 ? 18  HIS B ND1 1 
ATOM   947  C CD2 . HIS B 1 18  ? -1.680  -5.436  -10.491 1.00 26.62 ? 18  HIS B CD2 1 
ATOM   948  C CE1 . HIS B 1 18  ? -2.648  -3.590  -10.201 1.00 26.98 ? 18  HIS B CE1 1 
ATOM   949  N NE2 . HIS B 1 18  ? -2.810  -4.807  -10.645 1.00 26.82 ? 18  HIS B NE2 1 
ATOM   950  N N   . LEU B 1 19  ? 3.212   -6.029  -7.381  1.00 20.33 ? 19  LEU B N   1 
ATOM   951  C CA  . LEU B 1 19  ? 4.607   -5.814  -7.048  1.00 20.14 ? 19  LEU B CA  1 
ATOM   952  C C   . LEU B 1 19  ? 5.495   -6.842  -7.748  1.00 20.94 ? 19  LEU B C   1 
ATOM   953  O O   . LEU B 1 19  ? 5.080   -7.944  -8.119  1.00 22.53 ? 19  LEU B O   1 
ATOM   954  C CB  . LEU B 1 19  ? 4.812   -5.883  -5.527  1.00 17.77 ? 19  LEU B CB  1 
ATOM   955  C CG  . LEU B 1 19  ? 4.075   -4.923  -4.522  1.00 17.92 ? 19  LEU B CG  1 
ATOM   956  C CD1 . LEU B 1 19  ? 4.421   -5.435  -3.123  1.00 14.91 ? 19  LEU B CD1 1 
ATOM   957  C CD2 . LEU B 1 19  ? 4.455   -3.418  -4.668  1.00 14.44 ? 19  LEU B CD2 1 
ATOM   958  N N   . LEU B 1 20  ? 6.727   -6.435  -8.039  1.00 19.70 ? 20  LEU B N   1 
ATOM   959  C CA  . LEU B 1 20  ? 7.701   -7.278  -8.698  1.00 18.83 ? 20  LEU B CA  1 
ATOM   960  C C   . LEU B 1 20  ? 9.001   -6.752  -8.176  1.00 20.15 ? 20  LEU B C   1 
ATOM   961  O O   . LEU B 1 20  ? 9.329   -5.574  -8.354  1.00 21.53 ? 20  LEU B O   1 
ATOM   962  C CB  . LEU B 1 20  ? 7.627   -7.088  -10.177 1.00 18.05 ? 20  LEU B CB  1 
ATOM   963  C CG  . LEU B 1 20  ? 8.755   -7.614  -11.015 1.00 17.02 ? 20  LEU B CG  1 
ATOM   964  C CD1 . LEU B 1 20  ? 8.772   -9.100  -11.085 1.00 16.38 ? 20  LEU B CD1 1 
ATOM   965  C CD2 . LEU B 1 20  ? 8.547   -7.090  -12.410 1.00 17.91 ? 20  LEU B CD2 1 
ATOM   966  N N   . GLY B 1 21  ? 9.717   -7.595  -7.461  1.00 20.21 ? 21  GLY B N   1 
ATOM   967  C CA  . GLY B 1 21  ? 10.983  -7.189  -6.892  1.00 19.95 ? 21  GLY B CA  1 
ATOM   968  C C   . GLY B 1 21  ? 11.707  -8.403  -6.342  1.00 21.36 ? 21  GLY B C   1 
ATOM   969  O O   . GLY B 1 21  ? 11.366  -9.560  -6.579  1.00 21.79 ? 21  GLY B O   1 
ATOM   970  N N   . ARG B 1 22  ? 12.735  -8.109  -5.563  1.00 22.62 ? 22  ARG B N   1 
ATOM   971  C CA  . ARG B 1 22  ? 13.567  -9.105  -4.918  1.00 23.43 ? 22  ARG B CA  1 
ATOM   972  C C   . ARG B 1 22  ? 13.196  -9.278  -3.461  1.00 24.82 ? 22  ARG B C   1 
ATOM   973  O O   . ARG B 1 22  ? 13.011  -8.306  -2.726  1.00 26.39 ? 22  ARG B O   1 
ATOM   974  C CB  . ARG B 1 22  ? 14.993  -8.681  -4.992  1.00 23.94 ? 22  ARG B CB  1 
ATOM   975  C CG  . ARG B 1 22  ? 15.497  -8.574  -6.389  1.00 23.35 ? 22  ARG B CG  1 
ATOM   976  C CD  . ARG B 1 22  ? 16.182  -9.859  -6.703  1.00 25.42 ? 22  ARG B CD  1 
ATOM   977  N NE  . ARG B 1 22  ? 16.382  -9.914  -8.131  1.00 29.17 ? 22  ARG B NE  1 
ATOM   978  C CZ  . ARG B 1 22  ? 16.846  -10.997 -8.739  1.00 30.10 ? 22  ARG B CZ  1 
ATOM   979  N NH1 . ARG B 1 22  ? 17.164  -12.102 -8.054  1.00 30.15 ? 22  ARG B NH1 1 
ATOM   980  N NH2 . ARG B 1 22  ? 16.933  -10.958 -10.062 1.00 29.33 ? 22  ARG B NH2 1 
ATOM   981  N N   . VAL B 1 23  ? 13.075  -10.536 -3.049  1.00 25.34 ? 23  VAL B N   1 
ATOM   982  C CA  . VAL B 1 23  ? 12.756  -10.848 -1.669  1.00 26.18 ? 23  VAL B CA  1 
ATOM   983  C C   . VAL B 1 23  ? 13.961  -10.506 -0.810  1.00 28.08 ? 23  VAL B C   1 
ATOM   984  O O   . VAL B 1 23  ? 15.091  -10.837 -1.148  1.00 29.90 ? 23  VAL B O   1 
ATOM   985  C CB  . VAL B 1 23  ? 12.381  -12.317 -1.601  1.00 25.17 ? 23  VAL B CB  1 
ATOM   986  C CG1 . VAL B 1 23  ? 12.246  -12.783 -0.165  1.00 24.92 ? 23  VAL B CG1 1 
ATOM   987  C CG2 . VAL B 1 23  ? 11.039  -12.485 -2.292  1.00 23.51 ? 23  VAL B CG2 1 
ATOM   988  N N   . GLY B 1 24  ? 13.718  -9.747  0.256   1.00 30.40 ? 24  GLY B N   1 
ATOM   989  C CA  . GLY B 1 24  ? 14.771  -9.245  1.121   1.00 34.44 ? 24  GLY B CA  1 
ATOM   990  C C   . GLY B 1 24  ? 15.107  -10.126 2.311   1.00 37.98 ? 24  GLY B C   1 
ATOM   991  O O   . GLY B 1 24  ? 16.218  -10.050 2.844   1.00 38.87 ? 24  GLY B O   1 
ATOM   992  N N   . GLN B 1 25  ? 14.152  -10.963 2.740   1.00 40.96 ? 25  GLN B N   1 
ATOM   993  C CA  . GLN B 1 25  ? 14.357  -11.848 3.885   1.00 42.83 ? 25  GLN B CA  1 
ATOM   994  C C   . GLN B 1 25  ? 13.662  -13.178 3.695   1.00 42.25 ? 25  GLN B C   1 
ATOM   995  O O   . GLN B 1 25  ? 12.601  -13.301 3.059   1.00 42.10 ? 25  GLN B O   1 
ATOM   996  C CB  . GLN B 1 25  ? 13.830  -11.256 5.229   1.00 43.99 ? 25  GLN B CB  1 
ATOM   997  C CG  . GLN B 1 25  ? 12.323  -11.010 5.278   1.00 46.50 ? 25  GLN B CG  1 
ATOM   998  C CD  . GLN B 1 25  ? 11.687  -11.193 6.642   1.00 47.56 ? 25  GLN B CD  1 
ATOM   999  O OE1 . GLN B 1 25  ? 11.585  -12.306 7.146   1.00 48.61 ? 25  GLN B OE1 1 
ATOM   1000 N NE2 . GLN B 1 25  ? 11.211  -10.126 7.276   1.00 48.58 ? 25  GLN B NE2 1 
ATOM   1001 N N   . ASP B 1 26  ? 14.287  -14.197 4.296   1.00 42.21 ? 26  ASP B N   1 
ATOM   1002 C CA  . ASP B 1 26  ? 13.749  -15.548 4.322   1.00 43.77 ? 26  ASP B CA  1 
ATOM   1003 C C   . ASP B 1 26  ? 12.544  -15.614 5.254   1.00 42.71 ? 26  ASP B C   1 
ATOM   1004 O O   . ASP B 1 26  ? 12.643  -15.222 6.419   1.00 42.37 ? 26  ASP B O   1 
ATOM   1005 C CB  . ASP B 1 26  ? 14.795  -16.546 4.814   1.00 46.62 ? 26  ASP B CB  1 
ATOM   1006 C CG  . ASP B 1 26  ? 15.908  -16.786 3.810   1.00 48.64 ? 26  ASP B CG  1 
ATOM   1007 O OD1 . ASP B 1 26  ? 15.682  -17.506 2.838   1.00 49.29 ? 26  ASP B OD1 1 
ATOM   1008 O OD2 . ASP B 1 26  ? 16.999  -16.255 4.005   1.00 50.52 ? 26  ASP B OD2 1 
ATOM   1009 N N   . PRO B 1 27  ? 11.383  -16.091 4.779   1.00 40.33 ? 27  PRO B N   1 
ATOM   1010 C CA  . PRO B 1 27  ? 10.091  -16.037 5.455   1.00 38.53 ? 27  PRO B CA  1 
ATOM   1011 C C   . PRO B 1 27  ? 9.961   -16.567 6.870   1.00 38.09 ? 27  PRO B C   1 
ATOM   1012 O O   . PRO B 1 27  ? 10.500  -17.607 7.247   1.00 39.16 ? 27  PRO B O   1 
ATOM   1013 C CB  . PRO B 1 27  ? 9.155   -16.751 4.510   1.00 38.67 ? 27  PRO B CB  1 
ATOM   1014 C CG  . PRO B 1 27  ? 9.731   -16.398 3.178   1.00 39.88 ? 27  PRO B CG  1 
ATOM   1015 C CD  . PRO B 1 27  ? 11.205  -16.628 3.439   1.00 39.80 ? 27  PRO B CD  1 
ATOM   1016 N N   . VAL B 1 28  ? 9.226   -15.775 7.651   1.00 35.83 ? 28  VAL B N   1 
ATOM   1017 C CA  . VAL B 1 28  ? 8.933   -16.098 9.037   1.00 32.83 ? 28  VAL B CA  1 
ATOM   1018 C C   . VAL B 1 28  ? 7.468   -16.439 9.263   1.00 33.37 ? 28  VAL B C   1 
ATOM   1019 O O   . VAL B 1 28  ? 6.560   -15.693 8.887   1.00 34.17 ? 28  VAL B O   1 
ATOM   1020 C CB  . VAL B 1 28  ? 9.347   -14.919 9.983   1.00 31.04 ? 28  VAL B CB  1 
ATOM   1021 C CG1 . VAL B 1 28  ? 10.869  -14.880 10.041  1.00 29.38 ? 28  VAL B CG1 1 
ATOM   1022 C CG2 . VAL B 1 28  ? 8.839   -13.566 9.499   1.00 30.41 ? 28  VAL B CG2 1 
ATOM   1023 N N   . LEU B 1 29  ? 7.246   -17.620 9.847   1.00 35.50 ? 29  LEU B N   1 
ATOM   1024 C CA  . LEU B 1 29  ? 5.908   -18.067 10.197  1.00 35.88 ? 29  LEU B CA  1 
ATOM   1025 C C   . LEU B 1 29  ? 5.468   -17.458 11.517  1.00 37.24 ? 29  LEU B C   1 
ATOM   1026 O O   . LEU B 1 29  ? 5.966   -17.760 12.606  1.00 37.81 ? 29  LEU B O   1 
ATOM   1027 C CB  . LEU B 1 29  ? 5.843   -19.593 10.312  1.00 35.86 ? 29  LEU B CB  1 
ATOM   1028 C CG  . LEU B 1 29  ? 5.768   -20.440 9.048   1.00 35.12 ? 29  LEU B CG  1 
ATOM   1029 C CD1 . LEU B 1 29  ? 5.773   -21.907 9.439   1.00 35.46 ? 29  LEU B CD1 1 
ATOM   1030 C CD2 . LEU B 1 29  ? 4.501   -20.119 8.268   1.00 35.87 ? 29  LEU B CD2 1 
ATOM   1031 N N   . ARG B 1 30  ? 4.536   -16.528 11.343  1.00 42.02 ? 30  ARG B N   1 
ATOM   1032 C CA  . ARG B 1 30  ? 3.917   -15.808 12.438  1.00 46.91 ? 30  ARG B CA  1 
ATOM   1033 C C   . ARG B 1 30  ? 2.462   -16.220 12.608  1.00 48.30 ? 30  ARG B C   1 
ATOM   1034 O O   . ARG B 1 30  ? 1.865   -16.858 11.735  1.00 48.07 ? 30  ARG B O   1 
ATOM   1035 C CB  . ARG B 1 30  ? 3.996   -14.308 12.174  1.00 49.02 ? 30  ARG B CB  1 
ATOM   1036 C CG  . ARG B 1 30  ? 5.398   -13.693 12.172  1.00 51.88 ? 30  ARG B CG  1 
ATOM   1037 C CD  . ARG B 1 30  ? 5.998   -13.477 13.556  1.00 53.13 ? 30  ARG B CD  1 
ATOM   1038 N NE  . ARG B 1 30  ? 6.564   -14.688 14.128  1.00 54.50 ? 30  ARG B NE  1 
ATOM   1039 C CZ  . ARG B 1 30  ? 7.875   -14.946 14.105  1.00 54.62 ? 30  ARG B CZ  1 
ATOM   1040 N NH1 . ARG B 1 30  ? 8.754   -14.107 13.552  1.00 55.46 ? 30  ARG B NH1 1 
ATOM   1041 N NH2 . ARG B 1 30  ? 8.319   -16.071 14.658  1.00 59.03 ? 30  ARG B NH2 1 
ATOM   1042 N N   . GLN B 1 31  ? 1.880   -15.849 13.751  1.00 51.80 ? 31  GLN B N   1 
ATOM   1043 C CA  . GLN B 1 31  ? 0.503   -16.200 14.040  1.00 52.86 ? 31  GLN B CA  1 
ATOM   1044 C C   . GLN B 1 31  ? -0.209  -15.068 14.765  1.00 53.61 ? 31  GLN B C   1 
ATOM   1045 O O   . GLN B 1 31  ? 0.097   -14.712 15.908  1.00 52.08 ? 31  GLN B O   1 
ATOM   1046 C CB  . GLN B 1 31  ? 0.504   -17.485 14.872  1.00 53.94 ? 31  GLN B CB  1 
ATOM   1047 C CG  . GLN B 1 31  ? -0.869  -18.125 15.026  1.00 54.29 ? 31  GLN B CG  1 
ATOM   1048 C CD  . GLN B 1 31  ? -0.814  -19.563 15.526  1.00 55.36 ? 31  GLN B CD  1 
ATOM   1049 O OE1 . GLN B 1 31  ? -1.275  -20.482 14.849  1.00 54.55 ? 31  GLN B OE1 1 
ATOM   1050 N NE2 . GLN B 1 31  ? -0.261  -19.813 16.713  1.00 55.48 ? 31  GLN B NE2 1 
ATOM   1051 N N   . VAL B 1 32  ? -1.160  -14.485 14.027  1.00 53.30 ? 32  VAL B N   1 
ATOM   1052 C CA  . VAL B 1 32  ? -1.996  -13.406 14.529  1.00 55.55 ? 32  VAL B CA  1 
ATOM   1053 C C   . VAL B 1 32  ? -3.010  -13.983 15.515  1.00 56.37 ? 32  VAL B C   1 
ATOM   1054 O O   . VAL B 1 32  ? -3.678  -14.987 15.268  1.00 57.54 ? 32  VAL B O   1 
ATOM   1055 C CB  . VAL B 1 32  ? -2.682  -12.706 13.322  1.00 55.71 ? 32  VAL B CB  1 
ATOM   1056 C CG1 . VAL B 1 32  ? -3.703  -11.659 13.756  1.00 56.62 ? 32  VAL B CG1 1 
ATOM   1057 C CG2 . VAL B 1 32  ? -1.605  -11.981 12.527  1.00 55.25 ? 32  VAL B CG2 1 
ATOM   1058 N N   . GLU B 1 33  ? -3.054  -13.305 16.671  1.00 57.17 ? 33  GLU B N   1 
ATOM   1059 C CA  . GLU B 1 33  ? -3.851  -13.630 17.851  1.00 53.20 ? 33  GLU B CA  1 
ATOM   1060 C C   . GLU B 1 33  ? -3.525  -15.030 18.368  1.00 54.84 ? 33  GLU B C   1 
ATOM   1061 O O   . GLU B 1 33  ? -2.346  -15.389 18.436  1.00 55.40 ? 33  GLU B O   1 
ATOM   1062 C CB  . GLU B 1 33  ? -5.348  -13.493 17.503  1.00 56.03 ? 33  GLU B CB  1 
ATOM   1063 C CG  . GLU B 1 33  ? -5.771  -12.056 17.217  1.00 57.50 ? 33  GLU B CG  1 
ATOM   1064 C CD  . GLU B 1 33  ? -7.239  -11.925 16.846  1.00 52.21 ? 33  GLU B CD  1 
ATOM   1065 O OE1 . GLU B 1 33  ? -8.062  -11.764 17.746  1.00 57.44 ? 33  GLU B OE1 1 
ATOM   1066 O OE2 . GLU B 1 33  ? -7.554  -11.984 15.658  1.00 59.45 ? 33  GLU B OE2 1 
ATOM   1067 N N   . GLY B 1 34  ? -4.520  -15.840 18.750  1.00 56.04 ? 34  GLY B N   1 
ATOM   1068 C CA  . GLY B 1 34  ? -4.295  -17.204 19.193  1.00 56.78 ? 34  GLY B CA  1 
ATOM   1069 C C   . GLY B 1 34  ? -3.970  -18.103 18.011  1.00 57.21 ? 34  GLY B C   1 
ATOM   1070 O O   . GLY B 1 34  ? -2.923  -18.747 17.975  1.00 56.98 ? 34  GLY B O   1 
ATOM   1071 N N   . LYS B 1 35  ? -4.887  -18.137 17.037  1.00 51.37 ? 35  LYS B N   1 
ATOM   1072 C CA  . LYS B 1 35  ? -4.748  -18.935 15.826  1.00 53.65 ? 35  LYS B CA  1 
ATOM   1073 C C   . LYS B 1 35  ? -5.180  -18.201 14.559  1.00 54.47 ? 35  LYS B C   1 
ATOM   1074 O O   . LYS B 1 35  ? -6.357  -17.879 14.369  1.00 53.75 ? 35  LYS B O   1 
ATOM   1075 C CB  . LYS B 1 35  ? -5.580  -20.217 15.906  1.00 55.30 ? 35  LYS B CB  1 
ATOM   1076 C CG  . LYS B 1 35  ? -5.125  -21.246 16.923  1.00 54.00 ? 35  LYS B CG  1 
ATOM   1077 C CD  . LYS B 1 35  ? -6.090  -22.422 16.940  1.00 56.72 ? 35  LYS B CD  1 
ATOM   1078 C CE  . LYS B 1 35  ? -5.681  -23.438 17.996  1.00 55.47 ? 35  LYS B CE  1 
ATOM   1079 N NZ  . LYS B 1 35  ? -5.888  -22.916 19.334  1.00 57.59 ? 35  LYS B NZ  1 
ATOM   1080 N N   . ASN B 1 36  ? -4.192  -17.925 13.701  1.00 56.12 ? 36  ASN B N   1 
ATOM   1081 C CA  . ASN B 1 36  ? -4.371  -17.323 12.384  1.00 56.70 ? 36  ASN B CA  1 
ATOM   1082 C C   . ASN B 1 36  ? -2.993  -17.318 11.717  1.00 54.26 ? 36  ASN B C   1 
ATOM   1083 O O   . ASN B 1 36  ? -2.193  -16.404 11.932  1.00 51.80 ? 36  ASN B O   1 
ATOM   1084 C CB  . ASN B 1 36  ? -4.900  -15.880 12.488  1.00 52.50 ? 36  ASN B CB  1 
ATOM   1085 C CG  . ASN B 1 36  ? -5.261  -15.212 11.164  1.00 54.26 ? 36  ASN B CG  1 
ATOM   1086 O OD1 . ASN B 1 36  ? -5.465  -15.846 10.128  1.00 54.93 ? 36  ASN B OD1 1 
ATOM   1087 N ND2 . ASN B 1 36  ? -5.360  -13.885 11.182  1.00 55.10 ? 36  ASN B ND2 1 
ATOM   1088 N N   . PRO B 1 37  ? -2.659  -18.346 10.918  1.00 48.72 ? 37  PRO B N   1 
ATOM   1089 C CA  . PRO B 1 37  ? -1.369  -18.492 10.243  1.00 44.19 ? 37  PRO B CA  1 
ATOM   1090 C C   . PRO B 1 37  ? -1.088  -17.514 9.107   1.00 40.15 ? 37  PRO B C   1 
ATOM   1091 O O   . PRO B 1 37  ? -1.910  -17.274 8.219   1.00 38.98 ? 37  PRO B O   1 
ATOM   1092 C CB  . PRO B 1 37  ? -1.365  -19.936 9.794   1.00 44.81 ? 37  PRO B CB  1 
ATOM   1093 C CG  . PRO B 1 37  ? -2.303  -20.620 10.756  1.00 45.93 ? 37  PRO B CG  1 
ATOM   1094 C CD  . PRO B 1 37  ? -3.416  -19.592 10.812  1.00 47.08 ? 37  PRO B CD  1 
ATOM   1095 N N   . VAL B 1 38  ? 0.117   -16.938 9.185   1.00 35.03 ? 38  VAL B N   1 
ATOM   1096 C CA  . VAL B 1 38  ? 0.616   -15.932 8.265   1.00 31.48 ? 38  VAL B CA  1 
ATOM   1097 C C   . VAL B 1 38  ? 2.078   -16.231 8.072   1.00 28.06 ? 38  VAL B C   1 
ATOM   1098 O O   . VAL B 1 38  ? 2.775   -16.594 9.014   1.00 27.51 ? 38  VAL B O   1 
ATOM   1099 C CB  . VAL B 1 38  ? 0.610   -14.462 8.801   1.00 33.93 ? 38  VAL B CB  1 
ATOM   1100 C CG1 . VAL B 1 38  ? 0.463   -13.538 7.626   1.00 34.35 ? 38  VAL B CG1 1 
ATOM   1101 C CG2 . VAL B 1 38  ? -0.488  -14.191 9.804   1.00 34.50 ? 38  VAL B CG2 1 
ATOM   1102 N N   . THR B 1 39  ? 2.523   -16.026 6.841   1.00 25.10 ? 39  THR B N   1 
ATOM   1103 C CA  . THR B 1 39  ? 3.914   -16.120 6.416   1.00 23.26 ? 39  THR B CA  1 
ATOM   1104 C C   . THR B 1 39  ? 4.231   -14.665 6.091   1.00 23.50 ? 39  THR B C   1 
ATOM   1105 O O   . THR B 1 39  ? 3.454   -13.909 5.516   1.00 24.78 ? 39  THR B O   1 
ATOM   1106 C CB  . THR B 1 39  ? 4.111   -16.983 5.120   1.00 21.81 ? 39  THR B CB  1 
ATOM   1107 O OG1 . THR B 1 39  ? 3.606   -18.283 5.372   1.00 22.83 ? 39  THR B OG1 1 
ATOM   1108 C CG2 . THR B 1 39  ? 5.551   -17.139 4.734   1.00 19.93 ? 39  THR B CG2 1 
ATOM   1109 N N   . ILE B 1 40  ? 5.399   -14.208 6.442   1.00 23.51 ? 40  ILE B N   1 
ATOM   1110 C CA  . ILE B 1 40  ? 5.722   -12.824 6.256   1.00 24.99 ? 40  ILE B CA  1 
ATOM   1111 C C   . ILE B 1 40  ? 7.094   -12.789 5.649   1.00 25.59 ? 40  ILE B C   1 
ATOM   1112 O O   . ILE B 1 40  ? 7.980   -13.523 6.082   1.00 28.44 ? 40  ILE B O   1 
ATOM   1113 C CB  . ILE B 1 40  ? 5.730   -12.086 7.621   1.00 25.43 ? 40  ILE B CB  1 
ATOM   1114 C CG1 . ILE B 1 40  ? 4.360   -12.000 8.203   1.00 24.96 ? 40  ILE B CG1 1 
ATOM   1115 C CG2 . ILE B 1 40  ? 6.271   -10.675 7.440   1.00 25.77 ? 40  ILE B CG2 1 
ATOM   1116 C CD1 . ILE B 1 40  ? 4.464   -11.458 9.640   1.00 26.77 ? 40  ILE B CD1 1 
ATOM   1117 N N   . PHE B 1 41  ? 7.255   -11.950 4.635   1.00 24.73 ? 41  PHE B N   1 
ATOM   1118 C CA  . PHE B 1 41  ? 8.572   -11.612 4.148   1.00 23.10 ? 41  PHE B CA  1 
ATOM   1119 C C   . PHE B 1 41  ? 8.544   -10.164 3.699   1.00 22.70 ? 41  PHE B C   1 
ATOM   1120 O O   . PHE B 1 41  ? 7.560   -9.435  3.847   1.00 21.96 ? 41  PHE B O   1 
ATOM   1121 C CB  . PHE B 1 41  ? 8.959   -12.529 3.013   1.00 24.61 ? 41  PHE B CB  1 
ATOM   1122 C CG  . PHE B 1 41  ? 8.016   -12.646 1.811   1.00 24.43 ? 41  PHE B CG  1 
ATOM   1123 C CD1 . PHE B 1 41  ? 6.933   -13.504 1.874   1.00 23.94 ? 41  PHE B CD1 1 
ATOM   1124 C CD2 . PHE B 1 41  ? 8.316   -11.961 0.647   1.00 23.73 ? 41  PHE B CD2 1 
ATOM   1125 C CE1 . PHE B 1 41  ? 6.150   -13.694 0.773   1.00 23.61 ? 41  PHE B CE1 1 
ATOM   1126 C CE2 . PHE B 1 41  ? 7.526   -12.153 -0.455  1.00 25.03 ? 41  PHE B CE2 1 
ATOM   1127 C CZ  . PHE B 1 41  ? 6.451   -13.020 -0.391  1.00 25.51 ? 41  PHE B CZ  1 
ATOM   1128 N N   . SER B 1 42  ? 9.729   -9.720  3.317   1.00 23.85 ? 42  SER B N   1 
ATOM   1129 C CA  . SER B 1 42  ? 9.898   -8.399  2.742   1.00 25.25 ? 42  SER B CA  1 
ATOM   1130 C C   . SER B 1 42  ? 10.390  -8.591  1.305   1.00 24.03 ? 42  SER B C   1 
ATOM   1131 O O   . SER B 1 42  ? 11.012  -9.589  0.957   1.00 22.15 ? 42  SER B O   1 
ATOM   1132 C CB  . SER B 1 42  ? 10.916  -7.569  3.528   1.00 25.41 ? 42  SER B CB  1 
ATOM   1133 O OG  . SER B 1 42  ? 12.137  -8.280  3.474   1.00 28.81 ? 42  SER B OG  1 
ATOM   1134 N N   . LEU B 1 43  ? 10.014  -7.576  0.527   1.00 24.21 ? 43  LEU B N   1 
ATOM   1135 C CA  . LEU B 1 43  ? 10.239  -7.382  -0.881  1.00 22.80 ? 43  LEU B CA  1 
ATOM   1136 C C   . LEU B 1 43  ? 10.628  -5.936  -1.051  1.00 24.64 ? 43  LEU B C   1 
ATOM   1137 O O   . LEU B 1 43  ? 9.983   -4.967  -0.626  1.00 24.69 ? 43  LEU B O   1 
ATOM   1138 C CB  . LEU B 1 43  ? 8.982   -7.587  -1.671  1.00 22.69 ? 43  LEU B CB  1 
ATOM   1139 C CG  . LEU B 1 43  ? 9.025   -7.344  -3.173  1.00 22.79 ? 43  LEU B CG  1 
ATOM   1140 C CD1 . LEU B 1 43  ? 8.876   -8.692  -3.812  1.00 22.07 ? 43  LEU B CD1 1 
ATOM   1141 C CD2 . LEU B 1 43  ? 7.907   -6.416  -3.670  1.00 22.08 ? 43  LEU B CD2 1 
ATOM   1142 N N   . ALA B 1 44  ? 11.726  -5.868  -1.763  1.00 26.54 ? 44  ALA B N   1 
ATOM   1143 C CA  . ALA B 1 44  ? 12.262  -4.618  -2.219  1.00 27.31 ? 44  ALA B CA  1 
ATOM   1144 C C   . ALA B 1 44  ? 11.830  -4.253  -3.639  1.00 28.68 ? 44  ALA B C   1 
ATOM   1145 O O   . ALA B 1 44  ? 11.858  -5.049  -4.584  1.00 28.68 ? 44  ALA B O   1 
ATOM   1146 C CB  . ALA B 1 44  ? 13.759  -4.706  -2.188  1.00 28.41 ? 44  ALA B CB  1 
ATOM   1147 N N   . THR B 1 45  ? 11.348  -3.039  -3.801  1.00 30.53 ? 45  THR B N   1 
ATOM   1148 C CA  . THR B 1 45  ? 11.197  -2.516  -5.145  1.00 33.37 ? 45  THR B CA  1 
ATOM   1149 C C   . THR B 1 45  ? 12.011  -1.235  -5.114  1.00 36.88 ? 45  THR B C   1 
ATOM   1150 O O   . THR B 1 45  ? 12.287  -0.656  -4.058  1.00 36.25 ? 45  THR B O   1 
ATOM   1151 C CB  . THR B 1 45  ? 9.700   -2.212  -5.569  1.00 31.44 ? 45  THR B CB  1 
ATOM   1152 O OG1 . THR B 1 45  ? 9.067   -1.414  -4.605  1.00 32.68 ? 45  THR B OG1 1 
ATOM   1153 C CG2 . THR B 1 45  ? 8.883   -3.457  -5.665  1.00 30.81 ? 45  THR B CG2 1 
ATOM   1154 N N   . ASN B 1 46  ? 12.546  -0.834  -6.253  1.00 42.59 ? 46  ASN B N   1 
ATOM   1155 C CA  . ASN B 1 46  ? 13.226  0.424   -6.239  1.00 49.97 ? 46  ASN B CA  1 
ATOM   1156 C C   . ASN B 1 46  ? 13.140  1.165   -7.539  1.00 50.52 ? 46  ASN B C   1 
ATOM   1157 O O   . ASN B 1 46  ? 12.973  0.593   -8.616  1.00 55.69 ? 46  ASN B O   1 
ATOM   1158 C CB  . ASN B 1 46  ? 14.685  0.205   -5.774  1.00 50.58 ? 46  ASN B CB  1 
ATOM   1159 C CG  . ASN B 1 46  ? 15.700  -0.662  -6.481  1.00 51.18 ? 46  ASN B CG  1 
ATOM   1160 O OD1 . ASN B 1 46  ? 16.812  -0.179  -6.718  1.00 52.13 ? 46  ASN B OD1 1 
ATOM   1161 N ND2 . ASN B 1 46  ? 15.411  -1.930  -6.769  1.00 50.92 ? 46  ASN B ND2 1 
ATOM   1162 N N   . GLU B 1 47  ? 13.083  2.486   -7.365  1.00 50.06 ? 47  GLU B N   1 
ATOM   1163 C CA  . GLU B 1 47  ? 12.956  3.372   -8.494  1.00 53.37 ? 47  GLU B CA  1 
ATOM   1164 C C   . GLU B 1 47  ? 14.068  4.398   -8.490  1.00 53.61 ? 47  GLU B C   1 
ATOM   1165 O O   . GLU B 1 47  ? 14.463  4.840   -7.414  1.00 54.19 ? 47  GLU B O   1 
ATOM   1166 C CB  . GLU B 1 47  ? 11.593  4.048   -8.434  1.00 55.99 ? 47  GLU B CB  1 
ATOM   1167 C CG  . GLU B 1 47  ? 10.348  3.131   -8.291  1.00 55.78 ? 47  GLU B CG  1 
ATOM   1168 C CD  . GLU B 1 47  ? 10.268  1.807   -9.086  1.00 56.79 ? 47  GLU B CD  1 
ATOM   1169 O OE1 . GLU B 1 47  ? 10.606  1.778   -10.284 1.00 57.52 ? 47  GLU B OE1 1 
ATOM   1170 O OE2 . GLU B 1 47  ? 9.883   0.792   -8.484  1.00 56.53 ? 47  GLU B OE2 1 
ATOM   1171 N N   . MET B 1 48  ? 14.527  4.783   -9.700  1.00 56.69 ? 48  MET B N   1 
ATOM   1172 C CA  . MET B 1 48  ? 15.657  5.693   -9.971  1.00 56.62 ? 48  MET B CA  1 
ATOM   1173 C C   . MET B 1 48  ? 15.418  7.101   -10.603 1.00 56.46 ? 48  MET B C   1 
ATOM   1174 O O   . MET B 1 48  ? 14.844  7.204   -11.697 1.00 54.71 ? 48  MET B O   1 
ATOM   1175 C CB  . MET B 1 48  ? 16.617  4.844   -10.825 1.00 57.66 ? 48  MET B CB  1 
ATOM   1176 C CG  . MET B 1 48  ? 17.977  5.386   -11.260 1.00 58.18 ? 48  MET B CG  1 
ATOM   1177 S SD  . MET B 1 48  ? 18.694  4.394   -12.605 1.00 58.01 ? 48  MET B SD  1 
ATOM   1178 C CE  . MET B 1 48  ? 19.299  3.006   -11.680 1.00 57.54 ? 48  MET B CE  1 
ATOM   1179 N N   . TRP B 1 49  ? 15.873  8.197   -9.940  1.00 57.05 ? 49  TRP B N   1 
ATOM   1180 C CA  . TRP B 1 49  ? 15.823  9.589   -10.433 1.00 54.39 ? 49  TRP B CA  1 
ATOM   1181 C C   . TRP B 1 49  ? 17.177  10.095  -10.954 1.00 57.10 ? 49  TRP B C   1 
ATOM   1182 O O   . TRP B 1 49  ? 18.234  9.605   -10.547 1.00 53.54 ? 49  TRP B O   1 
ATOM   1183 C CB  . TRP B 1 49  ? 15.300  10.532  -9.289  1.00 55.13 ? 49  TRP B CB  1 
ATOM   1184 C CG  . TRP B 1 49  ? 16.088  11.801  -8.887  1.00 57.11 ? 49  TRP B CG  1 
ATOM   1185 C CD1 . TRP B 1 49  ? 16.910  11.772  -7.786  1.00 56.76 ? 49  TRP B CD1 1 
ATOM   1186 C CD2 . TRP B 1 49  ? 16.080  13.048  -9.480  1.00 58.51 ? 49  TRP B CD2 1 
ATOM   1187 N NE1 . TRP B 1 49  ? 17.423  12.973  -7.675  1.00 57.54 ? 49  TRP B NE1 1 
ATOM   1188 C CE2 . TRP B 1 49  ? 16.952  13.752  -8.659  1.00 57.51 ? 49  TRP B CE2 1 
ATOM   1189 C CE3 . TRP B 1 49  ? 15.500  13.694  -10.557 1.00 58.79 ? 49  TRP B CE3 1 
ATOM   1190 C CZ2 . TRP B 1 49  ? 17.265  15.076  -8.875  1.00 59.51 ? 49  TRP B CZ2 1 
ATOM   1191 C CZ3 . TRP B 1 49  ? 15.806  15.025  -10.780 1.00 58.93 ? 49  TRP B CZ3 1 
ATOM   1192 C CH2 . TRP B 1 49  ? 16.677  15.711  -9.949  1.00 58.84 ? 49  TRP B CH2 1 
ATOM   1193 N N   . ARG B 1 50  ? 17.166  11.109  -11.832 1.00 57.13 ? 50  ARG B N   1 
ATOM   1194 C CA  . ARG B 1 50  ? 18.386  11.697  -12.384 1.00 56.30 ? 50  ARG B CA  1 
ATOM   1195 C C   . ARG B 1 50  ? 18.938  12.858  -11.555 1.00 57.37 ? 50  ARG B C   1 
ATOM   1196 O O   . ARG B 1 50  ? 18.548  14.012  -11.741 1.00 58.38 ? 50  ARG B O   1 
ATOM   1197 C CB  . ARG B 1 50  ? 18.106  12.174  -13.814 1.00 58.76 ? 50  ARG B CB  1 
ATOM   1198 C CG  . ARG B 1 50  ? 19.296  12.791  -14.555 1.00 57.60 ? 50  ARG B CG  1 
ATOM   1199 C CD  . ARG B 1 50  ? 18.837  13.286  -15.919 1.00 59.75 ? 50  ARG B CD  1 
ATOM   1200 N NE  . ARG B 1 50  ? 19.564  12.631  -16.994 1.00 58.77 ? 50  ARG B NE  1 
ATOM   1201 C CZ  . ARG B 1 50  ? 19.368  11.359  -17.356 1.00 59.97 ? 50  ARG B CZ  1 
ATOM   1202 N NH1 . ARG B 1 50  ? 18.472  10.574  -16.755 1.00 59.88 ? 50  ARG B NH1 1 
ATOM   1203 N NH2 . ARG B 1 50  ? 20.102  10.858  -18.342 1.00 59.28 ? 50  ARG B NH2 1 
ATOM   1204 N N   . SER B 1 51  ? 19.859  12.582  -10.624 1.00 56.08 ? 51  SER B N   1 
ATOM   1205 C CA  . SER B 1 51  ? 20.468  13.632  -9.816  1.00 58.20 ? 51  SER B CA  1 
ATOM   1206 C C   . SER B 1 51  ? 21.845  14.049  -10.327 1.00 55.77 ? 51  SER B C   1 
ATOM   1207 O O   . SER B 1 51  ? 22.621  13.264  -10.876 1.00 54.24 ? 51  SER B O   1 
ATOM   1208 C CB  . SER B 1 51  ? 20.593  13.164  -8.371  1.00 57.47 ? 51  SER B CB  1 
ATOM   1209 O OG  . SER B 1 51  ? 20.536  14.268  -7.477  1.00 58.62 ? 51  SER B OG  1 
ATOM   1210 N N   . LYS B 1 65  ? 16.411  4.838   -4.621  1.00 38.19 ? 65  LYS B N   1 
ATOM   1211 C CA  . LYS B 1 65  ? 15.467  4.591   -3.542  1.00 37.56 ? 65  LYS B CA  1 
ATOM   1212 C C   . LYS B 1 65  ? 14.797  3.238   -3.629  1.00 36.17 ? 65  LYS B C   1 
ATOM   1213 O O   . LYS B 1 65  ? 14.045  2.946   -4.562  1.00 35.41 ? 65  LYS B O   1 
ATOM   1214 C CB  . LYS B 1 65  ? 14.341  5.636   -3.493  1.00 37.92 ? 65  LYS B CB  1 
ATOM   1215 C CG  . LYS B 1 65  ? 14.573  6.767   -2.500  1.00 39.46 ? 65  LYS B CG  1 
ATOM   1216 C CD  . LYS B 1 65  ? 14.781  8.105   -3.211  1.00 40.37 ? 65  LYS B CD  1 
ATOM   1217 C CE  . LYS B 1 65  ? 15.207  9.198   -2.236  1.00 40.31 ? 65  LYS B CE  1 
ATOM   1218 N NZ  . LYS B 1 65  ? 16.531  8.927   -1.700  1.00 41.78 ? 65  LYS B NZ  1 
ATOM   1219 N N   . THR B 1 66  ? 15.118  2.463   -2.585  1.00 33.68 ? 66  THR B N   1 
ATOM   1220 C CA  . THR B 1 66  ? 14.580  1.144   -2.350  1.00 32.28 ? 66  THR B CA  1 
ATOM   1221 C C   . THR B 1 66  ? 13.495  1.285   -1.317  1.00 32.01 ? 66  THR B C   1 
ATOM   1222 O O   . THR B 1 66  ? 13.642  1.880   -0.247  1.00 32.26 ? 66  THR B O   1 
ATOM   1223 C CB  . THR B 1 66  ? 15.634  0.184   -1.809  1.00 32.62 ? 66  THR B CB  1 
ATOM   1224 O OG1 . THR B 1 66  ? 16.655  0.135   -2.794  1.00 33.77 ? 66  THR B OG1 1 
ATOM   1225 C CG2 . THR B 1 66  ? 15.109  -1.224  -1.569  1.00 33.54 ? 66  THR B CG2 1 
ATOM   1226 N N   . THR B 1 67  ? 12.385  0.692   -1.723  1.00 32.96 ? 67  THR B N   1 
ATOM   1227 C CA  . THR B 1 67  ? 11.173  0.609   -0.931  1.00 31.90 ? 67  THR B CA  1 
ATOM   1228 C C   . THR B 1 67  ? 11.103  -0.856  -0.493  1.00 30.72 ? 67  THR B C   1 
ATOM   1229 O O   . THR B 1 67  ? 11.251  -1.800  -1.271  1.00 30.85 ? 67  THR B O   1 
ATOM   1230 C CB  . THR B 1 67  ? 9.955   1.020   -1.818  1.00 33.61 ? 67  THR B CB  1 
ATOM   1231 O OG1 . THR B 1 67  ? 10.305  2.277   -2.412  1.00 35.46 ? 67  THR B OG1 1 
ATOM   1232 C CG2 . THR B 1 67  ? 8.647   1.179   -1.048  1.00 31.88 ? 67  THR B CG2 1 
ATOM   1233 N N   . TRP B 1 68  ? 10.990  -1.026  0.813   1.00 29.36 ? 68  TRP B N   1 
ATOM   1234 C CA  . TRP B 1 68  ? 10.823  -2.302  1.445   1.00 27.39 ? 68  TRP B CA  1 
ATOM   1235 C C   . TRP B 1 68  ? 9.379   -2.485  1.858   1.00 25.98 ? 68  TRP B C   1 
ATOM   1236 O O   . TRP B 1 68  ? 8.845   -1.692  2.629   1.00 27.37 ? 68  TRP B O   1 
ATOM   1237 C CB  . TRP B 1 68  ? 11.727  -2.358  2.648   1.00 28.85 ? 68  TRP B CB  1 
ATOM   1238 C CG  . TRP B 1 68  ? 13.171  -2.525  2.215   1.00 29.13 ? 68  TRP B CG  1 
ATOM   1239 C CD1 . TRP B 1 68  ? 14.044  -1.481  2.247   1.00 29.28 ? 68  TRP B CD1 1 
ATOM   1240 C CD2 . TRP B 1 68  ? 13.746  -3.677  1.773   1.00 28.53 ? 68  TRP B CD2 1 
ATOM   1241 N NE1 . TRP B 1 68  ? 15.182  -1.965  1.826   1.00 29.63 ? 68  TRP B NE1 1 
ATOM   1242 C CE2 . TRP B 1 68  ? 15.039  -3.252  1.539   1.00 28.88 ? 68  TRP B CE2 1 
ATOM   1243 C CE3 . TRP B 1 68  ? 13.376  -4.980  1.538   1.00 28.10 ? 68  TRP B CE3 1 
ATOM   1244 C CZ2 . TRP B 1 68  ? 15.993  -4.101  1.067   1.00 27.93 ? 68  TRP B CZ2 1 
ATOM   1245 C CZ3 . TRP B 1 68  ? 14.331  -5.847  1.057   1.00 26.90 ? 68  TRP B CZ3 1 
ATOM   1246 C CH2 . TRP B 1 68  ? 15.615  -5.409  0.829   1.00 28.50 ? 68  TRP B CH2 1 
ATOM   1247 N N   . HIS B 1 69  ? 8.729   -3.536  1.369   1.00 24.32 ? 69  HIS B N   1 
ATOM   1248 C CA  . HIS B 1 69  ? 7.337   -3.810  1.689   1.00 22.46 ? 69  HIS B CA  1 
ATOM   1249 C C   . HIS B 1 69  ? 7.271   -5.070  2.535   1.00 23.98 ? 69  HIS B C   1 
ATOM   1250 O O   . HIS B 1 69  ? 8.010   -5.988  2.202   1.00 23.95 ? 69  HIS B O   1 
ATOM   1251 C CB  . HIS B 1 69  ? 6.521   -4.045  0.400   1.00 21.09 ? 69  HIS B CB  1 
ATOM   1252 C CG  . HIS B 1 69  ? 6.729   -3.062  -0.755  1.00 18.47 ? 69  HIS B CG  1 
ATOM   1253 N ND1 . HIS B 1 69  ? 7.784   -3.006  -1.560  1.00 16.85 ? 69  HIS B ND1 1 
ATOM   1254 C CD2 . HIS B 1 69  ? 5.830   -2.115  -1.162  1.00 16.63 ? 69  HIS B CD2 1 
ATOM   1255 C CE1 . HIS B 1 69  ? 7.529   -2.064  -2.429  1.00 15.37 ? 69  HIS B CE1 1 
ATOM   1256 N NE2 . HIS B 1 69  ? 6.370   -1.537  -2.196  1.00 15.57 ? 69  HIS B NE2 1 
ATOM   1257 N N   . ARG B 1 70  ? 6.445   -5.184  3.600   1.00 26.71 ? 70  ARG B N   1 
ATOM   1258 C CA  . ARG B 1 70  ? 6.267   -6.401  4.398   1.00 28.89 ? 70  ARG B CA  1 
ATOM   1259 C C   . ARG B 1 70  ? 5.094   -7.089  3.753   1.00 28.28 ? 70  ARG B C   1 
ATOM   1260 O O   . ARG B 1 70  ? 4.099   -6.381  3.537   1.00 29.07 ? 70  ARG B O   1 
ATOM   1261 C CB  . ARG B 1 70  ? 5.851   -6.141  5.830   1.00 34.54 ? 70  ARG B CB  1 
ATOM   1262 C CG  . ARG B 1 70  ? 5.468   -7.434  6.574   1.00 41.91 ? 70  ARG B CG  1 
ATOM   1263 C CD  . ARG B 1 70  ? 5.023   -7.275  8.058   1.00 48.93 ? 70  ARG B CD  1 
ATOM   1264 N NE  . ARG B 1 70  ? 3.686   -6.697  8.269   1.00 54.73 ? 70  ARG B NE  1 
ATOM   1265 C CZ  . ARG B 1 70  ? 3.057   -6.565  9.474   1.00 58.30 ? 70  ARG B CZ  1 
ATOM   1266 N NH1 . ARG B 1 70  ? 3.566   -6.950  10.657  1.00 59.33 ? 70  ARG B NH1 1 
ATOM   1267 N NH2 . ARG B 1 70  ? 1.849   -5.992  9.516   1.00 60.09 ? 70  ARG B NH2 1 
ATOM   1268 N N   . ILE B 1 71  ? 5.150   -8.412  3.478   1.00 25.06 ? 71  ILE B N   1 
ATOM   1269 C CA  . ILE B 1 71  ? 4.038   -9.095  2.823   1.00 22.28 ? 71  ILE B CA  1 
ATOM   1270 C C   . ILE B 1 71  ? 3.520   -10.087 3.836   1.00 21.99 ? 71  ILE B C   1 
ATOM   1271 O O   . ILE B 1 71  ? 4.289   -10.682 4.572   1.00 21.85 ? 71  ILE B O   1 
ATOM   1272 C CB  . ILE B 1 71  ? 4.471   -9.882  1.539   1.00 22.27 ? 71  ILE B CB  1 
ATOM   1273 C CG1 . ILE B 1 71  ? 5.369   -9.046  0.590   1.00 22.96 ? 71  ILE B CG1 1 
ATOM   1274 C CG2 . ILE B 1 71  ? 3.218   -10.326 0.804   1.00 20.84 ? 71  ILE B CG2 1 
ATOM   1275 C CD1 . ILE B 1 71  ? 4.795   -7.827  -0.162  1.00 23.05 ? 71  ILE B CD1 1 
ATOM   1276 N N   . SER B 1 72  ? 2.205   -10.242 3.915   1.00 22.56 ? 72  SER B N   1 
ATOM   1277 C CA  . SER B 1 72  ? 1.538   -11.233 4.748   1.00 22.82 ? 72  SER B CA  1 
ATOM   1278 C C   . SER B 1 72  ? 0.784   -12.174 3.815   1.00 23.81 ? 72  SER B C   1 
ATOM   1279 O O   . SER B 1 72  ? -0.043  -11.771 2.994   1.00 25.27 ? 72  SER B O   1 
ATOM   1280 C CB  . SER B 1 72  ? 0.521   -10.609 5.670   1.00 22.48 ? 72  SER B CB  1 
ATOM   1281 O OG  . SER B 1 72  ? 1.044   -9.547  6.428   1.00 23.36 ? 72  SER B OG  1 
ATOM   1282 N N   . VAL B 1 73  ? 1.089   -13.462 3.847   1.00 23.73 ? 73  VAL B N   1 
ATOM   1283 C CA  . VAL B 1 73  ? 0.351   -14.390 3.039   1.00 22.66 ? 73  VAL B CA  1 
ATOM   1284 C C   . VAL B 1 73  ? -0.473  -15.131 4.097   1.00 25.49 ? 73  VAL B C   1 
ATOM   1285 O O   . VAL B 1 73  ? 0.049   -16.007 4.781   1.00 27.52 ? 73  VAL B O   1 
ATOM   1286 C CB  . VAL B 1 73  ? 1.340   -15.313 2.273   1.00 19.84 ? 73  VAL B CB  1 
ATOM   1287 C CG1 . VAL B 1 73  ? 0.491   -16.059 1.298   1.00 17.06 ? 73  VAL B CG1 1 
ATOM   1288 C CG2 . VAL B 1 73  ? 2.446   -14.589 1.509   1.00 17.03 ? 73  VAL B CG2 1 
ATOM   1289 N N   . PHE B 1 74  ? -1.744  -14.762 4.313   1.00 28.19 ? 74  PHE B N   1 
ATOM   1290 C CA  . PHE B 1 74  ? -2.620  -15.442 5.255   1.00 31.50 ? 74  PHE B CA  1 
ATOM   1291 C C   . PHE B 1 74  ? -3.392  -16.614 4.630   1.00 35.38 ? 74  PHE B C   1 
ATOM   1292 O O   . PHE B 1 74  ? -3.853  -17.455 5.410   1.00 38.34 ? 74  PHE B O   1 
ATOM   1293 C CB  . PHE B 1 74  ? -3.682  -14.517 5.827   1.00 31.52 ? 74  PHE B CB  1 
ATOM   1294 C CG  . PHE B 1 74  ? -3.315  -13.369 6.773   1.00 33.46 ? 74  PHE B CG  1 
ATOM   1295 C CD1 . PHE B 1 74  ? -2.902  -12.139 6.271   1.00 32.65 ? 74  PHE B CD1 1 
ATOM   1296 C CD2 . PHE B 1 74  ? -3.471  -13.532 8.156   1.00 34.08 ? 74  PHE B CD2 1 
ATOM   1297 C CE1 . PHE B 1 74  ? -2.662  -11.098 7.145   1.00 32.73 ? 74  PHE B CE1 1 
ATOM   1298 C CE2 . PHE B 1 74  ? -3.226  -12.474 9.022   1.00 33.28 ? 74  PHE B CE2 1 
ATOM   1299 C CZ  . PHE B 1 74  ? -2.823  -11.263 8.513   1.00 33.80 ? 74  PHE B CZ  1 
ATOM   1300 N N   . ARG B 1 75  ? -3.581  -16.676 3.278   1.00 37.22 ? 75  ARG B N   1 
ATOM   1301 C CA  . ARG B 1 75  ? -4.293  -17.678 2.454   1.00 38.96 ? 75  ARG B CA  1 
ATOM   1302 C C   . ARG B 1 75  ? -3.983  -19.148 2.687   1.00 39.13 ? 75  ARG B C   1 
ATOM   1303 O O   . ARG B 1 75  ? -2.809  -19.511 2.570   1.00 40.09 ? 75  ARG B O   1 
ATOM   1304 C CB  . ARG B 1 75  ? -4.022  -17.460 0.984   1.00 43.25 ? 75  ARG B CB  1 
ATOM   1305 C CG  . ARG B 1 75  ? -4.940  -16.580 0.196   1.00 48.69 ? 75  ARG B CG  1 
ATOM   1306 C CD  . ARG B 1 75  ? -6.144  -17.435 -0.109  1.00 47.61 ? 75  ARG B CD  1 
ATOM   1307 N NE  . ARG B 1 75  ? -7.118  -16.772 -0.969  1.00 48.38 ? 75  ARG B NE  1 
ATOM   1308 C CZ  . ARG B 1 75  ? -7.140  -16.954 -2.302  1.00 46.03 ? 75  ARG B CZ  1 
ATOM   1309 N NH1 . ARG B 1 75  ? -6.252  -17.751 -2.939  1.00 49.86 ? 75  ARG B NH1 1 
ATOM   1310 N NH2 . ARG B 1 75  ? -8.120  -16.369 -3.007  1.00 49.33 ? 75  ARG B NH2 1 
ATOM   1311 N N   . PRO B 1 76  ? -4.960  -20.048 2.935   1.00 38.14 ? 76  PRO B N   1 
ATOM   1312 C CA  . PRO B 1 76  ? -4.769  -21.383 3.522   1.00 36.95 ? 76  PRO B CA  1 
ATOM   1313 C C   . PRO B 1 76  ? -3.670  -22.294 3.010   1.00 35.84 ? 76  PRO B C   1 
ATOM   1314 O O   . PRO B 1 76  ? -3.107  -23.079 3.802   1.00 36.41 ? 76  PRO B O   1 
ATOM   1315 C CB  . PRO B 1 76  ? -6.117  -22.066 3.402   1.00 37.82 ? 76  PRO B CB  1 
ATOM   1316 C CG  . PRO B 1 76  ? -7.102  -20.926 3.470   1.00 38.88 ? 76  PRO B CG  1 
ATOM   1317 C CD  . PRO B 1 76  ? -6.384  -19.803 2.696   1.00 38.76 ? 76  PRO B CD  1 
ATOM   1318 N N   . GLY B 1 77  ? -3.470  -22.156 1.682   1.00 31.17 ? 77  GLY B N   1 
ATOM   1319 C CA  . GLY B 1 77  ? -2.471  -22.901 0.953   1.00 29.50 ? 77  GLY B CA  1 
ATOM   1320 C C   . GLY B 1 77  ? -1.336  -22.034 0.412   1.00 29.96 ? 77  GLY B C   1 
ATOM   1321 O O   . GLY B 1 77  ? -0.164  -22.435 0.415   1.00 30.39 ? 77  GLY B O   1 
ATOM   1322 N N   . LEU B 1 78  ? -1.627  -20.830 -0.104  1.00 30.42 ? 78  LEU B N   1 
ATOM   1323 C CA  . LEU B 1 78  ? -0.584  -19.942 -0.597  1.00 29.86 ? 78  LEU B CA  1 
ATOM   1324 C C   . LEU B 1 78  ? 0.480   -19.707 0.483   1.00 30.95 ? 78  LEU B C   1 
ATOM   1325 O O   . LEU B 1 78  ? 1.651   -19.600 0.121   1.00 31.93 ? 78  LEU B O   1 
ATOM   1326 C CB  . LEU B 1 78  ? -1.151  -18.578 -0.993  1.00 29.72 ? 78  LEU B CB  1 
ATOM   1327 C CG  . LEU B 1 78  ? -0.775  -17.992 -2.370  1.00 31.38 ? 78  LEU B CG  1 
ATOM   1328 C CD1 . LEU B 1 78  ? -0.996  -16.501 -2.312  1.00 28.67 ? 78  LEU B CD1 1 
ATOM   1329 C CD2 . LEU B 1 78  ? 0.690   -18.306 -2.763  1.00 32.17 ? 78  LEU B CD2 1 
ATOM   1330 N N   . ARG B 1 79  ? 0.151   -19.661 1.798   1.00 28.86 ? 79  ARG B N   1 
ATOM   1331 C CA  . ARG B 1 79  ? 1.159   -19.379 2.811   1.00 29.08 ? 79  ARG B CA  1 
ATOM   1332 C C   . ARG B 1 79  ? 2.201   -20.471 3.015   1.00 28.45 ? 79  ARG B C   1 
ATOM   1333 O O   . ARG B 1 79  ? 3.361   -20.196 3.318   1.00 25.88 ? 79  ARG B O   1 
ATOM   1334 C CB  . ARG B 1 79  ? 0.477   -19.085 4.147   1.00 30.11 ? 79  ARG B CB  1 
ATOM   1335 C CG  . ARG B 1 79  ? -0.469  -20.189 4.612   1.00 32.03 ? 79  ARG B CG  1 
ATOM   1336 C CD  . ARG B 1 79  ? -0.702  -20.156 6.116   1.00 32.41 ? 79  ARG B CD  1 
ATOM   1337 N NE  . ARG B 1 79  ? -1.499  -21.302 6.504   1.00 32.69 ? 79  ARG B NE  1 
ATOM   1338 C CZ  . ARG B 1 79  ? -2.809  -21.195 6.694   1.00 33.18 ? 79  ARG B CZ  1 
ATOM   1339 N NH1 . ARG B 1 79  ? -3.475  -20.028 6.568   1.00 32.01 ? 79  ARG B NH1 1 
ATOM   1340 N NH2 . ARG B 1 79  ? -3.467  -22.333 6.892   1.00 33.97 ? 79  ARG B NH2 1 
ATOM   1341 N N   . ASP B 1 80  ? 1.733   -21.713 2.813   1.00 28.68 ? 80  ASP B N   1 
ATOM   1342 C CA  . ASP B 1 80  ? 2.527   -22.917 2.912   1.00 28.82 ? 80  ASP B CA  1 
ATOM   1343 C C   . ASP B 1 80  ? 3.499   -22.899 1.758   1.00 30.07 ? 80  ASP B C   1 
ATOM   1344 O O   . ASP B 1 80  ? 4.701   -22.902 2.020   1.00 31.89 ? 80  ASP B O   1 
ATOM   1345 C CB  . ASP B 1 80  ? 1.600   -24.139 2.860   1.00 28.42 ? 80  ASP B CB  1 
ATOM   1346 C CG  . ASP B 1 80  ? 0.699   -24.261 4.098   1.00 29.47 ? 80  ASP B CG  1 
ATOM   1347 O OD1 . ASP B 1 80  ? 1.179   -24.147 5.221   1.00 28.59 ? 80  ASP B OD1 1 
ATOM   1348 O OD2 . ASP B 1 80  ? -0.502  -24.482 3.957   1.00 31.73 ? 80  ASP B OD2 1 
ATOM   1349 N N   . VAL B 1 81  ? 3.021   -22.789 0.496   1.00 30.39 ? 81  VAL B N   1 
ATOM   1350 C CA  . VAL B 1 81  ? 3.862   -22.687 -0.709  1.00 29.17 ? 81  VAL B CA  1 
ATOM   1351 C C   . VAL B 1 81  ? 4.933   -21.619 -0.567  1.00 30.34 ? 81  VAL B C   1 
ATOM   1352 O O   . VAL B 1 81  ? 6.090   -21.853 -0.879  1.00 31.67 ? 81  VAL B O   1 
ATOM   1353 C CB  . VAL B 1 81  ? 2.970   -22.350 -1.930  1.00 28.84 ? 81  VAL B CB  1 
ATOM   1354 C CG1 . VAL B 1 81  ? 3.746   -21.968 -3.189  1.00 26.52 ? 81  VAL B CG1 1 
ATOM   1355 C CG2 . VAL B 1 81  ? 2.134   -23.578 -2.198  1.00 28.66 ? 81  VAL B CG2 1 
ATOM   1356 N N   . ALA B 1 82  ? 4.581   -20.437 -0.071  1.00 32.08 ? 82  ALA B N   1 
ATOM   1357 C CA  . ALA B 1 82  ? 5.504   -19.324 0.030   1.00 34.36 ? 82  ALA B CA  1 
ATOM   1358 C C   . ALA B 1 82  ? 6.524   -19.506 1.132   1.00 36.12 ? 82  ALA B C   1 
ATOM   1359 O O   . ALA B 1 82  ? 7.593   -18.898 1.116   1.00 36.79 ? 82  ALA B O   1 
ATOM   1360 C CB  . ALA B 1 82  ? 4.737   -18.042 0.296   1.00 34.51 ? 82  ALA B CB  1 
ATOM   1361 N N   . TYR B 1 83  ? 6.186   -20.330 2.122   1.00 38.42 ? 83  TYR B N   1 
ATOM   1362 C CA  . TYR B 1 83  ? 7.140   -20.656 3.166   1.00 40.32 ? 83  TYR B CA  1 
ATOM   1363 C C   . TYR B 1 83  ? 8.167   -21.631 2.593   1.00 40.61 ? 83  TYR B C   1 
ATOM   1364 O O   . TYR B 1 83  ? 9.382   -21.447 2.716   1.00 39.59 ? 83  TYR B O   1 
ATOM   1365 C CB  . TYR B 1 83  ? 6.425   -21.301 4.390   1.00 41.27 ? 83  TYR B CB  1 
ATOM   1366 C CG  . TYR B 1 83  ? 7.403   -21.481 5.544   1.00 40.76 ? 83  TYR B CG  1 
ATOM   1367 C CD1 . TYR B 1 83  ? 8.005   -20.370 6.093   1.00 41.30 ? 83  TYR B CD1 1 
ATOM   1368 C CD2 . TYR B 1 83  ? 7.760   -22.740 5.947   1.00 40.48 ? 83  TYR B CD2 1 
ATOM   1369 C CE1 . TYR B 1 83  ? 8.988   -20.533 7.036   1.00 42.74 ? 83  TYR B CE1 1 
ATOM   1370 C CE2 . TYR B 1 83  ? 8.741   -22.900 6.886   1.00 41.19 ? 83  TYR B CE2 1 
ATOM   1371 C CZ  . TYR B 1 83  ? 9.356   -21.803 7.426   1.00 42.41 ? 83  TYR B CZ  1 
ATOM   1372 O OH  . TYR B 1 83  ? 10.374  -21.969 8.353   1.00 43.11 ? 83  TYR B OH  1 
ATOM   1373 N N   . GLN B 1 84  ? 7.637   -22.661 1.943   1.00 42.24 ? 84  GLN B N   1 
ATOM   1374 C CA  . GLN B 1 84  ? 8.452   -23.676 1.324   1.00 45.64 ? 84  GLN B CA  1 
ATOM   1375 C C   . GLN B 1 84  ? 9.358   -22.986 0.347   1.00 45.25 ? 84  GLN B C   1 
ATOM   1376 O O   . GLN B 1 84  ? 10.563  -22.957 0.558   1.00 46.68 ? 84  GLN B O   1 
ATOM   1377 C CB  . GLN B 1 84  ? 7.663   -24.693 0.499   1.00 48.75 ? 84  GLN B CB  1 
ATOM   1378 C CG  . GLN B 1 84  ? 6.538   -25.512 1.122   1.00 41.94 ? 84  GLN B CG  1 
ATOM   1379 C CD  . GLN B 1 84  ? 5.897   -26.405 0.066   1.00 43.94 ? 84  GLN B CD  1 
ATOM   1380 O OE1 . GLN B 1 84  ? 4.795   -26.162 -0.439  1.00 43.62 ? 84  GLN B OE1 1 
ATOM   1381 N NE2 . GLN B 1 84  ? 6.631   -27.462 -0.301  1.00 45.35 ? 84  GLN B NE2 1 
ATOM   1382 N N   . TYR B 1 85  ? 8.778   -22.312 -0.644  1.00 45.76 ? 85  TYR B N   1 
ATOM   1383 C CA  . TYR B 1 85  ? 9.598   -21.794 -1.715  1.00 46.41 ? 85  TYR B CA  1 
ATOM   1384 C C   . TYR B 1 85  ? 10.064  -20.332 -1.750  1.00 44.67 ? 85  TYR B C   1 
ATOM   1385 O O   . TYR B 1 85  ? 10.907  -20.032 -2.609  1.00 44.48 ? 85  TYR B O   1 
ATOM   1386 C CB  . TYR B 1 85  ? 8.891   -22.136 -3.024  1.00 49.33 ? 85  TYR B CB  1 
ATOM   1387 C CG  . TYR B 1 85  ? 8.246   -23.517 -3.115  1.00 42.56 ? 85  TYR B CG  1 
ATOM   1388 C CD1 . TYR B 1 85  ? 8.926   -24.730 -3.159  1.00 42.96 ? 85  TYR B CD1 1 
ATOM   1389 C CD2 . TYR B 1 85  ? 6.872   -23.495 -3.173  1.00 44.34 ? 85  TYR B CD2 1 
ATOM   1390 C CE1 . TYR B 1 85  ? 8.182   -25.901 -3.258  1.00 44.56 ? 85  TYR B CE1 1 
ATOM   1391 C CE2 . TYR B 1 85  ? 6.135   -24.645 -3.272  1.00 45.31 ? 85  TYR B CE2 1 
ATOM   1392 C CZ  . TYR B 1 85  ? 6.788   -25.838 -3.313  1.00 45.29 ? 85  TYR B CZ  1 
ATOM   1393 O OH  . TYR B 1 85  ? 5.958   -26.941 -3.395  1.00 45.83 ? 85  TYR B OH  1 
ATOM   1394 N N   . VAL B 1 86  ? 9.635   -19.375 -0.910  1.00 41.61 ? 86  VAL B N   1 
ATOM   1395 C CA  . VAL B 1 86  ? 10.261  -18.058 -0.997  1.00 40.78 ? 86  VAL B CA  1 
ATOM   1396 C C   . VAL B 1 86  ? 11.580  -18.046 -0.201  1.00 40.67 ? 86  VAL B C   1 
ATOM   1397 O O   . VAL B 1 86  ? 11.623  -18.395 0.975   1.00 40.58 ? 86  VAL B O   1 
ATOM   1398 C CB  . VAL B 1 86  ? 9.268   -16.968 -0.491  1.00 40.09 ? 86  VAL B CB  1 
ATOM   1399 C CG1 . VAL B 1 86  ? 9.863   -15.572 -0.417  1.00 39.18 ? 86  VAL B CG1 1 
ATOM   1400 C CG2 . VAL B 1 86  ? 8.159   -16.885 -1.507  1.00 40.79 ? 86  VAL B CG2 1 
ATOM   1401 N N   . LYS B 1 87  ? 12.682  -17.695 -0.883  1.00 38.36 ? 87  LYS B N   1 
ATOM   1402 C CA  . LYS B 1 87  ? 14.023  -17.598 -0.328  1.00 37.06 ? 87  LYS B CA  1 
ATOM   1403 C C   . LYS B 1 87  ? 14.538  -16.202 -0.575  1.00 36.04 ? 87  LYS B C   1 
ATOM   1404 O O   . LYS B 1 87  ? 14.157  -15.620 -1.591  1.00 36.42 ? 87  LYS B O   1 
ATOM   1405 C CB  . LYS B 1 87  ? 14.993  -18.580 -1.001  1.00 37.52 ? 87  LYS B CB  1 
ATOM   1406 C CG  . LYS B 1 87  ? 15.110  -19.907 -0.260  1.00 37.56 ? 87  LYS B CG  1 
ATOM   1407 C CD  . LYS B 1 87  ? 13.850  -20.750 -0.358  1.00 36.61 ? 87  LYS B CD  1 
ATOM   1408 C CE  . LYS B 1 87  ? 13.467  -21.353 0.980   1.00 36.46 ? 87  LYS B CE  1 
ATOM   1409 N NZ  . LYS B 1 87  ? 13.125  -20.326 1.948   1.00 34.52 ? 87  LYS B NZ  1 
ATOM   1410 N N   . LYS B 1 88  ? 15.408  -15.662 0.298   1.00 34.97 ? 88  LYS B N   1 
ATOM   1411 C CA  . LYS B 1 88  ? 15.968  -14.301 0.219   1.00 33.69 ? 88  LYS B CA  1 
ATOM   1412 C C   . LYS B 1 88  ? 16.661  -14.081 -1.107  1.00 33.73 ? 88  LYS B C   1 
ATOM   1413 O O   . LYS B 1 88  ? 17.296  -15.021 -1.598  1.00 33.74 ? 88  LYS B O   1 
ATOM   1414 C CB  . LYS B 1 88  ? 16.950  -14.135 1.303   1.00 33.32 ? 88  LYS B CB  1 
ATOM   1415 C CG  . LYS B 1 88  ? 17.659  -12.848 1.442   1.00 35.86 ? 88  LYS B CG  1 
ATOM   1416 C CD  . LYS B 1 88  ? 18.848  -13.279 2.278   1.00 37.23 ? 88  LYS B CD  1 
ATOM   1417 C CE  . LYS B 1 88  ? 19.487  -12.094 2.998   1.00 39.67 ? 88  LYS B CE  1 
ATOM   1418 N NZ  . LYS B 1 88  ? 20.879  -12.412 3.337   1.00 40.98 ? 88  LYS B NZ  1 
ATOM   1419 N N   . GLY B 1 89  ? 16.525  -12.872 -1.689  1.00 32.33 ? 89  GLY B N   1 
ATOM   1420 C CA  . GLY B 1 89  ? 17.043  -12.532 -3.018  1.00 30.29 ? 89  GLY B CA  1 
ATOM   1421 C C   . GLY B 1 89  ? 16.291  -13.066 -4.249  1.00 28.78 ? 89  GLY B C   1 
ATOM   1422 O O   . GLY B 1 89  ? 16.714  -12.837 -5.371  1.00 27.26 ? 89  GLY B O   1 
ATOM   1423 N N   . SER B 1 90  ? 15.224  -13.856 -4.094  1.00 30.09 ? 90  SER B N   1 
ATOM   1424 C CA  . SER B 1 90  ? 14.383  -14.344 -5.175  1.00 29.54 ? 90  SER B CA  1 
ATOM   1425 C C   . SER B 1 90  ? 13.753  -13.150 -5.889  1.00 30.14 ? 90  SER B C   1 
ATOM   1426 O O   . SER B 1 90  ? 13.530  -12.103 -5.291  1.00 29.98 ? 90  SER B O   1 
ATOM   1427 C CB  . SER B 1 90  ? 13.225  -15.233 -4.649  1.00 30.40 ? 90  SER B CB  1 
ATOM   1428 O OG  . SER B 1 90  ? 13.373  -16.634 -4.427  1.00 29.48 ? 90  SER B OG  1 
ATOM   1429 N N   . ARG B 1 91  ? 13.507  -13.215 -7.195  1.00 31.14 ? 91  ARG B N   1 
ATOM   1430 C CA  . ARG B 1 91  ? 12.704  -12.183 -7.842  1.00 30.87 ? 91  ARG B CA  1 
ATOM   1431 C C   . ARG B 1 91  ? 11.248  -12.702 -7.782  1.00 30.77 ? 91  ARG B C   1 
ATOM   1432 O O   . ARG B 1 91  ? 11.017  -13.857 -8.151  1.00 33.63 ? 91  ARG B O   1 
ATOM   1433 C CB  . ARG B 1 91  ? 13.233  -11.987 -9.275  1.00 29.06 ? 91  ARG B CB  1 
ATOM   1434 C CG  . ARG B 1 91  ? 12.396  -10.897 -9.856  1.00 29.47 ? 91  ARG B CG  1 
ATOM   1435 C CD  . ARG B 1 91  ? 13.103  -9.810  -10.624 1.00 29.19 ? 91  ARG B CD  1 
ATOM   1436 N NE  . ARG B 1 91  ? 13.277  -10.085 -12.035 1.00 28.06 ? 91  ARG B NE  1 
ATOM   1437 C CZ  . ARG B 1 91  ? 13.093  -9.158  -12.981 1.00 28.19 ? 91  ARG B CZ  1 
ATOM   1438 N NH1 . ARG B 1 91  ? 12.707  -7.887  -12.796 1.00 26.97 ? 91  ARG B NH1 1 
ATOM   1439 N NH2 . ARG B 1 91  ? 13.435  -9.519  -14.192 1.00 29.38 ? 91  ARG B NH2 1 
ATOM   1440 N N   . ILE B 1 92  ? 10.221  -11.990 -7.282  1.00 28.22 ? 92  ILE B N   1 
ATOM   1441 C CA  . ILE B 1 92  ? 8.830   -12.505 -7.219  1.00 26.31 ? 92  ILE B CA  1 
ATOM   1442 C C   . ILE B 1 92  ? 7.862   -11.537 -7.872  1.00 23.53 ? 92  ILE B C   1 
ATOM   1443 O O   . ILE B 1 92  ? 8.182   -10.370 -7.969  1.00 22.15 ? 92  ILE B O   1 
ATOM   1444 C CB  . ILE B 1 92  ? 8.398   -12.737 -5.704  1.00 26.86 ? 92  ILE B CB  1 
ATOM   1445 C CG1 . ILE B 1 92  ? 9.197   -13.892 -5.211  1.00 27.48 ? 92  ILE B CG1 1 
ATOM   1446 C CG2 . ILE B 1 92  ? 6.921   -13.032 -5.472  1.00 26.09 ? 92  ILE B CG2 1 
ATOM   1447 C CD1 . ILE B 1 92  ? 9.216   -15.146 -6.078  1.00 28.82 ? 92  ILE B CD1 1 
ATOM   1448 N N   . TYR B 1 93  ? 6.715   -11.969 -8.381  1.00 23.20 ? 93  TYR B N   1 
ATOM   1449 C CA  . TYR B 1 93  ? 5.652   -11.051 -8.766  1.00 23.82 ? 93  TYR B CA  1 
ATOM   1450 C C   . TYR B 1 93  ? 4.515   -11.422 -7.825  1.00 26.41 ? 93  TYR B C   1 
ATOM   1451 O O   . TYR B 1 93  ? 4.206   -12.605 -7.557  1.00 27.35 ? 93  TYR B O   1 
ATOM   1452 C CB  . TYR B 1 93  ? 5.107   -11.235 -10.203 1.00 21.77 ? 93  TYR B CB  1 
ATOM   1453 C CG  . TYR B 1 93  ? 3.970   -10.276 -10.619 1.00 18.93 ? 93  TYR B CG  1 
ATOM   1454 C CD1 . TYR B 1 93  ? 4.201   -9.003  -11.074 1.00 18.68 ? 93  TYR B CD1 1 
ATOM   1455 C CD2 . TYR B 1 93  ? 2.664   -10.684 -10.514 1.00 19.21 ? 93  TYR B CD2 1 
ATOM   1456 C CE1 . TYR B 1 93  ? 3.148   -8.162  -11.404 1.00 17.70 ? 93  TYR B CE1 1 
ATOM   1457 C CE2 . TYR B 1 93  ? 1.605   -9.860  -10.840 1.00 18.34 ? 93  TYR B CE2 1 
ATOM   1458 C CZ  . TYR B 1 93  ? 1.855   -8.603  -11.280 1.00 17.82 ? 93  TYR B CZ  1 
ATOM   1459 O OH  . TYR B 1 93  ? 0.782   -7.796  -11.568 1.00 17.47 ? 93  TYR B OH  1 
ATOM   1460 N N   . LEU B 1 94  ? 3.874   -10.354 -7.339  1.00 25.96 ? 94  LEU B N   1 
ATOM   1461 C CA  . LEU B 1 94  ? 2.727   -10.554 -6.493  1.00 25.70 ? 94  LEU B CA  1 
ATOM   1462 C C   . LEU B 1 94  ? 1.680   -9.455  -6.578  1.00 24.18 ? 94  LEU B C   1 
ATOM   1463 O O   . LEU B 1 94  ? 1.955   -8.327  -6.977  1.00 23.54 ? 94  LEU B O   1 
ATOM   1464 C CB  . LEU B 1 94  ? 3.208   -10.747 -5.016  1.00 28.28 ? 94  LEU B CB  1 
ATOM   1465 C CG  . LEU B 1 94  ? 3.761   -9.685  -4.063  1.00 29.65 ? 94  LEU B CG  1 
ATOM   1466 C CD1 . LEU B 1 94  ? 4.102   -10.381 -2.768  1.00 30.59 ? 94  LEU B CD1 1 
ATOM   1467 C CD2 . LEU B 1 94  ? 5.048   -9.066  -4.564  1.00 30.07 ? 94  LEU B CD2 1 
ATOM   1468 N N   . GLU B 1 95  ? 0.445   -9.873  -6.295  1.00 22.24 ? 95  GLU B N   1 
ATOM   1469 C CA  . GLU B 1 95  ? -0.670  -8.988  -6.120  1.00 22.93 ? 95  GLU B CA  1 
ATOM   1470 C C   . GLU B 1 95  ? -1.301  -9.127  -4.744  1.00 22.98 ? 95  GLU B C   1 
ATOM   1471 O O   . GLU B 1 95  ? -1.423  -10.218 -4.192  1.00 22.43 ? 95  GLU B O   1 
ATOM   1472 C CB  . GLU B 1 95  ? -1.699  -9.273  -7.135  1.00 23.90 ? 95  GLU B CB  1 
ATOM   1473 C CG  . GLU B 1 95  ? -1.196  -8.740  -8.434  1.00 27.05 ? 95  GLU B CG  1 
ATOM   1474 C CD  . GLU B 1 95  ? -1.859  -9.371  -9.638  1.00 29.01 ? 95  GLU B CD  1 
ATOM   1475 O OE1 . GLU B 1 95  ? -2.492  -10.431 -9.475  1.00 29.70 ? 95  GLU B OE1 1 
ATOM   1476 O OE2 . GLU B 1 95  ? -1.705  -8.811  -10.738 1.00 28.66 ? 95  GLU B OE2 1 
ATOM   1477 N N   . GLY B 1 96  ? -1.729  -8.018  -4.156  1.00 23.11 ? 96  GLY B N   1 
ATOM   1478 C CA  . GLY B 1 96  ? -2.364  -8.069  -2.860  1.00 23.79 ? 96  GLY B CA  1 
ATOM   1479 C C   . GLY B 1 96  ? -3.217  -6.855  -2.609  1.00 24.15 ? 96  GLY B C   1 
ATOM   1480 O O   . GLY B 1 96  ? -3.456  -6.084  -3.526  1.00 23.83 ? 96  GLY B O   1 
ATOM   1481 N N   . LYS B 1 97  ? -3.709  -6.709  -1.377  1.00 25.51 ? 97  LYS B N   1 
ATOM   1482 C CA  . LYS B 1 97  ? -4.453  -5.534  -0.953  1.00 26.48 ? 97  LYS B CA  1 
ATOM   1483 C C   . LYS B 1 97  ? -3.721  -4.912  0.215   1.00 25.13 ? 97  LYS B C   1 
ATOM   1484 O O   . LYS B 1 97  ? -3.210  -5.627  1.062   1.00 26.44 ? 97  LYS B O   1 
ATOM   1485 C CB  . LYS B 1 97  ? -5.878  -5.880  -0.514  1.00 28.85 ? 97  LYS B CB  1 
ATOM   1486 C CG  . LYS B 1 97  ? -6.056  -6.677  0.757   1.00 32.15 ? 97  LYS B CG  1 
ATOM   1487 C CD  . LYS B 1 97  ? -7.446  -6.373  1.258   1.00 37.11 ? 97  LYS B CD  1 
ATOM   1488 C CE  . LYS B 1 97  ? -7.775  -7.254  2.457   1.00 41.14 ? 97  LYS B CE  1 
ATOM   1489 N NZ  . LYS B 1 97  ? -8.938  -6.756  3.182   1.00 43.92 ? 97  LYS B NZ  1 
ATOM   1490 N N   . ILE B 1 98  ? -3.650  -3.587  0.280   1.00 24.01 ? 98  ILE B N   1 
ATOM   1491 C CA  . ILE B 1 98  ? -2.935  -2.859  1.321   1.00 23.17 ? 98  ILE B CA  1 
ATOM   1492 C C   . ILE B 1 98  ? -3.721  -2.879  2.600   1.00 22.28 ? 98  ILE B C   1 
ATOM   1493 O O   . ILE B 1 98  ? -4.940  -2.770  2.604   1.00 22.29 ? 98  ILE B O   1 
ATOM   1494 C CB  . ILE B 1 98  ? -2.750  -1.405  0.963   1.00 22.87 ? 98  ILE B CB  1 
ATOM   1495 C CG1 . ILE B 1 98  ? -2.434  -1.225  -0.482  1.00 22.50 ? 98  ILE B CG1 1 
ATOM   1496 C CG2 . ILE B 1 98  ? -1.597  -0.863  1.751   1.00 23.32 ? 98  ILE B CG2 1 
ATOM   1497 C CD1 . ILE B 1 98  ? -2.777  0.243   -0.721  1.00 24.27 ? 98  ILE B CD1 1 
ATOM   1498 N N   . ASP B 1 99  ? -3.011  -3.000  3.692   1.00 23.69 ? 99  ASP B N   1 
ATOM   1499 C CA  . ASP B 1 99  ? -3.617  -2.954  5.017   1.00 26.91 ? 99  ASP B CA  1 
ATOM   1500 C C   . ASP B 1 99  ? -2.683  -2.042  5.765   1.00 24.13 ? 99  ASP B C   1 
ATOM   1501 O O   . ASP B 1 99  ? -1.486  -2.298  5.784   1.00 24.21 ? 99  ASP B O   1 
ATOM   1502 C CB  . ASP B 1 99  ? -3.618  -4.316  5.732   1.00 31.67 ? 99  ASP B CB  1 
ATOM   1503 C CG  . ASP B 1 99  ? -4.484  -4.381  6.997   1.00 35.45 ? 99  ASP B CG  1 
ATOM   1504 O OD1 . ASP B 1 99  ? -5.713  -4.446  6.864   1.00 37.44 ? 99  ASP B OD1 1 
ATOM   1505 O OD2 . ASP B 1 99  ? -3.936  -4.407  8.109   1.00 37.19 ? 99  ASP B OD2 1 
ATOM   1506 N N   . TYR B 1 100 ? -3.193  -0.979  6.370   1.00 21.88 ? 100 TYR B N   1 
ATOM   1507 C CA  . TYR B 1 100 ? -2.341  -0.057  7.087   1.00 20.45 ? 100 TYR B CA  1 
ATOM   1508 C C   . TYR B 1 100 ? -1.939  -0.479  8.470   1.00 22.17 ? 100 TYR B C   1 
ATOM   1509 O O   . TYR B 1 100 ? -1.081  0.136   9.060   1.00 24.38 ? 100 TYR B O   1 
ATOM   1510 C CB  . TYR B 1 100 ? -3.028  1.265   7.122   1.00 17.18 ? 100 TYR B CB  1 
ATOM   1511 C CG  . TYR B 1 100 ? -3.019  1.800   5.726   1.00 15.71 ? 100 TYR B CG  1 
ATOM   1512 C CD1 . TYR B 1 100 ? -1.837  2.193   5.134   1.00 14.67 ? 100 TYR B CD1 1 
ATOM   1513 C CD2 . TYR B 1 100 ? -4.213  1.829   5.039   1.00 16.62 ? 100 TYR B CD2 1 
ATOM   1514 C CE1 . TYR B 1 100 ? -1.839  2.610   3.824   1.00 13.91 ? 100 TYR B CE1 1 
ATOM   1515 C CE2 . TYR B 1 100 ? -4.228  2.256   3.736   1.00 15.60 ? 100 TYR B CE2 1 
ATOM   1516 C CZ  . TYR B 1 100 ? -3.040  2.639   3.150   1.00 16.49 ? 100 TYR B CZ  1 
ATOM   1517 O OH  . TYR B 1 100 ? -3.083  3.063   1.826   1.00 20.26 ? 100 TYR B OH  1 
ATOM   1518 N N   . GLY B 1 101 ? -2.544  -1.530  9.002   1.00 25.66 ? 101 GLY B N   1 
ATOM   1519 C CA  . GLY B 1 101 ? -2.225  -2.169  10.263  1.00 29.08 ? 101 GLY B CA  1 
ATOM   1520 C C   . GLY B 1 101 ? -2.189  -1.308  11.504  1.00 31.42 ? 101 GLY B C   1 
ATOM   1521 O O   . GLY B 1 101 ? -1.496  -1.680  12.444  1.00 31.07 ? 101 GLY B O   1 
ATOM   1522 N N   . GLU B 1 102 ? -3.041  -0.274  11.547  1.00 34.58 ? 102 GLU B N   1 
ATOM   1523 C CA  . GLU B 1 102 ? -3.131  0.668   12.654  1.00 38.30 ? 102 GLU B CA  1 
ATOM   1524 C C   . GLU B 1 102 ? -3.414  0.087   14.029  1.00 39.56 ? 102 GLU B C   1 
ATOM   1525 O O   . GLU B 1 102 ? -4.382  -0.642  14.262  1.00 40.39 ? 102 GLU B O   1 
ATOM   1526 C CB  . GLU B 1 102 ? -4.189  1.720   12.337  1.00 39.87 ? 102 GLU B CB  1 
ATOM   1527 C CG  . GLU B 1 102 ? -3.756  2.581   11.159  1.00 44.10 ? 102 GLU B CG  1 
ATOM   1528 C CD  . GLU B 1 102 ? -4.670  3.750   10.824  1.00 47.34 ? 102 GLU B CD  1 
ATOM   1529 O OE1 . GLU B 1 102 ? -4.642  4.751   11.539  1.00 48.99 ? 102 GLU B OE1 1 
ATOM   1530 O OE2 . GLU B 1 102 ? -5.397  3.660   9.834   1.00 48.14 ? 102 GLU B OE2 1 
ATOM   1531 N N   . TYR B 1 103 ? -2.497  0.443   14.930  1.00 40.38 ? 103 TYR B N   1 
ATOM   1532 C CA  . TYR B 1 103 ? -2.531  -0.003  16.313  1.00 41.78 ? 103 TYR B CA  1 
ATOM   1533 C C   . TYR B 1 103 ? -2.079  1.086   17.272  1.00 44.00 ? 103 TYR B C   1 
ATOM   1534 O O   . TYR B 1 103 ? -1.293  1.965   16.917  1.00 43.43 ? 103 TYR B O   1 
ATOM   1535 C CB  . TYR B 1 103 ? -1.630  -1.239  16.491  1.00 40.08 ? 103 TYR B CB  1 
ATOM   1536 C CG  . TYR B 1 103 ? -0.126  -1.035  16.302  1.00 39.18 ? 103 TYR B CG  1 
ATOM   1537 C CD1 . TYR B 1 103 ? 0.415   -0.900  15.037  1.00 38.48 ? 103 TYR B CD1 1 
ATOM   1538 C CD2 . TYR B 1 103 ? 0.699   -1.001  17.412  1.00 38.71 ? 103 TYR B CD2 1 
ATOM   1539 C CE1 . TYR B 1 103 ? 1.774   -0.732  14.883  1.00 37.84 ? 103 TYR B CE1 1 
ATOM   1540 C CE2 . TYR B 1 103 ? 2.059   -0.832  17.262  1.00 38.91 ? 103 TYR B CE2 1 
ATOM   1541 C CZ  . TYR B 1 103 ? 2.584   -0.698  15.995  1.00 38.69 ? 103 TYR B CZ  1 
ATOM   1542 O OH  . TYR B 1 103 ? 3.943   -0.523  15.834  1.00 39.29 ? 103 TYR B OH  1 
ATOM   1543 N N   . MET B 1 104 ? -2.571  1.024   18.509  1.00 48.61 ? 104 MET B N   1 
ATOM   1544 C CA  . MET B 1 104 ? -2.154  1.959   19.538  1.00 45.26 ? 104 MET B CA  1 
ATOM   1545 C C   . MET B 1 104 ? -1.007  1.318   20.301  1.00 48.13 ? 104 MET B C   1 
ATOM   1546 O O   . MET B 1 104 ? -1.203  0.289   20.955  1.00 48.39 ? 104 MET B O   1 
ATOM   1547 C CB  . MET B 1 104 ? -3.296  2.254   20.510  1.00 51.51 ? 104 MET B CB  1 
ATOM   1548 C CG  . MET B 1 104 ? -4.561  2.814   19.868  1.00 53.10 ? 104 MET B CG  1 
ATOM   1549 S SD  . MET B 1 104 ? -4.331  4.438   19.106  1.00 53.21 ? 104 MET B SD  1 
ATOM   1550 C CE  . MET B 1 104 ? -6.030  4.798   18.757  1.00 55.74 ? 104 MET B CE  1 
ATOM   1551 N N   . ASP B 1 105 ? 0.213   1.868   20.208  1.00 54.83 ? 105 ASP B N   1 
ATOM   1552 C CA  . ASP B 1 105 ? 1.330   1.329   20.975  1.00 53.26 ? 105 ASP B CA  1 
ATOM   1553 C C   . ASP B 1 105 ? 1.178   1.683   22.454  1.00 55.82 ? 105 ASP B C   1 
ATOM   1554 O O   . ASP B 1 105 ? 1.434   0.845   23.318  1.00 55.72 ? 105 ASP B O   1 
ATOM   1555 C CB  . ASP B 1 105 ? 2.675   1.863   20.424  1.00 56.82 ? 105 ASP B CB  1 
ATOM   1556 C CG  . ASP B 1 105 ? 2.973   3.359   20.485  1.00 56.73 ? 105 ASP B CG  1 
ATOM   1557 O OD1 . ASP B 1 105 ? 2.066   4.165   20.299  1.00 55.88 ? 105 ASP B OD1 1 
ATOM   1558 O OD2 . ASP B 1 105 ? 4.129   3.720   20.701  1.00 56.91 ? 105 ASP B OD2 1 
ATOM   1559 N N   . LYS B 1 106 ? 0.723   2.912   22.737  1.00 54.63 ? 106 LYS B N   1 
ATOM   1560 C CA  . LYS B 1 106 ? 0.426   3.446   24.061  1.00 53.52 ? 106 LYS B CA  1 
ATOM   1561 C C   . LYS B 1 106 ? -0.376  4.728   23.824  1.00 55.99 ? 106 LYS B C   1 
ATOM   1562 O O   . LYS B 1 106 ? 0.175   5.832   23.808  1.00 56.30 ? 106 LYS B O   1 
ATOM   1563 C CB  . LYS B 1 106 ? 1.690   3.822   24.857  1.00 56.29 ? 106 LYS B CB  1 
ATOM   1564 C CG  . LYS B 1 106 ? 2.475   2.722   25.555  1.00 57.28 ? 106 LYS B CG  1 
ATOM   1565 C CD  . LYS B 1 106 ? 3.722   3.269   26.244  1.00 58.28 ? 106 LYS B CD  1 
ATOM   1566 C CE  . LYS B 1 106 ? 4.708   3.937   25.281  1.00 58.14 ? 106 LYS B CE  1 
ATOM   1567 N NZ  . LYS B 1 106 ? 5.169   3.012   24.261  1.00 59.80 ? 106 LYS B NZ  1 
ATOM   1568 N N   . ASN B 1 107 ? -1.695  4.588   23.586  1.00 53.19 ? 107 ASN B N   1 
ATOM   1569 C CA  . ASN B 1 107 ? -2.640  5.685   23.331  1.00 50.15 ? 107 ASN B CA  1 
ATOM   1570 C C   . ASN B 1 107 ? -2.281  6.548   22.107  1.00 52.38 ? 107 ASN B C   1 
ATOM   1571 O O   . ASN B 1 107 ? -2.816  7.634   21.876  1.00 51.73 ? 107 ASN B O   1 
ATOM   1572 C CB  . ASN B 1 107 ? -2.718  6.516   24.635  1.00 54.31 ? 107 ASN B CB  1 
ATOM   1573 C CG  . ASN B 1 107 ? -3.741  7.643   24.688  1.00 55.27 ? 107 ASN B CG  1 
ATOM   1574 O OD1 . ASN B 1 107 ? -4.832  7.573   24.123  1.00 56.87 ? 107 ASN B OD1 1 
ATOM   1575 N ND2 . ASN B 1 107 ? -3.387  8.729   25.371  1.00 55.73 ? 107 ASN B ND2 1 
ATOM   1576 N N   . ASN B 1 108 ? -1.378  6.019   21.283  1.00 51.96 ? 108 ASN B N   1 
ATOM   1577 C CA  . ASN B 1 108 ? -0.830  6.711   20.137  1.00 49.69 ? 108 ASN B CA  1 
ATOM   1578 C C   . ASN B 1 108 ? -0.918  5.811   18.912  1.00 52.18 ? 108 ASN B C   1 
ATOM   1579 O O   . ASN B 1 108 ? -0.369  4.708   18.869  1.00 53.15 ? 108 ASN B O   1 
ATOM   1580 C CB  . ASN B 1 108 ? 0.598   7.082   20.536  1.00 55.31 ? 108 ASN B CB  1 
ATOM   1581 C CG  . ASN B 1 108 ? 1.495   7.743   19.499  1.00 56.87 ? 108 ASN B CG  1 
ATOM   1582 O OD1 . ASN B 1 108 ? 1.082   8.219   18.440  1.00 55.13 ? 108 ASN B OD1 1 
ATOM   1583 N ND2 . ASN B 1 108 ? 2.782   7.777   19.833  1.00 57.77 ? 108 ASN B ND2 1 
ATOM   1584 N N   . VAL B 1 109 ? -1.635  6.318   17.903  1.00 51.77 ? 109 VAL B N   1 
ATOM   1585 C CA  . VAL B 1 109 ? -1.912  5.618   16.646  1.00 49.06 ? 109 VAL B CA  1 
ATOM   1586 C C   . VAL B 1 109 ? -0.624  5.339   15.870  1.00 46.63 ? 109 VAL B C   1 
ATOM   1587 O O   . VAL B 1 109 ? 0.245   6.211   15.772  1.00 45.62 ? 109 VAL B O   1 
ATOM   1588 C CB  . VAL B 1 109 ? -2.865  6.460   15.757  1.00 50.26 ? 109 VAL B CB  1 
ATOM   1589 C CG1 . VAL B 1 109 ? -3.479  5.533   14.717  1.00 48.74 ? 109 VAL B CG1 1 
ATOM   1590 C CG2 . VAL B 1 109 ? -3.977  7.116   16.569  1.00 50.65 ? 109 VAL B CG2 1 
ATOM   1591 N N   . ARG B 1 110 ? -0.495  4.129   15.308  1.00 43.65 ? 110 ARG B N   1 
ATOM   1592 C CA  . ARG B 1 110 ? 0.718   3.778   14.613  1.00 41.04 ? 110 ARG B CA  1 
ATOM   1593 C C   . ARG B 1 110 ? 0.367   2.901   13.446  1.00 39.89 ? 110 ARG B C   1 
ATOM   1594 O O   . ARG B 1 110 ? -0.718  2.342   13.365  1.00 37.77 ? 110 ARG B O   1 
ATOM   1595 C CB  . ARG B 1 110 ? 1.611   3.060   15.597  1.00 41.77 ? 110 ARG B CB  1 
ATOM   1596 C CG  . ARG B 1 110 ? 3.071   2.970   15.235  1.00 44.21 ? 110 ARG B CG  1 
ATOM   1597 C CD  . ARG B 1 110 ? 3.908   3.365   16.427  1.00 45.90 ? 110 ARG B CD  1 
ATOM   1598 N NE  . ARG B 1 110 ? 3.661   4.753   16.810  1.00 48.26 ? 110 ARG B NE  1 
ATOM   1599 C CZ  . ARG B 1 110 ? 4.594   5.480   17.447  1.00 50.45 ? 110 ARG B CZ  1 
ATOM   1600 N NH1 . ARG B 1 110 ? 5.806   4.962   17.773  1.00 51.49 ? 110 ARG B NH1 1 
ATOM   1601 N NH2 . ARG B 1 110 ? 4.311   6.749   17.744  1.00 49.52 ? 110 ARG B NH2 1 
ATOM   1602 N N   . ARG B 1 111 ? 1.302   2.796   12.508  1.00 40.44 ? 111 ARG B N   1 
ATOM   1603 C CA  . ARG B 1 111 ? 1.097   1.922   11.370  1.00 38.80 ? 111 ARG B CA  1 
ATOM   1604 C C   . ARG B 1 111 ? 2.186   0.888   11.118  1.00 37.98 ? 111 ARG B C   1 
ATOM   1605 O O   . ARG B 1 111 ? 3.402   1.122   11.161  1.00 37.42 ? 111 ARG B O   1 
ATOM   1606 C CB  . ARG B 1 111 ? 0.924   2.759   10.145  1.00 38.77 ? 111 ARG B CB  1 
ATOM   1607 C CG  . ARG B 1 111 ? -0.339  3.584   10.202  1.00 37.99 ? 111 ARG B CG  1 
ATOM   1608 C CD  . ARG B 1 111 ? -0.995  3.426   8.853   1.00 37.29 ? 111 ARG B CD  1 
ATOM   1609 N NE  . ARG B 1 111 ? -0.885  4.584   7.999   1.00 35.46 ? 111 ARG B NE  1 
ATOM   1610 C CZ  . ARG B 1 111 ? 0.254   5.095   7.545   1.00 36.19 ? 111 ARG B CZ  1 
ATOM   1611 N NH1 . ARG B 1 111 ? 1.463   4.614   7.814   1.00 35.93 ? 111 ARG B NH1 1 
ATOM   1612 N NH2 . ARG B 1 111 ? 0.156   6.153   6.769   1.00 39.89 ? 111 ARG B NH2 1 
ATOM   1613 N N   . GLN B 1 112 ? 1.555   -0.268  10.881  1.00 36.79 ? 112 GLN B N   1 
ATOM   1614 C CA  . GLN B 1 112 ? 2.102   -1.585  10.614  1.00 35.92 ? 112 GLN B CA  1 
ATOM   1615 C C   . GLN B 1 112 ? 1.549   -1.950  9.242   1.00 32.73 ? 112 GLN B C   1 
ATOM   1616 O O   . GLN B 1 112 ? 0.730   -2.845  9.088   1.00 29.84 ? 112 GLN B O   1 
ATOM   1617 C CB  . GLN B 1 112 ? 1.588   -2.471  11.734  1.00 39.53 ? 112 GLN B CB  1 
ATOM   1618 C CG  . GLN B 1 112 ? 1.927   -3.954  11.813  1.00 47.97 ? 112 GLN B CG  1 
ATOM   1619 C CD  . GLN B 1 112 ? 1.398   -4.632  13.102  1.00 53.42 ? 112 GLN B CD  1 
ATOM   1620 O OE1 . GLN B 1 112 ? 0.238   -5.083  13.190  1.00 55.40 ? 112 GLN B OE1 1 
ATOM   1621 N NE2 . GLN B 1 112 ? 2.253   -4.710  14.142  1.00 54.49 ? 112 GLN B NE2 1 
ATOM   1622 N N   . ALA B 1 113 ? 1.971   -1.219  8.211   1.00 30.23 ? 113 ALA B N   1 
ATOM   1623 C CA  . ALA B 1 113 ? 1.463   -1.421  6.863   1.00 29.28 ? 113 ALA B CA  1 
ATOM   1624 C C   . ALA B 1 113 ? 2.022   -2.623  6.124   1.00 27.35 ? 113 ALA B C   1 
ATOM   1625 O O   . ALA B 1 113 ? 3.224   -2.854  5.966   1.00 27.07 ? 113 ALA B O   1 
ATOM   1626 C CB  . ALA B 1 113 ? 1.710   -0.150  6.014   1.00 26.96 ? 113 ALA B CB  1 
ATOM   1627 N N   . THR B 1 114 ? 1.051   -3.415  5.686   1.00 26.11 ? 114 THR B N   1 
ATOM   1628 C CA  . THR B 1 114 ? 1.354   -4.644  4.988   1.00 24.56 ? 114 THR B CA  1 
ATOM   1629 C C   . THR B 1 114 ? 0.551   -4.866  3.696   1.00 23.00 ? 114 THR B C   1 
ATOM   1630 O O   . THR B 1 114 ? -0.596  -4.401  3.599   1.00 21.60 ? 114 THR B O   1 
ATOM   1631 C CB  . THR B 1 114 ? 1.135   -5.773  6.010   1.00 23.08 ? 114 THR B CB  1 
ATOM   1632 O OG1 . THR B 1 114 ? 2.010   -6.745  5.498   1.00 26.17 ? 114 THR B OG1 1 
ATOM   1633 C CG2 . THR B 1 114 ? -0.265  -6.388  6.158   1.00 23.12 ? 114 THR B CG2 1 
ATOM   1634 N N   . THR B 1 115 ? 1.106   -5.526  2.661   1.00 21.36 ? 115 THR B N   1 
ATOM   1635 C CA  . THR B 1 115 ? 0.232   -5.903  1.560   1.00 21.31 ? 115 THR B CA  1 
ATOM   1636 C C   . THR B 1 115 ? -0.092  -7.388  1.725   1.00 21.04 ? 115 THR B C   1 
ATOM   1637 O O   . THR B 1 115 ? 0.761   -8.254  1.733   1.00 23.58 ? 115 THR B O   1 
ATOM   1638 C CB  . THR B 1 115 ? 0.875   -5.564  0.128   1.00 21.26 ? 115 THR B CB  1 
ATOM   1639 O OG1 . THR B 1 115 ? 1.469   -6.729  -0.405  1.00 20.70 ? 115 THR B OG1 1 
ATOM   1640 C CG2 . THR B 1 115 ? 1.904   -4.436  0.189   1.00 19.54 ? 115 THR B CG2 1 
ATOM   1641 N N   . ILE B 1 116 ? -1.354  -7.703  1.959   1.00 21.43 ? 116 ILE B N   1 
ATOM   1642 C CA  . ILE B 1 116 ? -1.855  -9.048  2.162   1.00 23.56 ? 116 ILE B CA  1 
ATOM   1643 C C   . ILE B 1 116 ? -1.923  -9.677  0.785   1.00 25.07 ? 116 ILE B C   1 
ATOM   1644 O O   . ILE B 1 116 ? -2.749  -9.277  -0.029  1.00 25.28 ? 116 ILE B O   1 
ATOM   1645 C CB  . ILE B 1 116 ? -3.274  -8.960  2.828   1.00 25.22 ? 116 ILE B CB  1 
ATOM   1646 C CG1 . ILE B 1 116 ? -3.128  -8.280  4.178   1.00 25.02 ? 116 ILE B CG1 1 
ATOM   1647 C CG2 . ILE B 1 116 ? -3.895  -10.358 3.015   1.00 24.51 ? 116 ILE B CG2 1 
ATOM   1648 C CD1 . ILE B 1 116 ? -4.448  -7.952  4.847   1.00 25.93 ? 116 ILE B CD1 1 
ATOM   1649 N N   . ILE B 1 117 ? -1.059  -10.660 0.500   1.00 27.50 ? 117 ILE B N   1 
ATOM   1650 C CA  . ILE B 1 117 ? -1.024  -11.234 -0.828  1.00 29.04 ? 117 ILE B CA  1 
ATOM   1651 C C   . ILE B 1 117 ? -2.010  -12.325 -1.127  1.00 29.22 ? 117 ILE B C   1 
ATOM   1652 O O   . ILE B 1 117 ? -2.228  -13.251 -0.354  1.00 31.54 ? 117 ILE B O   1 
ATOM   1653 C CB  . ILE B 1 117 ? 0.422   -11.677 -1.094  1.00 31.11 ? 117 ILE B CB  1 
ATOM   1654 C CG1 . ILE B 1 117 ? 0.826   -10.790 -2.239  1.00 34.94 ? 117 ILE B CG1 1 
ATOM   1655 C CG2 . ILE B 1 117 ? 0.661   -13.092 -1.570  1.00 32.33 ? 117 ILE B CG2 1 
ATOM   1656 C CD1 . ILE B 1 117 ? 0.837   -9.253  -1.971  1.00 37.69 ? 117 ILE B CD1 1 
ATOM   1657 N N   . ALA B 1 118 ? -2.591  -12.103 -2.301  1.00 28.25 ? 118 ALA B N   1 
ATOM   1658 C CA  . ALA B 1 118 ? -3.619  -12.943 -2.883  1.00 27.10 ? 118 ALA B CA  1 
ATOM   1659 C C   . ALA B 1 118 ? -3.034  -13.755 -4.037  1.00 28.37 ? 118 ALA B C   1 
ATOM   1660 O O   . ALA B 1 118 ? -3.259  -14.954 -4.140  1.00 30.55 ? 118 ALA B O   1 
ATOM   1661 C CB  . ALA B 1 118 ? -4.753  -12.057 -3.391  1.00 22.26 ? 118 ALA B CB  1 
ATOM   1662 N N   . ASP B 1 119 ? -2.262  -13.117 -4.916  1.00 28.94 ? 119 ASP B N   1 
ATOM   1663 C CA  . ASP B 1 119 ? -1.654  -13.777 -6.044  1.00 27.95 ? 119 ASP B CA  1 
ATOM   1664 C C   . ASP B 1 119 ? -0.171  -13.636 -5.908  1.00 28.56 ? 119 ASP B C   1 
ATOM   1665 O O   . ASP B 1 119 ? 0.329   -12.677 -5.339  1.00 29.30 ? 119 ASP B O   1 
ATOM   1666 C CB  . ASP B 1 119 ? -2.120  -13.137 -7.322  1.00 31.67 ? 119 ASP B CB  1 
ATOM   1667 C CG  . ASP B 1 119 ? -1.846  -13.980 -8.560  1.00 34.48 ? 119 ASP B CG  1 
ATOM   1668 O OD1 . ASP B 1 119 ? -2.374  -15.093 -8.645  1.00 35.07 ? 119 ASP B OD1 1 
ATOM   1669 O OD2 . ASP B 1 119 ? -1.107  -13.518 -9.435  1.00 36.88 ? 119 ASP B OD2 1 
ATOM   1670 N N   . ASN B 1 120 ? 0.549   -14.575 -6.502  1.00 30.56 ? 120 ASN B N   1 
ATOM   1671 C CA  . ASN B 1 120 ? 1.970   -14.733 -6.258  1.00 30.69 ? 120 ASN B CA  1 
ATOM   1672 C C   . ASN B 1 120 ? 2.666   -15.597 -7.302  1.00 29.69 ? 120 ASN B C   1 
ATOM   1673 O O   . ASN B 1 120 ? 2.657   -16.823 -7.197  1.00 27.58 ? 120 ASN B O   1 
ATOM   1674 C CB  . ASN B 1 120 ? 2.073   -15.346 -4.891  1.00 31.93 ? 120 ASN B CB  1 
ATOM   1675 C CG  . ASN B 1 120 ? 3.357   -15.059 -4.159  1.00 33.47 ? 120 ASN B CG  1 
ATOM   1676 O OD1 . ASN B 1 120 ? 4.433   -14.886 -4.741  1.00 33.07 ? 120 ASN B OD1 1 
ATOM   1677 N ND2 . ASN B 1 120 ? 3.176   -15.027 -2.833  1.00 34.02 ? 120 ASN B ND2 1 
ATOM   1678 N N   . ILE B 1 121 ? 3.284   -14.995 -8.313  1.00 29.11 ? 121 ILE B N   1 
ATOM   1679 C CA  . ILE B 1 121 ? 3.925   -15.749 -9.375  1.00 28.75 ? 121 ILE B CA  1 
ATOM   1680 C C   . ILE B 1 121 ? 5.436   -15.725 -9.177  1.00 31.92 ? 121 ILE B C   1 
ATOM   1681 O O   . ILE B 1 121 ? 6.094   -14.703 -9.337  1.00 31.87 ? 121 ILE B O   1 
ATOM   1682 C CB  . ILE B 1 121 ? 3.422   -15.114 -10.681 1.00 24.64 ? 121 ILE B CB  1 
ATOM   1683 C CG1 . ILE B 1 121 ? 1.893   -15.282 -10.714 1.00 21.46 ? 121 ILE B CG1 1 
ATOM   1684 C CG2 . ILE B 1 121 ? 4.095   -15.739 -11.887 1.00 21.76 ? 121 ILE B CG2 1 
ATOM   1685 C CD1 . ILE B 1 121 ? 1.164   -14.521 -11.800 1.00 19.10 ? 121 ILE B CD1 1 
ATOM   1686 N N   . ILE B 1 122 ? 5.934   -16.917 -8.800  1.00 37.79 ? 122 ILE B N   1 
ATOM   1687 C CA  . ILE B 1 122 ? 7.308   -17.197 -8.363  1.00 42.24 ? 122 ILE B CA  1 
ATOM   1688 C C   . ILE B 1 122 ? 8.254   -17.432 -9.539  1.00 45.02 ? 122 ILE B C   1 
ATOM   1689 O O   . ILE B 1 122 ? 7.964   -18.226 -10.431 1.00 44.72 ? 122 ILE B O   1 
ATOM   1690 C CB  . ILE B 1 122 ? 7.304   -18.436 -7.370  1.00 42.50 ? 122 ILE B CB  1 
ATOM   1691 C CG1 . ILE B 1 122 ? 6.070   -18.473 -6.390  1.00 42.98 ? 122 ILE B CG1 1 
ATOM   1692 C CG2 . ILE B 1 122 ? 8.550   -18.365 -6.478  1.00 42.85 ? 122 ILE B CG2 1 
ATOM   1693 C CD1 . ILE B 1 122 ? 6.181   -18.841 -4.883  1.00 40.68 ? 122 ILE B CD1 1 
ATOM   1694 N N   . PHE B 1 123 ? 9.395   -16.721 -9.558  1.00 49.94 ? 123 PHE B N   1 
ATOM   1695 C CA  . PHE B 1 123 ? 10.374  -16.783 -10.654 1.00 54.44 ? 123 PHE B CA  1 
ATOM   1696 C C   . PHE B 1 123 ? 11.651  -17.567 -10.350 1.00 54.16 ? 123 PHE B C   1 
ATOM   1697 O O   . PHE B 1 123 ? 12.756  -17.031 -10.172 1.00 53.48 ? 123 PHE B O   1 
ATOM   1698 C CB  . PHE B 1 123 ? 10.755  -15.354 -11.077 1.00 53.48 ? 123 PHE B CB  1 
ATOM   1699 C CG  . PHE B 1 123 ? 9.542   -14.531 -11.457 1.00 53.14 ? 123 PHE B CG  1 
ATOM   1700 C CD1 . PHE B 1 123 ? 8.540   -15.090 -12.224 1.00 53.11 ? 123 PHE B CD1 1 
ATOM   1701 C CD2 . PHE B 1 123 ? 9.446   -13.236 -11.019 1.00 53.04 ? 123 PHE B CD2 1 
ATOM   1702 C CE1 . PHE B 1 123 ? 7.427   -14.365 -12.543 1.00 52.29 ? 123 PHE B CE1 1 
ATOM   1703 C CE2 . PHE B 1 123 ? 8.327   -12.519 -11.342 1.00 53.54 ? 123 PHE B CE2 1 
ATOM   1704 C CZ  . PHE B 1 123 ? 7.327   -13.076 -12.101 1.00 53.47 ? 123 PHE B CZ  1 
ATOM   1705 N N   . LEU B 1 124 ? 11.427  -18.892 -10.325 1.00 52.34 ? 124 LEU B N   1 
ATOM   1706 C CA  . LEU B 1 124 ? 12.429  -19.903 -10.010 1.00 53.23 ? 124 LEU B CA  1 
ATOM   1707 C C   . LEU B 1 124 ? 11.932  -21.325 -10.309 1.00 55.62 ? 124 LEU B C   1 
ATOM   1708 O O   . LEU B 1 124 ? 10.793  -21.536 -10.739 1.00 56.03 ? 124 LEU B O   1 
ATOM   1709 C CB  . LEU B 1 124 ? 12.813  -19.769 -8.524  1.00 56.19 ? 124 LEU B CB  1 
ATOM   1710 C CG  . LEU B 1 124 ? 11.720  -19.660 -7.440  1.00 57.17 ? 124 LEU B CG  1 
ATOM   1711 C CD1 . LEU B 1 124 ? 11.164  -21.031 -7.060  1.00 57.12 ? 124 LEU B CD1 1 
ATOM   1712 C CD2 . LEU B 1 124 ? 12.329  -19.017 -6.199  1.00 57.26 ? 124 LEU B CD2 1 
ATOM   1713 N N   . SER B 1 125 ? 12.819  -22.309 -10.050 1.00 53.69 ? 125 SER B N   1 
ATOM   1714 C CA  . SER B 1 125 ? 12.593  -23.752 -10.201 1.00 53.64 ? 125 SER B CA  1 
ATOM   1715 C C   . SER B 1 125 ? 13.490  -24.562 -9.256  1.00 53.93 ? 125 SER B C   1 
ATOM   1716 O O   . SER B 1 125 ? 14.655  -24.248 -8.993  1.00 54.20 ? 125 SER B O   1 
ATOM   1717 C CB  . SER B 1 125 ? 12.876  -24.188 -11.644 1.00 53.90 ? 125 SER B CB  1 
ATOM   1718 O OG  . SER B 1 125 ? 12.798  -25.588 -11.881 1.00 54.31 ? 125 SER B OG  1 
HETATM 1719 O O   . HOH C 2 .   ? -3.574  6.428   5.596   0.83 22.60 ? 133 HOH A O   1 
HETATM 1720 O O   . HOH C 2 .   ? -6.542  23.916  1.638   0.68 19.60 ? 134 HOH A O   1 
HETATM 1721 O O   . HOH C 2 .   ? 3.405   11.084  3.443   0.69 47.18 ? 135 HOH A O   1 
HETATM 1722 O O   . HOH C 2 .   ? -20.596 8.520   -8.005  0.51 24.02 ? 136 HOH A O   1 
HETATM 1723 O O   . HOH C 2 .   ? 0.471   3.875   -12.433 0.59 5.27  ? 137 HOH A O   1 
HETATM 1724 O O   . HOH C 2 .   ? -9.380  12.520  -15.679 0.59 15.75 ? 138 HOH A O   1 
HETATM 1725 O O   . HOH C 2 .   ? -7.225  10.371  -16.592 0.59 8.85  ? 139 HOH A O   1 
HETATM 1726 O O   . HOH C 2 .   ? 1.028   7.756   10.868  0.54 22.56 ? 140 HOH A O   1 
HETATM 1727 O O   . HOH C 2 .   ? -17.129 9.841   1.983   0.60 14.92 ? 141 HOH A O   1 
HETATM 1728 O O   . HOH C 2 .   ? 4.928   29.034  5.119   0.63 55.63 ? 142 HOH A O   1 
HETATM 1729 O O   . HOH C 2 .   ? 6.904   10.277  16.096  0.60 28.07 ? 143 HOH A O   1 
HETATM 1730 O O   . HOH C 2 .   ? 4.011   12.579  -8.186  0.59 20.06 ? 144 HOH A O   1 
HETATM 1731 O O   . HOH C 2 .   ? -10.750 -4.471  -1.100  0.60 26.67 ? 145 HOH A O   1 
HETATM 1732 O O   . HOH C 2 .   ? 17.839  -1.314  -10.682 0.58 27.48 ? 146 HOH A O   1 
HETATM 1733 O O   . HOH C 2 .   ? 13.038  -6.742  -9.746  0.48 13.48 ? 147 HOH A O   1 
HETATM 1734 O O   . HOH C 2 .   ? 16.031  -9.096  -17.687 0.54 11.41 ? 148 HOH A O   1 
HETATM 1735 O O   . HOH C 2 .   ? 6.041   -4.021  9.181   0.60 23.49 ? 149 HOH A O   1 
HETATM 1736 O O   . HOH C 2 .   ? -6.815  -5.951  9.636   0.60 49.52 ? 150 HOH A O   1 
HETATM 1737 O O   . HOH C 2 .   ? 19.280  -6.524  -8.576  0.58 21.68 ? 151 HOH A O   1 
HETATM 1738 O O   . HOH D 2 .   ? -7.363  -3.620  3.358   0.60 15.54 ? 133 HOH B O   1 
HETATM 1739 O O   . HOH D 2 .   ? -15.665 -6.884  -4.886  0.60 25.15 ? 134 HOH B O   1 
HETATM 1740 O O   . HOH D 2 .   ? -9.774  -5.114  -4.663  0.55 18.94 ? 135 HOH B O   1 
HETATM 1741 O O   . HOH D 2 .   ? -14.578 -4.686  -6.520  0.55 2.00  ? 136 HOH B O   1 
HETATM 1742 O O   . HOH D 2 .   ? -3.542  -13.666 1.875   0.55 2.00  ? 137 HOH B O   1 
HETATM 1743 O O   . HOH D 2 .   ? 9.557   1.594   -5.713  0.54 3.90  ? 138 HOH B O   1 
HETATM 1744 O O   . HOH D 2 .   ? 0.642   -5.547  -13.115 0.55 12.41 ? 139 HOH B O   1 
HETATM 1745 O O   . HOH D 2 .   ? 18.277  6.637   -1.323  0.59 29.53 ? 140 HOH B O   1 
HETATM 1746 O O   . HOH D 2 .   ? 10.562  1.306   2.731   0.63 10.49 ? 141 HOH B O   1 
HETATM 1747 O O   . HOH D 2 .   ? -1.484  -5.636  9.957   0.60 15.24 ? 142 HOH B O   1 
HETATM 1748 O O   . HOH D 2 .   ? 1.722   -20.167 11.337  0.60 12.30 ? 143 HOH B O   1 
HETATM 1749 O O   . HOH D 2 .   ? 4.863   -19.484 -10.530 0.60 26.27 ? 144 HOH B O   1 
HETATM 1750 O O   . HOH D 2 .   ? 15.505  -21.545 -11.066 0.54 25.61 ? 145 HOH B O   1 
HETATM 1751 O O   . HOH D 2 .   ? 9.270   -13.331 17.068  0.54 35.54 ? 146 HOH B O   1 
HETATM 1752 O O   . HOH D 2 .   ? 4.730   -24.154 5.726   0.54 2.59  ? 147 HOH B O   1 
HETATM 1753 O O   . HOH D 2 .   ? -3.432  2.434   25.020  0.48 14.00 ? 148 HOH B O   1 
HETATM 1754 O O   . HOH D 2 .   ? 16.264  3.433   1.741   0.63 22.51 ? 149 HOH B O   1 
HETATM 1755 O O   . HOH D 2 .   ? 11.193  4.800   -5.364  0.59 32.82 ? 150 HOH B O   1 
HETATM 1756 O O   . HOH D 2 .   ? 0.409   -9.119  9.468   0.60 25.58 ? 151 HOH B O   1 
# 
